data_5LV0
#
_entry.id   5LV0
#
_cell.length_a   131.341
_cell.length_b   131.341
_cell.length_c   195.979
_cell.angle_alpha   90.00
_cell.angle_beta   90.00
_cell.angle_gamma   90.00
#
_symmetry.space_group_name_H-M   'P 43 21 2'
#
loop_
_entity.id
_entity.type
_entity.pdbx_description
1 polymer 'Neurolysin, mitochondrial'
2 polymer 'GLY-VAL-VAL amyloid 35-40 fragment'
3 non-polymer 'ZINC ION'
4 non-polymer 'CHLORIDE ION'
5 water water
#
loop_
_entity_poly.entity_id
_entity_poly.type
_entity_poly.pdbx_seq_one_letter_code
_entity_poly.pdbx_strand_id
1 'polypeptide(L)'
;MGSSHHHHHHSSGLVPRGSSSYTVAGRNVLRWDLSPEQIKTRTEELIVQTKQVYDAVGMLGIEEVTYENCLQALADVEVK
YIVERTMLDFPQHVSSDKEVRAASTEADKRLSRFDIEMSMRGDIFERIVHLQETCDLGKIKPEARRYLEKSIKMGKRNGL
HLPEQVQNEIKSMKKRMSELCIDFNKNLNEDDTFLVFSKAELGALPDDFIDSLEKTDDDKYKITLKYPHYFPVMKKCCIP
ETRRRMEMAFNTRCKEENTIILQQLLPLRTKVAKLLGYSTHADFVLEMNTAKSTSRVTAFLDDLSQKLKPLGEAEREFIL
NLKKKECKDRGFEYDGKINAWDLYYYMTQTEELKYSIDQEFLKEYFPIEVVTEGLLNTYQELLGLSFEQMTDAHVWNKSV
TLYTVKDKATGEVLGQFYLDLYPREGKYNHAACFGLQPGCLLPDGSRMMAVAALVVNFSQPVAGRPSLLRHDEVRTYFHQ
FGHVMHQICAQTDFARFSGTNVETDFVEVPSQMLENWVWDVDSLRRLSKHYKDGSPIADDLLEKLVASRLVNTGLLTLRQ
IVLSKVDQSLHTNTSLDAASEYAKYCSEILGVAATPGTNMPATFGHLAGGYDGQYYGYLWSEVFSMDMFYSCFKKEGIMN
PEVGMKYRNLILKPGGSLDGMDMLHNFLKREPNQKAFLMSRGLHAP
;
A,B
2 'polypeptide(L)' MVGGVV C,D
#
loop_
_chem_comp.id
_chem_comp.type
_chem_comp.name
_chem_comp.formula
CL non-polymer 'CHLORIDE ION' 'Cl -1'
ZN non-polymer 'ZINC ION' 'Zn 2'
#
# COMPACT_ATOMS: atom_id res chain seq x y z
N SER A 20 20.15 -19.29 -38.03
CA SER A 20 21.32 -20.21 -37.90
C SER A 20 22.14 -19.92 -36.64
N SER A 21 22.86 -20.95 -36.16
CA SER A 21 23.71 -20.84 -34.97
C SER A 21 25.13 -20.33 -35.27
N TYR A 22 25.44 -20.01 -36.54
CA TYR A 22 26.76 -19.49 -36.94
C TYR A 22 26.72 -18.03 -37.47
N THR A 23 25.61 -17.33 -37.24
CA THR A 23 25.41 -15.98 -37.77
C THR A 23 24.97 -14.99 -36.65
N VAL A 24 25.00 -13.70 -36.99
CA VAL A 24 24.62 -12.62 -36.05
C VAL A 24 23.30 -11.96 -36.43
N ALA A 25 23.14 -11.62 -37.72
CA ALA A 25 21.99 -10.85 -38.22
C ALA A 25 20.63 -11.47 -37.90
N GLY A 26 19.72 -10.63 -37.41
CA GLY A 26 18.35 -11.03 -37.09
C GLY A 26 18.13 -11.69 -35.73
N ARG A 27 19.21 -11.95 -35.00
CA ARG A 27 19.16 -12.71 -33.74
C ARG A 27 19.03 -11.82 -32.50
N ASN A 28 19.37 -10.53 -32.61
CA ASN A 28 19.08 -9.56 -31.56
C ASN A 28 17.76 -8.85 -31.88
N VAL A 29 16.69 -9.33 -31.26
CA VAL A 29 15.33 -8.82 -31.48
C VAL A 29 15.06 -7.53 -30.68
N LEU A 30 15.99 -7.13 -29.82
CA LEU A 30 15.74 -6.04 -28.87
C LEU A 30 15.78 -4.66 -29.51
N ARG A 31 14.89 -3.77 -29.05
CA ARG A 31 14.79 -2.39 -29.53
C ARG A 31 14.60 -1.46 -28.34
N TRP A 32 15.30 -0.33 -28.36
CA TRP A 32 15.20 0.72 -27.34
C TRP A 32 14.68 2.05 -27.92
N ASP A 33 13.87 1.95 -28.98
CA ASP A 33 13.16 3.10 -29.58
C ASP A 33 11.99 3.60 -28.74
N LEU A 34 11.48 2.75 -27.85
CA LEU A 34 10.07 2.77 -27.47
C LEU A 34 9.57 4.05 -26.78
N SER A 35 8.44 4.56 -27.27
CA SER A 35 7.73 5.69 -26.67
C SER A 35 6.99 5.20 -25.43
N PRO A 36 6.67 6.11 -24.48
CA PRO A 36 5.83 5.71 -23.33
C PRO A 36 4.53 4.99 -23.72
N GLU A 37 3.86 5.47 -24.77
CA GLU A 37 2.63 4.82 -25.28
C GLU A 37 2.91 3.42 -25.81
N GLN A 38 4.04 3.27 -26.51
CA GLN A 38 4.44 1.98 -27.09
C GLN A 38 4.74 0.89 -26.05
N ILE A 39 5.30 1.29 -24.91
CA ILE A 39 5.56 0.36 -23.80
C ILE A 39 4.25 -0.11 -23.20
N LYS A 40 3.35 0.82 -22.92
CA LYS A 40 2.05 0.53 -22.31
C LYS A 40 1.20 -0.39 -23.19
N THR A 41 1.08 -0.03 -24.46
CA THR A 41 0.32 -0.85 -25.43
C THR A 41 0.90 -2.25 -25.66
N ARG A 42 2.24 -2.36 -25.67
CA ARG A 42 2.90 -3.66 -25.84
C ARG A 42 2.84 -4.53 -24.59
N THR A 43 2.80 -3.91 -23.42
CA THR A 43 2.56 -4.61 -22.17
C THR A 43 1.23 -5.36 -22.22
N GLU A 44 0.17 -4.67 -22.64
CA GLU A 44 -1.16 -5.28 -22.77
C GLU A 44 -1.21 -6.33 -23.89
N GLU A 45 -0.60 -6.01 -25.04
CA GLU A 45 -0.51 -6.99 -26.15
C GLU A 45 0.20 -8.27 -25.71
N LEU A 46 1.35 -8.12 -25.07
CA LEU A 46 2.11 -9.25 -24.53
C LEU A 46 1.29 -10.12 -23.55
N ILE A 47 0.46 -9.47 -22.72
CA ILE A 47 -0.43 -10.19 -21.80
C ILE A 47 -1.51 -10.94 -22.58
N VAL A 48 -2.08 -10.33 -23.61
CA VAL A 48 -3.08 -11.00 -24.46
C VAL A 48 -2.48 -12.25 -25.09
N GLN A 49 -1.29 -12.10 -25.68
CA GLN A 49 -0.64 -13.19 -26.45
C GLN A 49 -0.21 -14.35 -25.53
N THR A 50 0.37 -14.01 -24.39
CA THR A 50 0.89 -14.99 -23.45
C THR A 50 -0.25 -15.76 -22.74
N LYS A 51 -1.26 -15.03 -22.27
CA LYS A 51 -2.42 -15.65 -21.60
C LYS A 51 -3.19 -16.62 -22.51
N GLN A 52 -3.20 -16.31 -23.81
CA GLN A 52 -3.81 -17.18 -24.83
C GLN A 52 -3.25 -18.60 -24.81
N VAL A 53 -1.95 -18.71 -24.57
CA VAL A 53 -1.27 -20.01 -24.50
C VAL A 53 -1.65 -20.74 -23.22
N TYR A 54 -1.58 -20.06 -22.08
CA TYR A 54 -1.98 -20.65 -20.79
C TYR A 54 -3.47 -21.07 -20.79
N ASP A 55 -4.32 -20.25 -21.41
CA ASP A 55 -5.74 -20.62 -21.63
C ASP A 55 -5.90 -21.87 -22.50
N ALA A 56 -5.10 -21.96 -23.57
CA ALA A 56 -5.12 -23.13 -24.44
C ALA A 56 -4.74 -24.40 -23.70
N VAL A 57 -3.69 -24.32 -22.88
CA VAL A 57 -3.22 -25.47 -22.11
C VAL A 57 -4.23 -25.85 -21.01
N GLY A 58 -4.78 -24.83 -20.33
CA GLY A 58 -5.80 -25.03 -19.30
C GLY A 58 -7.13 -25.59 -19.80
N MET A 59 -7.52 -25.19 -21.01
CA MET A 59 -8.73 -25.71 -21.68
C MET A 59 -8.63 -27.20 -22.05
N LEU A 60 -7.42 -27.70 -22.27
CA LEU A 60 -7.21 -29.13 -22.59
C LEU A 60 -7.75 -30.02 -21.48
N GLY A 61 -8.40 -31.12 -21.87
CA GLY A 61 -8.87 -32.12 -20.92
C GLY A 61 -7.69 -32.83 -20.30
N ILE A 62 -7.87 -33.29 -19.06
CA ILE A 62 -6.80 -33.92 -18.28
C ILE A 62 -6.21 -35.13 -19.02
N GLU A 63 -7.07 -35.91 -19.68
CA GLU A 63 -6.64 -37.09 -20.45
C GLU A 63 -5.89 -36.72 -21.74
N GLU A 64 -6.22 -35.56 -22.31
CA GLU A 64 -5.71 -35.14 -23.62
C GLU A 64 -4.30 -34.53 -23.60
N VAL A 65 -3.78 -34.16 -22.43
CA VAL A 65 -2.50 -33.46 -22.35
C VAL A 65 -1.31 -34.35 -22.69
N THR A 66 -0.35 -33.76 -23.39
CA THR A 66 0.86 -34.46 -23.82
C THR A 66 2.06 -33.48 -23.84
N TYR A 67 3.23 -33.99 -24.16
CA TYR A 67 4.46 -33.18 -24.24
C TYR A 67 4.30 -31.97 -25.17
N GLU A 68 3.78 -32.20 -26.37
CA GLU A 68 3.73 -31.16 -27.42
C GLU A 68 2.74 -30.02 -27.13
N ASN A 69 1.62 -30.34 -26.50
CA ASN A 69 0.53 -29.37 -26.30
C ASN A 69 0.48 -28.76 -24.89
N CYS A 70 1.25 -29.30 -23.94
CA CYS A 70 1.28 -28.80 -22.57
C CYS A 70 2.68 -28.32 -22.17
N LEU A 71 3.64 -29.24 -22.11
CA LEU A 71 5.01 -28.91 -21.69
C LEU A 71 5.71 -27.99 -22.69
N GLN A 72 5.68 -28.38 -23.96
CA GLN A 72 6.32 -27.61 -25.03
C GLN A 72 5.67 -26.25 -25.22
N ALA A 73 4.33 -26.22 -25.20
CA ALA A 73 3.55 -24.97 -25.36
C ALA A 73 3.89 -23.90 -24.32
N LEU A 74 4.05 -24.33 -23.06
CA LEU A 74 4.42 -23.43 -21.97
C LEU A 74 5.86 -22.95 -22.09
N ALA A 75 6.77 -23.85 -22.45
CA ALA A 75 8.19 -23.53 -22.62
C ALA A 75 8.45 -22.61 -23.81
N ASP A 76 7.69 -22.79 -24.89
CA ASP A 76 7.76 -21.92 -26.07
C ASP A 76 7.37 -20.49 -25.72
N VAL A 77 6.22 -20.33 -25.06
CA VAL A 77 5.71 -19.00 -24.67
C VAL A 77 6.57 -18.33 -23.59
N GLU A 78 7.18 -19.12 -22.70
CA GLU A 78 8.15 -18.58 -21.73
C GLU A 78 9.32 -17.86 -22.41
N VAL A 79 9.78 -18.40 -23.55
CA VAL A 79 10.86 -17.77 -24.32
C VAL A 79 10.35 -16.45 -24.92
N LYS A 80 9.21 -16.52 -25.62
CA LYS A 80 8.55 -15.35 -26.24
C LYS A 80 8.21 -14.26 -25.22
N TYR A 81 7.81 -14.67 -24.01
CA TYR A 81 7.45 -13.73 -22.95
C TYR A 81 8.67 -13.00 -22.40
N ILE A 82 9.69 -13.78 -22.01
CA ILE A 82 10.88 -13.24 -21.37
C ILE A 82 11.62 -12.23 -22.26
N VAL A 83 11.64 -12.49 -23.58
CA VAL A 83 12.34 -11.63 -24.54
C VAL A 83 11.61 -10.29 -24.74
N GLU A 84 10.29 -10.35 -24.93
CA GLU A 84 9.46 -9.14 -25.06
C GLU A 84 9.46 -8.35 -23.74
N ARG A 85 9.43 -9.07 -22.62
CA ARG A 85 9.37 -8.44 -21.30
C ARG A 85 10.57 -7.53 -21.03
N THR A 86 11.76 -7.91 -21.50
CA THR A 86 12.97 -7.13 -21.24
C THR A 86 13.07 -5.87 -22.10
N MET A 87 12.32 -5.79 -23.19
CA MET A 87 12.15 -4.50 -23.91
C MET A 87 11.28 -3.53 -23.10
N LEU A 88 10.43 -4.07 -22.22
CA LEU A 88 9.48 -3.30 -21.42
C LEU A 88 9.98 -2.97 -20.01
N ASP A 89 10.59 -3.96 -19.33
CA ASP A 89 11.04 -3.77 -17.94
C ASP A 89 12.48 -3.27 -17.77
N PHE A 90 13.30 -3.32 -18.82
CA PHE A 90 14.70 -2.83 -18.75
C PHE A 90 14.90 -1.31 -18.89
N PRO A 91 14.10 -0.61 -19.74
CA PRO A 91 14.26 0.86 -19.88
C PRO A 91 14.13 1.72 -18.61
N GLN A 92 13.51 1.20 -17.54
CA GLN A 92 13.49 1.90 -16.25
C GLN A 92 14.89 2.08 -15.63
N HIS A 93 15.84 1.20 -16.01
CA HIS A 93 17.20 1.20 -15.47
C HIS A 93 18.21 2.02 -16.27
N VAL A 94 17.96 2.26 -17.56
CA VAL A 94 18.97 2.87 -18.45
C VAL A 94 18.57 4.06 -19.33
N SER A 95 17.27 4.27 -19.57
CA SER A 95 16.83 5.37 -20.43
C SER A 95 17.06 6.75 -19.78
N SER A 96 17.45 7.72 -20.59
CA SER A 96 17.62 9.10 -20.16
C SER A 96 16.28 9.85 -20.07
N ASP A 97 15.26 9.31 -20.73
CA ASP A 97 13.90 9.87 -20.73
C ASP A 97 13.15 9.44 -19.46
N LYS A 98 12.81 10.40 -18.61
CA LYS A 98 12.10 10.17 -17.34
C LYS A 98 10.75 9.49 -17.52
N GLU A 99 10.01 9.90 -18.56
CA GLU A 99 8.69 9.34 -18.87
C GLU A 99 8.76 7.88 -19.34
N VAL A 100 9.82 7.54 -20.09
CA VAL A 100 10.05 6.15 -20.52
C VAL A 100 10.42 5.28 -19.30
N ARG A 101 11.18 5.83 -18.36
CA ARG A 101 11.49 5.11 -17.12
C ARG A 101 10.24 4.79 -16.29
N ALA A 102 9.34 5.76 -16.16
CA ALA A 102 8.09 5.58 -15.41
C ALA A 102 7.14 4.59 -16.09
N ALA A 103 7.09 4.64 -17.42
CA ALA A 103 6.28 3.69 -18.21
C ALA A 103 6.83 2.27 -18.09
N SER A 104 8.15 2.15 -18.16
CA SER A 104 8.83 0.88 -17.93
C SER A 104 8.63 0.37 -16.50
N THR A 105 8.66 1.27 -15.51
CA THR A 105 8.38 0.91 -14.13
C THR A 105 6.95 0.39 -13.98
N GLU A 106 5.98 1.13 -14.52
CA GLU A 106 4.57 0.74 -14.44
C GLU A 106 4.29 -0.53 -15.24
N ALA A 107 4.99 -0.72 -16.35
CA ALA A 107 4.96 -1.98 -17.10
C ALA A 107 5.48 -3.13 -16.25
N ASP A 108 6.61 -2.91 -15.58
CA ASP A 108 7.22 -3.92 -14.70
C ASP A 108 6.29 -4.33 -13.55
N LYS A 109 5.62 -3.36 -12.94
CA LYS A 109 4.61 -3.66 -11.91
C LYS A 109 3.43 -4.46 -12.46
N ARG A 110 2.94 -4.09 -13.63
CA ARG A 110 1.82 -4.78 -14.28
C ARG A 110 2.20 -6.22 -14.63
N LEU A 111 3.33 -6.39 -15.29
CA LEU A 111 3.80 -7.70 -15.73
C LEU A 111 4.13 -8.64 -14.56
N SER A 112 4.60 -8.06 -13.45
CA SER A 112 4.82 -8.83 -12.22
C SER A 112 3.52 -9.33 -11.61
N ARG A 113 2.46 -8.51 -11.68
CA ARG A 113 1.12 -8.98 -11.30
C ARG A 113 0.60 -10.03 -12.29
N PHE A 114 0.92 -9.86 -13.58
CA PHE A 114 0.59 -10.89 -14.57
C PHE A 114 1.30 -12.22 -14.30
N ASP A 115 2.59 -12.16 -13.97
CA ASP A 115 3.36 -13.38 -13.64
C ASP A 115 2.74 -14.14 -12.48
N ILE A 116 2.32 -13.41 -11.46
CA ILE A 116 1.72 -13.99 -10.27
C ILE A 116 0.41 -14.72 -10.64
N GLU A 117 -0.36 -14.13 -11.56
CA GLU A 117 -1.61 -14.75 -12.01
C GLU A 117 -1.40 -16.08 -12.74
N MET A 118 -0.44 -16.11 -13.67
CA MET A 118 -0.14 -17.30 -14.45
C MET A 118 0.54 -18.38 -13.62
N SER A 119 1.44 -17.97 -12.72
CA SER A 119 2.12 -18.91 -11.82
C SER A 119 1.15 -19.65 -10.90
N MET A 120 0.04 -18.98 -10.56
CA MET A 120 -0.95 -19.51 -9.62
C MET A 120 -2.21 -20.12 -10.25
N ARG A 121 -2.12 -20.58 -11.50
CA ARG A 121 -3.26 -21.22 -12.14
C ARG A 121 -3.29 -22.70 -11.78
N GLY A 122 -4.34 -23.11 -11.07
CA GLY A 122 -4.53 -24.48 -10.65
C GLY A 122 -4.78 -25.47 -11.78
N ASP A 123 -5.42 -25.01 -12.86
CA ASP A 123 -5.65 -25.88 -14.04
C ASP A 123 -4.35 -26.29 -14.74
N ILE A 124 -3.39 -25.38 -14.84
CA ILE A 124 -2.07 -25.69 -15.43
C ILE A 124 -1.29 -26.64 -14.52
N PHE A 125 -1.27 -26.32 -13.22
CA PHE A 125 -0.59 -27.15 -12.21
C PHE A 125 -1.18 -28.57 -12.13
N GLU A 126 -2.50 -28.67 -12.25
CA GLU A 126 -3.20 -29.97 -12.29
C GLU A 126 -2.71 -30.83 -13.46
N ARG A 127 -2.58 -30.20 -14.64
CA ARG A 127 -2.14 -30.89 -15.87
C ARG A 127 -0.64 -31.22 -15.94
N ILE A 128 0.19 -30.39 -15.31
CA ILE A 128 1.64 -30.66 -15.20
C ILE A 128 1.92 -31.86 -14.31
N VAL A 129 1.19 -31.97 -13.20
CA VAL A 129 1.31 -33.11 -12.27
C VAL A 129 0.87 -34.40 -12.96
N HIS A 130 -0.24 -34.34 -13.69
CA HIS A 130 -0.77 -35.49 -14.41
C HIS A 130 0.19 -35.96 -15.50
N LEU A 131 0.85 -35.01 -16.16
CA LEU A 131 1.85 -35.34 -17.18
C LEU A 131 3.03 -36.08 -16.56
N GLN A 132 3.47 -35.71 -15.35
CA GLN A 132 4.59 -36.40 -14.69
C GLN A 132 4.29 -37.86 -14.32
N GLU A 133 3.10 -38.12 -13.80
CA GLU A 133 2.70 -39.49 -13.43
C GLU A 133 2.54 -40.42 -14.64
N THR A 134 1.89 -39.90 -15.69
CA THR A 134 1.54 -40.70 -16.88
C THR A 134 2.61 -40.75 -17.99
N CYS A 135 3.32 -39.64 -18.21
CA CYS A 135 4.38 -39.58 -19.23
C CYS A 135 5.54 -40.49 -18.85
N ASP A 136 6.12 -41.16 -19.85
CA ASP A 136 7.34 -41.96 -19.68
C ASP A 136 8.50 -40.98 -19.51
N LEU A 137 8.94 -40.81 -18.27
CA LEU A 137 9.98 -39.83 -17.93
C LEU A 137 11.37 -40.21 -18.45
N GLY A 138 11.61 -41.49 -18.73
CA GLY A 138 12.86 -41.94 -19.33
C GLY A 138 13.09 -41.57 -20.79
N LYS A 139 12.01 -41.26 -21.52
CA LYS A 139 12.08 -40.90 -22.96
C LYS A 139 12.39 -39.41 -23.22
N ILE A 140 11.91 -38.54 -22.33
CA ILE A 140 12.24 -37.09 -22.37
C ILE A 140 13.67 -36.82 -21.90
N LYS A 141 14.24 -35.69 -22.32
CA LYS A 141 15.61 -35.29 -21.98
C LYS A 141 15.75 -35.01 -20.46
N PRO A 142 16.99 -35.07 -19.92
CA PRO A 142 17.15 -34.81 -18.47
C PRO A 142 16.68 -33.41 -18.02
N GLU A 143 16.90 -32.41 -18.87
CA GLU A 143 16.45 -31.04 -18.60
C GLU A 143 14.92 -30.88 -18.70
N ALA A 144 14.27 -31.74 -19.49
CA ALA A 144 12.81 -31.79 -19.54
C ALA A 144 12.22 -32.34 -18.23
N ARG A 145 12.83 -33.40 -17.69
CA ARG A 145 12.49 -33.90 -16.35
C ARG A 145 12.67 -32.83 -15.27
N ARG A 146 13.71 -32.01 -15.42
CA ARG A 146 13.99 -30.91 -14.50
C ARG A 146 12.93 -29.81 -14.60
N TYR A 147 12.62 -29.38 -15.83
CA TYR A 147 11.52 -28.42 -16.07
C TYR A 147 10.24 -28.88 -15.39
N LEU A 148 9.95 -30.17 -15.50
CA LEU A 148 8.74 -30.76 -14.94
C LEU A 148 8.79 -30.81 -13.41
N GLU A 149 9.92 -31.24 -12.85
CA GLU A 149 10.11 -31.29 -11.39
C GLU A 149 10.11 -29.91 -10.75
N LYS A 150 10.74 -28.94 -11.40
CA LYS A 150 10.78 -27.55 -10.90
C LYS A 150 9.44 -26.85 -11.04
N SER A 151 8.72 -27.09 -12.13
CA SER A 151 7.38 -26.51 -12.32
C SER A 151 6.40 -26.96 -11.24
N ILE A 152 6.47 -28.24 -10.86
CA ILE A 152 5.65 -28.78 -9.77
C ILE A 152 6.08 -28.20 -8.42
N LYS A 153 7.39 -28.12 -8.21
CA LYS A 153 7.96 -27.54 -7.00
C LYS A 153 7.47 -26.09 -6.81
N MET A 154 7.53 -25.30 -7.88
CA MET A 154 7.01 -23.93 -7.89
C MET A 154 5.53 -23.90 -7.53
N GLY A 155 4.75 -24.78 -8.15
CA GLY A 155 3.32 -24.92 -7.87
C GLY A 155 3.02 -25.09 -6.39
N LYS A 156 3.74 -26.00 -5.74
CA LYS A 156 3.62 -26.22 -4.29
C LYS A 156 4.13 -25.05 -3.45
N ARG A 157 5.18 -24.38 -3.94
CA ARG A 157 5.69 -23.17 -3.30
C ARG A 157 4.78 -21.95 -3.49
N ASN A 158 3.89 -22.00 -4.48
CA ASN A 158 2.82 -21.00 -4.66
C ASN A 158 1.48 -21.40 -3.99
N GLY A 159 1.47 -22.50 -3.24
CA GLY A 159 0.31 -22.91 -2.45
C GLY A 159 -0.84 -23.57 -3.21
N LEU A 160 -0.58 -24.08 -4.41
CA LEU A 160 -1.65 -24.63 -5.27
C LEU A 160 -2.20 -25.97 -4.79
N HIS A 161 -1.49 -26.62 -3.87
CA HIS A 161 -2.02 -27.75 -3.10
C HIS A 161 -3.03 -27.36 -2.00
N LEU A 162 -3.08 -26.08 -1.62
CA LEU A 162 -3.95 -25.60 -0.52
C LEU A 162 -5.36 -25.23 -1.02
N PRO A 163 -6.30 -24.98 -0.09
CA PRO A 163 -7.64 -24.54 -0.52
C PRO A 163 -7.64 -23.20 -1.28
N GLU A 164 -8.60 -23.03 -2.18
CA GLU A 164 -8.72 -21.84 -3.02
C GLU A 164 -8.78 -20.51 -2.26
N GLN A 165 -9.47 -20.50 -1.11
CA GLN A 165 -9.52 -19.29 -0.27
C GLN A 165 -8.16 -18.89 0.31
N VAL A 166 -7.29 -19.87 0.53
CA VAL A 166 -5.92 -19.62 0.97
C VAL A 166 -5.07 -19.16 -0.22
N GLN A 167 -5.25 -19.82 -1.37
CA GLN A 167 -4.56 -19.41 -2.61
C GLN A 167 -4.78 -17.95 -2.94
N ASN A 168 -6.03 -17.49 -2.83
CA ASN A 168 -6.39 -16.10 -3.11
C ASN A 168 -5.72 -15.13 -2.15
N GLU A 169 -5.68 -15.49 -0.87
CA GLU A 169 -4.96 -14.68 0.12
C GLU A 169 -3.47 -14.57 -0.21
N ILE A 170 -2.87 -15.70 -0.57
CA ILE A 170 -1.46 -15.76 -0.95
C ILE A 170 -1.20 -14.86 -2.17
N LYS A 171 -2.09 -14.98 -3.17
CA LYS A 171 -2.04 -14.13 -4.36
C LYS A 171 -2.14 -12.64 -4.02
N SER A 172 -3.06 -12.30 -3.12
CA SER A 172 -3.30 -10.92 -2.72
C SER A 172 -2.03 -10.30 -2.13
N MET A 173 -1.38 -11.05 -1.25
CA MET A 173 -0.15 -10.61 -0.60
C MET A 173 1.06 -10.59 -1.54
N LYS A 174 1.11 -11.54 -2.48
CA LYS A 174 2.21 -11.56 -3.48
C LYS A 174 2.17 -10.35 -4.42
N LYS A 175 0.99 -9.92 -4.84
CA LYS A 175 0.85 -8.69 -5.62
C LYS A 175 1.28 -7.46 -4.81
N ARG A 176 0.92 -7.43 -3.53
CA ARG A 176 1.29 -6.33 -2.65
C ARG A 176 2.80 -6.30 -2.40
N MET A 177 3.39 -7.47 -2.13
CA MET A 177 4.85 -7.61 -1.95
C MET A 177 5.66 -7.22 -3.19
N SER A 178 5.15 -7.54 -4.38
CA SER A 178 5.80 -7.14 -5.63
C SER A 178 5.94 -5.64 -5.75
N GLU A 179 4.84 -4.92 -5.46
CA GLU A 179 4.82 -3.47 -5.61
C GLU A 179 5.67 -2.76 -4.55
N LEU A 180 5.69 -3.33 -3.35
CA LEU A 180 6.56 -2.86 -2.28
C LEU A 180 8.04 -3.00 -2.65
N CYS A 181 8.41 -4.15 -3.22
CA CYS A 181 9.79 -4.38 -3.66
C CYS A 181 10.24 -3.43 -4.77
N ILE A 182 9.39 -3.23 -5.77
CA ILE A 182 9.65 -2.30 -6.87
C ILE A 182 9.74 -0.84 -6.36
N ASP A 183 8.89 -0.47 -5.40
CA ASP A 183 8.92 0.88 -4.81
C ASP A 183 10.16 1.13 -3.97
N PHE A 184 10.63 0.09 -3.26
CA PHE A 184 11.84 0.17 -2.42
C PHE A 184 13.06 0.58 -3.24
N ASN A 185 13.26 -0.08 -4.37
CA ASN A 185 14.39 0.20 -5.26
C ASN A 185 14.21 1.48 -6.09
N LYS A 186 12.99 1.76 -6.53
CA LYS A 186 12.71 3.00 -7.27
C LYS A 186 13.04 4.22 -6.41
N ASN A 187 12.61 4.19 -5.14
CA ASN A 187 12.92 5.26 -4.18
C ASN A 187 14.43 5.56 -4.10
N LEU A 188 15.24 4.51 -4.11
CA LEU A 188 16.71 4.64 -4.04
C LEU A 188 17.35 5.17 -5.33
N ASN A 189 16.90 4.70 -6.49
CA ASN A 189 17.41 5.19 -7.78
C ASN A 189 16.99 6.63 -8.05
N GLU A 190 15.74 6.97 -7.73
CA GLU A 190 15.21 8.33 -7.93
C GLU A 190 15.72 9.35 -6.91
N ASP A 191 16.35 8.92 -5.82
CA ASP A 191 16.86 9.83 -4.78
C ASP A 191 17.94 10.78 -5.30
N ASP A 192 17.84 12.05 -4.93
CA ASP A 192 18.75 13.10 -5.38
C ASP A 192 19.23 13.97 -4.21
N THR A 193 19.34 13.36 -3.02
CA THR A 193 19.77 14.07 -1.83
C THR A 193 21.22 14.52 -2.02
N PHE A 194 21.49 15.78 -1.68
CA PHE A 194 22.84 16.33 -1.73
C PHE A 194 23.12 17.13 -0.45
N LEU A 195 24.41 17.31 -0.18
CA LEU A 195 24.89 18.20 0.86
C LEU A 195 25.82 19.23 0.23
N VAL A 196 26.01 20.35 0.94
CA VAL A 196 26.83 21.45 0.46
C VAL A 196 27.98 21.71 1.45
N PHE A 197 29.18 21.86 0.89
CA PHE A 197 30.40 22.09 1.68
C PHE A 197 31.30 23.14 1.03
N SER A 198 32.10 23.82 1.86
CA SER A 198 33.14 24.72 1.39
C SER A 198 34.40 23.93 1.00
N LYS A 199 35.37 24.61 0.40
CA LYS A 199 36.66 24.02 0.04
C LYS A 199 37.43 23.56 1.28
N ALA A 200 37.34 24.33 2.36
CA ALA A 200 37.96 23.99 3.65
C ALA A 200 37.38 22.72 4.27
N GLU A 201 36.07 22.54 4.14
CA GLU A 201 35.37 21.36 4.65
C GLU A 201 35.65 20.07 3.85
N LEU A 202 36.08 20.21 2.60
CA LEU A 202 36.49 19.08 1.76
C LEU A 202 38.02 18.94 1.75
N GLY A 203 38.63 18.99 2.93
CA GLY A 203 40.08 19.02 3.08
C GLY A 203 40.72 17.68 2.75
N ALA A 204 41.83 17.74 2.00
CA ALA A 204 42.58 16.56 1.50
C ALA A 204 41.94 15.79 0.36
N LEU A 205 40.83 16.30 -0.21
CA LEU A 205 40.25 15.73 -1.43
C LEU A 205 40.99 16.35 -2.62
N PRO A 206 41.31 15.56 -3.65
CA PRO A 206 42.16 16.06 -4.73
C PRO A 206 41.46 17.09 -5.63
N ASP A 207 42.26 17.78 -6.45
CA ASP A 207 41.73 18.82 -7.34
C ASP A 207 40.86 18.25 -8.47
N ASP A 208 41.27 17.12 -9.07
CA ASP A 208 40.48 16.48 -10.13
C ASP A 208 39.08 16.03 -9.65
N PHE A 209 38.96 15.70 -8.37
CA PHE A 209 37.65 15.45 -7.74
C PHE A 209 36.88 16.76 -7.60
N ILE A 210 37.46 17.72 -6.89
CA ILE A 210 36.76 18.97 -6.52
C ILE A 210 36.37 19.83 -7.74
N ASP A 211 37.22 19.85 -8.77
CA ASP A 211 36.93 20.63 -9.99
C ASP A 211 35.71 20.08 -10.76
N SER A 212 35.49 18.77 -10.70
CA SER A 212 34.31 18.12 -11.31
C SER A 212 32.98 18.49 -10.66
N LEU A 213 33.02 18.81 -9.36
CA LEU A 213 31.81 19.14 -8.60
C LEU A 213 31.19 20.47 -9.06
N GLU A 214 29.87 20.56 -8.93
CA GLU A 214 29.11 21.74 -9.32
C GLU A 214 29.14 22.78 -8.19
N LYS A 215 29.51 24.02 -8.52
CA LYS A 215 29.54 25.12 -7.54
C LYS A 215 28.14 25.71 -7.36
N THR A 216 27.77 26.00 -6.11
CA THR A 216 26.49 26.63 -5.79
C THR A 216 26.69 28.08 -5.32
N ASP A 217 25.64 28.70 -4.78
CA ASP A 217 25.73 30.06 -4.21
C ASP A 217 26.54 30.04 -2.91
N ASP A 218 27.16 31.18 -2.58
CA ASP A 218 28.02 31.30 -1.40
C ASP A 218 29.35 30.54 -1.55
N ASP A 219 29.82 30.36 -2.80
CA ASP A 219 31.04 29.57 -3.14
C ASP A 219 31.21 28.28 -2.33
N LYS A 220 30.24 27.38 -2.51
CA LYS A 220 30.27 26.04 -1.95
C LYS A 220 30.09 25.01 -3.07
N TYR A 221 30.39 23.75 -2.78
CA TYR A 221 30.34 22.67 -3.77
C TYR A 221 29.24 21.66 -3.39
N LYS A 222 28.62 21.06 -4.41
CA LYS A 222 27.53 20.08 -4.22
C LYS A 222 28.06 18.65 -4.22
N ILE A 223 27.76 17.90 -3.16
CA ILE A 223 28.11 16.48 -3.06
C ILE A 223 26.83 15.64 -3.03
N THR A 224 26.61 14.83 -4.08
CA THR A 224 25.55 13.82 -4.09
C THR A 224 25.93 12.63 -3.21
N LEU A 225 24.94 11.78 -2.91
CA LEU A 225 25.16 10.54 -2.16
C LEU A 225 25.25 9.33 -3.09
N LYS A 226 25.90 9.50 -4.24
CA LYS A 226 26.14 8.41 -5.18
C LYS A 226 27.49 7.76 -4.85
N TYR A 227 27.76 6.62 -5.46
CA TYR A 227 28.98 5.83 -5.18
C TYR A 227 30.27 6.55 -5.59
N PRO A 228 30.28 7.24 -6.77
CA PRO A 228 31.47 8.02 -7.14
C PRO A 228 31.75 9.28 -6.28
N HIS A 229 30.77 9.74 -5.50
CA HIS A 229 30.94 10.87 -4.59
C HIS A 229 31.15 10.45 -3.15
N TYR A 230 30.26 9.60 -2.65
CA TYR A 230 30.29 9.16 -1.25
C TYR A 230 31.61 8.52 -0.84
N PHE A 231 32.00 7.44 -1.52
CA PHE A 231 33.19 6.67 -1.10
C PHE A 231 34.50 7.48 -1.12
N PRO A 232 34.78 8.27 -2.17
CA PRO A 232 35.95 9.15 -2.15
C PRO A 232 36.02 10.16 -0.98
N VAL A 233 34.87 10.65 -0.53
CA VAL A 233 34.81 11.56 0.64
C VAL A 233 35.11 10.79 1.93
N MET A 234 34.43 9.66 2.11
CA MET A 234 34.63 8.81 3.30
C MET A 234 36.03 8.18 3.36
N LYS A 235 36.62 7.91 2.20
CA LYS A 235 37.98 7.37 2.10
C LYS A 235 39.07 8.43 2.39
N LYS A 236 38.93 9.63 1.81
CA LYS A 236 40.03 10.59 1.74
C LYS A 236 39.86 11.91 2.53
N CYS A 237 38.63 12.35 2.78
CA CYS A 237 38.41 13.66 3.42
C CYS A 237 38.93 13.68 4.86
N CYS A 238 39.79 14.67 5.17
CA CYS A 238 40.47 14.75 6.46
C CYS A 238 39.72 15.55 7.56
N ILE A 239 38.58 16.15 7.22
CA ILE A 239 37.77 16.87 8.22
C ILE A 239 36.70 15.89 8.71
N PRO A 240 36.81 15.42 9.98
CA PRO A 240 35.87 14.40 10.47
C PRO A 240 34.38 14.79 10.53
N GLU A 241 34.09 16.09 10.64
CA GLU A 241 32.69 16.57 10.66
C GLU A 241 32.01 16.38 9.30
N THR A 242 32.78 16.49 8.22
CA THR A 242 32.30 16.30 6.87
C THR A 242 31.97 14.83 6.64
N ARG A 243 32.89 13.95 7.02
CA ARG A 243 32.67 12.50 7.00
C ARG A 243 31.41 12.09 7.78
N ARG A 244 31.24 12.70 8.95
CA ARG A 244 30.10 12.44 9.83
C ARG A 244 28.76 12.80 9.17
N ARG A 245 28.70 14.00 8.59
CA ARG A 245 27.49 14.47 7.89
C ARG A 245 27.18 13.65 6.64
N MET A 246 28.22 13.28 5.89
CA MET A 246 28.04 12.44 4.69
C MET A 246 27.51 11.04 5.04
N GLU A 247 28.05 10.44 6.10
CA GLU A 247 27.62 9.10 6.53
C GLU A 247 26.20 9.13 7.10
N MET A 248 25.85 10.18 7.84
CA MET A 248 24.49 10.39 8.34
C MET A 248 23.48 10.48 7.19
N ALA A 249 23.86 11.20 6.12
CA ALA A 249 23.03 11.37 4.94
C ALA A 249 22.89 10.07 4.10
N PHE A 250 24.02 9.40 3.89
CA PHE A 250 24.05 8.16 3.08
C PHE A 250 23.21 7.05 3.68
N ASN A 251 23.32 6.87 5.00
CA ASN A 251 22.57 5.82 5.71
C ASN A 251 21.20 6.27 6.26
N THR A 252 20.66 7.38 5.73
CA THR A 252 19.24 7.74 5.92
C THR A 252 18.54 8.05 4.59
N ARG A 253 19.09 7.58 3.47
CA ARG A 253 18.44 7.74 2.17
C ARG A 253 17.13 6.99 2.18
N CYS A 254 16.05 7.69 1.85
CA CYS A 254 14.71 7.13 1.84
C CYS A 254 14.28 6.55 3.19
N LYS A 255 14.77 7.12 4.29
CA LYS A 255 14.53 6.57 5.62
C LYS A 255 13.03 6.39 5.94
N GLU A 256 12.27 7.49 5.88
CA GLU A 256 10.83 7.45 6.23
C GLU A 256 10.02 6.51 5.34
N GLU A 257 10.23 6.61 4.03
CA GLU A 257 9.42 5.87 3.06
C GLU A 257 9.79 4.38 2.98
N ASN A 258 11.09 4.04 3.03
CA ASN A 258 11.54 2.64 3.01
C ASN A 258 11.50 1.94 4.37
N THR A 259 11.40 2.69 5.48
CA THR A 259 11.10 2.08 6.78
C THR A 259 9.62 1.64 6.82
N ILE A 260 8.73 2.47 6.26
CA ILE A 260 7.33 2.11 6.07
C ILE A 260 7.21 0.82 5.23
N ILE A 261 7.97 0.75 4.13
CA ILE A 261 7.94 -0.43 3.24
C ILE A 261 8.38 -1.71 3.97
N LEU A 262 9.52 -1.67 4.66
CA LEU A 262 10.02 -2.84 5.41
C LEU A 262 9.07 -3.32 6.51
N GLN A 263 8.40 -2.38 7.18
CA GLN A 263 7.40 -2.71 8.22
C GLN A 263 6.17 -3.45 7.68
N GLN A 264 5.84 -3.23 6.41
CA GLN A 264 4.83 -4.03 5.72
C GLN A 264 5.40 -5.29 5.07
N LEU A 265 6.58 -5.15 4.44
CA LEU A 265 7.17 -6.20 3.62
C LEU A 265 7.58 -7.44 4.42
N LEU A 266 8.25 -7.24 5.54
CA LEU A 266 8.79 -8.37 6.31
C LEU A 266 7.70 -9.25 6.95
N PRO A 267 6.67 -8.64 7.59
CA PRO A 267 5.56 -9.47 8.09
C PRO A 267 4.74 -10.19 7.01
N LEU A 268 4.64 -9.61 5.81
CA LEU A 268 3.96 -10.28 4.69
C LEU A 268 4.71 -11.53 4.26
N ARG A 269 6.03 -11.40 4.12
CA ARG A 269 6.91 -12.53 3.80
C ARG A 269 6.80 -13.68 4.80
N THR A 270 6.68 -13.34 6.08
CA THR A 270 6.44 -14.30 7.16
C THR A 270 5.09 -14.98 7.03
N LYS A 271 4.07 -14.14 6.88
CA LYS A 271 2.66 -14.58 6.84
C LYS A 271 2.42 -15.56 5.71
N VAL A 272 2.97 -15.24 4.54
CA VAL A 272 2.93 -16.12 3.36
C VAL A 272 3.68 -17.42 3.62
N ALA A 273 4.91 -17.31 4.13
CA ALA A 273 5.73 -18.49 4.44
C ALA A 273 5.01 -19.46 5.39
N LYS A 274 4.42 -18.91 6.45
CA LYS A 274 3.63 -19.71 7.39
C LYS A 274 2.41 -20.38 6.74
N LEU A 275 1.74 -19.68 5.84
CA LEU A 275 0.61 -20.26 5.09
C LEU A 275 1.06 -21.38 4.15
N LEU A 276 2.28 -21.26 3.62
CA LEU A 276 2.87 -22.30 2.76
C LEU A 276 3.50 -23.47 3.55
N GLY A 277 3.54 -23.38 4.88
CA GLY A 277 4.02 -24.46 5.75
C GLY A 277 5.45 -24.34 6.25
N TYR A 278 6.05 -23.15 6.11
CA TYR A 278 7.41 -22.89 6.55
C TYR A 278 7.37 -22.07 7.83
N SER A 279 8.36 -22.27 8.71
CA SER A 279 8.43 -21.53 9.98
C SER A 279 8.71 -20.05 9.76
N THR A 280 9.59 -19.77 8.80
CA THR A 280 10.01 -18.41 8.50
C THR A 280 10.22 -18.26 7.02
N HIS A 281 10.39 -17.01 6.59
CA HIS A 281 10.69 -16.70 5.21
C HIS A 281 12.12 -17.13 4.82
N ALA A 282 13.06 -17.04 5.74
CA ALA A 282 14.42 -17.53 5.49
C ALA A 282 14.43 -19.02 5.13
N ASP A 283 13.67 -19.82 5.87
CA ASP A 283 13.53 -21.26 5.58
C ASP A 283 12.92 -21.51 4.20
N PHE A 284 11.99 -20.65 3.80
CA PHE A 284 11.30 -20.75 2.50
C PHE A 284 12.27 -20.56 1.32
N VAL A 285 13.08 -19.51 1.37
CA VAL A 285 14.06 -19.23 0.29
C VAL A 285 15.21 -20.22 0.23
N LEU A 286 15.67 -20.68 1.40
CA LEU A 286 16.85 -21.55 1.49
C LEU A 286 16.68 -22.91 0.78
N GLU A 287 15.46 -23.43 0.79
CA GLU A 287 15.13 -24.66 0.07
C GLU A 287 15.53 -24.65 -1.42
N MET A 288 15.49 -23.48 -2.07
CA MET A 288 15.87 -23.31 -3.48
C MET A 288 17.35 -22.91 -3.67
N ASN A 289 18.17 -23.13 -2.65
CA ASN A 289 19.58 -22.76 -2.68
C ASN A 289 20.47 -23.96 -2.34
N THR A 290 21.75 -23.84 -2.71
CA THR A 290 22.72 -24.91 -2.52
C THR A 290 23.01 -25.13 -1.03
N ALA A 291 22.94 -24.06 -0.24
CA ALA A 291 23.07 -24.14 1.22
C ALA A 291 21.93 -24.92 1.90
N LYS A 292 20.81 -25.09 1.21
CA LYS A 292 19.71 -26.01 1.59
C LYS A 292 18.80 -25.52 2.73
N SER A 293 19.39 -25.02 3.82
CA SER A 293 18.66 -24.73 5.05
C SER A 293 19.30 -23.60 5.85
N THR A 294 18.48 -22.91 6.64
CA THR A 294 18.97 -21.80 7.47
C THR A 294 19.96 -22.24 8.56
N SER A 295 19.82 -23.48 9.03
CA SER A 295 20.79 -24.03 9.99
C SER A 295 22.20 -24.00 9.43
N ARG A 296 22.36 -24.43 8.17
CA ARG A 296 23.68 -24.44 7.54
C ARG A 296 24.25 -23.02 7.32
N VAL A 297 23.38 -22.05 7.04
CA VAL A 297 23.80 -20.64 6.88
C VAL A 297 24.25 -20.04 8.20
N THR A 298 23.45 -20.24 9.25
CA THR A 298 23.77 -19.76 10.60
C THR A 298 25.11 -20.33 11.07
N ALA A 299 25.31 -21.63 10.87
CA ALA A 299 26.58 -22.29 11.18
C ALA A 299 27.74 -21.74 10.34
N PHE A 300 27.50 -21.57 9.04
CA PHE A 300 28.49 -21.00 8.11
C PHE A 300 28.96 -19.60 8.54
N LEU A 301 28.02 -18.73 8.91
CA LEU A 301 28.35 -17.36 9.28
C LEU A 301 28.97 -17.25 10.68
N ASP A 302 28.45 -18.01 11.65
CA ASP A 302 28.98 -17.99 13.03
C ASP A 302 30.40 -18.56 13.11
N ASP A 303 30.64 -19.65 12.38
CA ASP A 303 31.96 -20.28 12.29
C ASP A 303 32.98 -19.35 11.63
N LEU A 304 32.55 -18.66 10.58
CA LEU A 304 33.41 -17.74 9.85
C LEU A 304 33.67 -16.44 10.61
N SER A 305 32.63 -15.94 11.29
CA SER A 305 32.74 -14.82 12.22
C SER A 305 33.76 -15.09 13.34
N GLN A 306 33.78 -16.33 13.82
CA GLN A 306 34.69 -16.73 14.91
C GLN A 306 36.15 -16.70 14.44
N LYS A 307 36.42 -17.24 13.26
CA LYS A 307 37.79 -17.24 12.68
C LYS A 307 38.37 -15.85 12.40
N LEU A 308 37.52 -14.90 12.01
CA LEU A 308 37.95 -13.53 11.70
C LEU A 308 38.05 -12.62 12.93
N LYS A 309 37.47 -13.02 14.05
CA LYS A 309 37.46 -12.21 15.28
C LYS A 309 38.82 -11.63 15.68
N PRO A 310 39.90 -12.46 15.71
CA PRO A 310 41.22 -11.91 16.06
C PRO A 310 41.78 -10.91 15.04
N LEU A 311 41.54 -11.15 13.74
CA LEU A 311 41.92 -10.18 12.69
C LEU A 311 41.24 -8.83 12.88
N GLY A 312 39.94 -8.85 13.20
CA GLY A 312 39.18 -7.64 13.48
C GLY A 312 39.70 -6.90 14.69
N GLU A 313 40.00 -7.64 15.75
CA GLU A 313 40.56 -7.08 16.99
C GLU A 313 41.91 -6.40 16.75
N ALA A 314 42.75 -7.02 15.94
CA ALA A 314 44.04 -6.46 15.56
C ALA A 314 43.89 -5.21 14.68
N GLU A 315 43.03 -5.32 13.66
CA GLU A 315 42.78 -4.21 12.73
C GLU A 315 42.12 -3.02 13.42
N ARG A 316 41.16 -3.28 14.31
CA ARG A 316 40.52 -2.21 15.10
C ARG A 316 41.51 -1.49 16.00
N GLU A 317 42.45 -2.24 16.57
CA GLU A 317 43.44 -1.67 17.50
C GLU A 317 44.45 -0.78 16.78
N PHE A 318 44.87 -1.19 15.59
CA PHE A 318 45.79 -0.39 14.77
C PHE A 318 45.15 0.91 14.28
N ILE A 319 43.90 0.79 13.79
CA ILE A 319 43.10 1.95 13.37
C ILE A 319 42.88 2.95 14.53
N LEU A 320 42.59 2.43 15.71
CA LEU A 320 42.31 3.27 16.88
C LEU A 320 43.55 4.05 17.34
N ASN A 321 44.71 3.36 17.37
CA ASN A 321 46.01 4.00 17.63
C ASN A 321 46.31 5.08 16.60
N LEU A 322 46.01 4.76 15.35
CA LEU A 322 46.25 5.66 14.22
C LEU A 322 45.39 6.92 14.30
N LYS A 323 44.15 6.76 14.74
CA LYS A 323 43.25 7.90 14.98
C LYS A 323 43.78 8.83 16.07
N LYS A 324 44.25 8.25 17.17
CA LYS A 324 44.79 9.02 18.29
C LYS A 324 46.02 9.84 17.90
N LYS A 325 46.85 9.29 17.02
CA LYS A 325 48.01 10.00 16.48
C LYS A 325 47.59 11.16 15.59
N GLU A 326 46.67 10.91 14.66
CA GLU A 326 46.16 11.96 13.76
C GLU A 326 45.43 13.07 14.52
N CYS A 327 44.66 12.68 15.54
CA CYS A 327 43.97 13.64 16.41
C CYS A 327 44.93 14.49 17.24
N LYS A 328 46.05 13.89 17.65
CA LYS A 328 47.12 14.63 18.33
C LYS A 328 47.84 15.57 17.37
N ASP A 329 48.25 15.03 16.22
CA ASP A 329 48.98 15.80 15.20
C ASP A 329 48.15 16.98 14.66
N ARG A 330 46.92 16.71 14.24
CA ARG A 330 46.02 17.75 13.72
C ARG A 330 45.37 18.63 14.79
N GLY A 331 45.42 18.19 16.06
CA GLY A 331 44.86 18.96 17.17
C GLY A 331 43.35 18.88 17.31
N PHE A 332 42.74 17.81 16.78
CA PHE A 332 41.31 17.55 16.95
C PHE A 332 41.04 16.91 18.31
N GLU A 333 39.76 16.89 18.69
CA GLU A 333 39.31 16.14 19.87
C GLU A 333 39.36 14.65 19.54
N TYR A 334 39.76 13.83 20.52
CA TYR A 334 39.86 12.37 20.36
C TYR A 334 38.81 11.64 21.23
N ASP A 335 37.77 11.14 20.58
CA ASP A 335 36.64 10.49 21.28
C ASP A 335 36.89 9.04 21.77
N GLY A 336 38.00 8.43 21.35
CA GLY A 336 38.38 7.10 21.84
C GLY A 336 37.65 5.92 21.22
N LYS A 337 37.13 6.08 20.00
CA LYS A 337 36.42 4.98 19.32
C LYS A 337 36.39 5.15 17.80
N ILE A 338 36.11 4.04 17.12
CA ILE A 338 35.91 4.01 15.66
C ILE A 338 34.42 4.24 15.39
N ASN A 339 34.08 5.41 14.88
CA ASN A 339 32.72 5.68 14.41
C ASN A 339 32.58 5.18 12.98
N ALA A 340 31.32 4.99 12.56
CA ALA A 340 31.04 4.56 11.18
C ALA A 340 31.68 5.45 10.11
N TRP A 341 31.79 6.75 10.42
CA TRP A 341 32.39 7.72 9.50
C TRP A 341 33.94 7.71 9.48
N ASP A 342 34.56 7.10 10.50
CA ASP A 342 36.01 6.90 10.54
C ASP A 342 36.48 5.63 9.82
N LEU A 343 35.58 4.67 9.60
CA LEU A 343 35.97 3.30 9.16
C LEU A 343 36.71 3.22 7.82
N TYR A 344 36.11 3.75 6.75
CA TYR A 344 36.75 3.76 5.44
C TYR A 344 38.01 4.64 5.39
N TYR A 345 38.00 5.75 6.14
CA TYR A 345 39.11 6.71 6.15
C TYR A 345 40.41 6.08 6.65
N TYR A 346 40.34 5.45 7.82
CA TYR A 346 41.50 4.79 8.41
C TYR A 346 41.81 3.42 7.77
N MET A 347 40.81 2.77 7.18
CA MET A 347 41.08 1.57 6.36
C MET A 347 41.88 1.93 5.10
N THR A 348 41.55 3.06 4.48
CA THR A 348 42.32 3.57 3.35
C THR A 348 43.73 3.94 3.79
N GLN A 349 43.83 4.63 4.91
CA GLN A 349 45.11 5.04 5.46
C GLN A 349 46.01 3.86 5.86
N THR A 350 45.41 2.80 6.39
CA THR A 350 46.14 1.56 6.70
C THR A 350 46.77 0.98 5.44
N GLU A 351 46.06 1.03 4.32
CA GLU A 351 46.59 0.59 3.03
C GLU A 351 47.78 1.44 2.58
N GLU A 352 47.67 2.76 2.74
CA GLU A 352 48.76 3.67 2.39
C GLU A 352 50.03 3.41 3.20
N LEU A 353 49.87 3.26 4.51
CA LEU A 353 51.00 3.06 5.43
C LEU A 353 51.66 1.68 5.34
N LYS A 354 50.85 0.63 5.23
CA LYS A 354 51.38 -0.75 5.22
C LYS A 354 51.82 -1.25 3.84
N TYR A 355 51.20 -0.74 2.77
CA TYR A 355 51.51 -1.23 1.41
C TYR A 355 51.97 -0.18 0.40
N SER A 356 52.14 1.08 0.83
CA SER A 356 52.66 2.14 -0.03
C SER A 356 51.81 2.37 -1.29
N ILE A 357 50.50 2.15 -1.17
CA ILE A 357 49.57 2.24 -2.29
C ILE A 357 48.75 3.51 -2.12
N ASP A 358 48.96 4.47 -3.02
CA ASP A 358 48.08 5.63 -3.16
C ASP A 358 47.16 5.32 -4.33
N GLN A 359 45.85 5.23 -4.07
CA GLN A 359 44.87 4.90 -5.10
C GLN A 359 44.73 5.98 -6.19
N GLU A 360 45.01 7.24 -5.83
CA GLU A 360 44.98 8.35 -6.81
C GLU A 360 46.20 8.41 -7.73
N PHE A 361 47.34 7.90 -7.27
CA PHE A 361 48.49 7.65 -8.15
C PHE A 361 48.20 6.45 -9.04
N LEU A 362 47.79 5.35 -8.40
CA LEU A 362 47.64 4.05 -9.07
C LEU A 362 46.62 4.03 -10.22
N LYS A 363 45.60 4.87 -10.14
CA LYS A 363 44.57 4.95 -11.18
C LYS A 363 45.06 5.58 -12.49
N GLU A 364 46.13 6.39 -12.43
CA GLU A 364 46.78 6.89 -13.64
C GLU A 364 47.25 5.75 -14.57
N TYR A 365 47.53 4.57 -13.99
CA TYR A 365 47.89 3.37 -14.75
C TYR A 365 46.71 2.49 -15.25
N PHE A 366 45.47 2.85 -14.91
CA PHE A 366 44.28 2.11 -15.36
C PHE A 366 43.30 3.02 -16.10
N PRO A 367 43.69 3.55 -17.28
CA PRO A 367 42.70 4.25 -18.10
C PRO A 367 41.68 3.28 -18.74
N ILE A 368 40.41 3.68 -18.73
CA ILE A 368 39.28 2.85 -19.19
C ILE A 368 39.55 2.06 -20.48
N GLU A 369 40.15 2.69 -21.48
CA GLU A 369 40.42 2.05 -22.78
C GLU A 369 41.40 0.89 -22.62
N VAL A 370 42.45 1.10 -21.82
CA VAL A 370 43.48 0.07 -21.59
C VAL A 370 42.94 -1.09 -20.73
N VAL A 371 42.05 -0.78 -19.78
CA VAL A 371 41.47 -1.80 -18.90
C VAL A 371 40.50 -2.67 -19.68
N THR A 372 39.60 -2.01 -20.43
CA THR A 372 38.60 -2.72 -21.24
C THR A 372 39.27 -3.66 -22.25
N GLU A 373 40.24 -3.13 -23.00
CA GLU A 373 41.07 -3.94 -23.92
C GLU A 373 41.69 -5.14 -23.19
N GLY A 374 42.32 -4.87 -22.06
CA GLY A 374 42.97 -5.90 -21.26
C GLY A 374 42.02 -6.96 -20.73
N LEU A 375 40.88 -6.53 -20.19
CA LEU A 375 39.81 -7.42 -19.74
C LEU A 375 39.35 -8.35 -20.87
N LEU A 376 39.01 -7.76 -22.01
CA LEU A 376 38.49 -8.53 -23.15
C LEU A 376 39.52 -9.50 -23.69
N ASN A 377 40.78 -9.07 -23.80
CA ASN A 377 41.88 -9.95 -24.23
C ASN A 377 42.12 -11.11 -23.27
N THR A 378 42.02 -10.85 -21.96
CA THR A 378 42.18 -11.90 -20.95
C THR A 378 41.24 -13.08 -21.18
N TYR A 379 39.96 -12.81 -21.43
CA TYR A 379 38.94 -13.86 -21.48
C TYR A 379 38.63 -14.41 -22.86
N GLN A 380 39.06 -13.70 -23.90
CA GLN A 380 39.14 -14.30 -25.23
C GLN A 380 40.07 -15.50 -25.15
N GLU A 381 41.30 -15.25 -24.71
CA GLU A 381 42.34 -16.27 -24.55
C GLU A 381 41.92 -17.41 -23.62
N LEU A 382 41.42 -17.06 -22.43
CA LEU A 382 41.10 -18.06 -21.39
C LEU A 382 39.93 -18.98 -21.75
N LEU A 383 38.82 -18.38 -22.20
CA LEU A 383 37.58 -19.11 -22.45
C LEU A 383 37.42 -19.59 -23.91
N GLY A 384 38.40 -19.32 -24.76
CA GLY A 384 38.34 -19.73 -26.17
C GLY A 384 37.28 -19.00 -26.95
N LEU A 385 37.26 -17.68 -26.82
CA LEU A 385 36.24 -16.82 -27.42
C LEU A 385 36.86 -15.69 -28.23
N SER A 386 36.02 -15.07 -29.07
CA SER A 386 36.42 -13.94 -29.91
C SER A 386 35.37 -12.84 -29.80
N PHE A 387 35.80 -11.63 -29.45
CA PHE A 387 34.91 -10.49 -29.31
C PHE A 387 35.21 -9.49 -30.42
N GLU A 388 34.17 -9.04 -31.11
CA GLU A 388 34.28 -7.94 -32.07
C GLU A 388 33.26 -6.88 -31.70
N GLN A 389 33.72 -5.63 -31.56
CA GLN A 389 32.82 -4.49 -31.35
C GLN A 389 32.02 -4.21 -32.62
N MET A 390 30.73 -3.93 -32.46
CA MET A 390 29.81 -3.62 -33.58
C MET A 390 29.71 -2.11 -33.76
N THR A 391 29.80 -1.66 -35.01
CA THR A 391 29.80 -0.23 -35.36
C THR A 391 28.41 0.25 -35.79
N ASP A 392 28.03 1.45 -35.34
CA ASP A 392 26.69 2.03 -35.54
C ASP A 392 25.59 1.08 -35.04
N ALA A 393 25.83 0.51 -33.87
CA ALA A 393 24.92 -0.46 -33.27
C ALA A 393 23.73 0.25 -32.65
N HIS A 394 22.60 -0.45 -32.63
CA HIS A 394 21.38 0.06 -32.01
C HIS A 394 21.54 0.01 -30.49
N VAL A 395 21.53 1.19 -29.86
CA VAL A 395 21.80 1.33 -28.43
C VAL A 395 20.90 2.35 -27.76
N TRP A 396 20.70 2.17 -26.45
CA TRP A 396 19.86 3.05 -25.63
C TRP A 396 20.55 4.36 -25.22
N ASN A 397 21.85 4.47 -25.45
CA ASN A 397 22.60 5.72 -25.25
C ASN A 397 23.81 5.77 -26.18
N LYS A 398 24.17 6.98 -26.60
CA LYS A 398 25.35 7.19 -27.47
C LYS A 398 26.65 6.60 -26.90
N SER A 399 26.86 6.74 -25.59
CA SER A 399 28.07 6.24 -24.92
C SER A 399 28.14 4.72 -24.76
N VAL A 400 27.03 4.01 -24.95
CA VAL A 400 26.97 2.54 -24.82
C VAL A 400 27.47 1.86 -26.10
N THR A 401 28.24 0.79 -25.92
CA THR A 401 28.83 0.02 -27.01
C THR A 401 28.33 -1.42 -26.99
N LEU A 402 28.43 -2.10 -28.13
CA LEU A 402 27.93 -3.47 -28.31
C LEU A 402 29.04 -4.37 -28.85
N TYR A 403 29.18 -5.56 -28.27
CA TYR A 403 30.17 -6.56 -28.69
C TYR A 403 29.49 -7.88 -29.04
N THR A 404 30.06 -8.63 -29.98
CA THR A 404 29.53 -9.93 -30.43
C THR A 404 30.50 -11.05 -30.04
N VAL A 405 29.99 -12.06 -29.35
CA VAL A 405 30.79 -13.14 -28.78
C VAL A 405 30.71 -14.39 -29.65
N LYS A 406 31.86 -14.84 -30.12
CA LYS A 406 31.98 -16.00 -31.00
C LYS A 406 32.86 -17.05 -30.33
N ASP A 407 32.56 -18.33 -30.55
CA ASP A 407 33.48 -19.41 -30.19
C ASP A 407 34.66 -19.35 -31.15
N LYS A 408 35.86 -19.59 -30.63
CA LYS A 408 37.09 -19.42 -31.42
C LYS A 408 37.28 -20.57 -32.41
N ALA A 409 37.16 -21.80 -31.93
CA ALA A 409 37.35 -22.99 -32.77
C ALA A 409 36.25 -23.15 -33.81
N THR A 410 35.00 -23.27 -33.37
CA THR A 410 33.86 -23.55 -34.25
C THR A 410 33.30 -22.34 -34.99
N GLY A 411 33.58 -21.14 -34.49
CA GLY A 411 33.02 -19.91 -35.06
C GLY A 411 31.56 -19.66 -34.71
N GLU A 412 31.03 -20.44 -33.76
CA GLU A 412 29.62 -20.35 -33.33
C GLU A 412 29.39 -19.03 -32.59
N VAL A 413 28.28 -18.36 -32.93
CA VAL A 413 27.90 -17.07 -32.31
C VAL A 413 27.11 -17.32 -31.03
N LEU A 414 27.76 -17.15 -29.88
CA LEU A 414 27.18 -17.49 -28.57
C LEU A 414 26.26 -16.40 -28.04
N GLY A 415 26.68 -15.15 -28.17
CA GLY A 415 25.89 -14.02 -27.71
C GLY A 415 26.41 -12.64 -28.05
N GLN A 416 25.78 -11.63 -27.45
CA GLN A 416 26.26 -10.26 -27.49
C GLN A 416 26.19 -9.65 -26.09
N PHE A 417 27.07 -8.70 -25.80
CA PHE A 417 26.98 -7.93 -24.56
C PHE A 417 27.13 -6.42 -24.81
N TYR A 418 26.34 -5.63 -24.08
CA TYR A 418 26.45 -4.17 -24.09
C TYR A 418 27.34 -3.75 -22.92
N LEU A 419 28.16 -2.72 -23.13
CA LEU A 419 28.91 -2.08 -22.05
C LEU A 419 28.38 -0.66 -21.82
N ASP A 420 27.81 -0.43 -20.63
CA ASP A 420 27.28 0.87 -20.23
C ASP A 420 28.03 1.29 -18.98
N LEU A 421 29.10 2.05 -19.17
CA LEU A 421 30.14 2.24 -18.15
C LEU A 421 30.07 3.53 -17.35
N TYR A 422 29.44 4.56 -17.91
CA TYR A 422 29.51 5.93 -17.36
C TYR A 422 28.18 6.37 -16.73
N PRO A 423 28.23 7.18 -15.65
CA PRO A 423 27.01 7.58 -14.96
C PRO A 423 26.28 8.72 -15.66
N ARG A 424 24.98 8.82 -15.38
CA ARG A 424 24.15 9.90 -15.89
C ARG A 424 22.84 9.95 -15.09
N GLU A 425 21.99 10.93 -15.41
CA GLU A 425 20.69 11.04 -14.76
C GLU A 425 19.78 9.88 -15.17
N GLY A 426 19.15 9.25 -14.18
CA GLY A 426 18.19 8.18 -14.41
C GLY A 426 18.76 6.76 -14.40
N LYS A 427 20.09 6.64 -14.39
CA LYS A 427 20.74 5.34 -14.53
C LYS A 427 20.81 4.58 -13.21
N TYR A 428 20.86 3.26 -13.31
CA TYR A 428 21.14 2.36 -12.18
C TYR A 428 22.42 2.80 -11.45
N ASN A 429 22.31 2.99 -10.14
CA ASN A 429 23.41 3.57 -9.34
C ASN A 429 24.58 2.62 -9.08
N HIS A 430 24.30 1.32 -9.04
CA HIS A 430 25.27 0.31 -8.58
C HIS A 430 25.78 -0.52 -9.75
N ALA A 431 26.74 -1.40 -9.45
CA ALA A 431 27.29 -2.31 -10.46
C ALA A 431 26.41 -3.54 -10.58
N ALA A 432 26.09 -3.93 -11.81
CA ALA A 432 25.27 -5.13 -12.05
C ALA A 432 25.37 -5.64 -13.50
N CYS A 433 24.87 -6.86 -13.70
CA CYS A 433 24.74 -7.47 -15.02
C CYS A 433 23.30 -7.92 -15.22
N PHE A 434 22.71 -7.55 -16.37
CA PHE A 434 21.31 -7.86 -16.68
C PHE A 434 21.21 -8.87 -17.81
N GLY A 435 20.36 -9.88 -17.65
CA GLY A 435 20.03 -10.82 -18.72
C GLY A 435 18.95 -10.24 -19.59
N LEU A 436 19.23 -10.10 -20.89
CA LEU A 436 18.27 -9.52 -21.84
C LEU A 436 17.66 -10.59 -22.75
N GLN A 437 18.50 -11.47 -23.31
CA GLN A 437 18.04 -12.64 -24.06
C GLN A 437 18.66 -13.92 -23.51
N PRO A 438 17.86 -14.99 -23.35
CA PRO A 438 18.36 -16.31 -22.92
C PRO A 438 19.00 -17.10 -24.05
N GLY A 439 20.00 -17.93 -23.73
CA GLY A 439 20.66 -18.78 -24.71
C GLY A 439 19.98 -20.13 -24.84
N CYS A 440 18.72 -20.13 -25.27
CA CYS A 440 17.88 -21.32 -25.25
C CYS A 440 17.39 -21.78 -26.64
N LEU A 441 16.70 -22.91 -26.68
CA LEU A 441 16.07 -23.41 -27.91
C LEU A 441 14.74 -22.70 -28.17
N LEU A 442 14.48 -22.42 -29.45
CA LEU A 442 13.23 -21.81 -29.90
C LEU A 442 12.26 -22.90 -30.34
N PRO A 443 10.98 -22.54 -30.63
CA PRO A 443 10.08 -23.50 -31.30
C PRO A 443 10.65 -23.97 -32.65
N ASP A 444 11.25 -23.03 -33.38
CA ASP A 444 12.04 -23.27 -34.60
C ASP A 444 12.96 -24.52 -34.55
N GLY A 445 13.67 -24.70 -33.44
CA GLY A 445 14.70 -25.74 -33.30
C GLY A 445 16.10 -25.16 -33.18
N SER A 446 16.29 -23.95 -33.71
CA SER A 446 17.56 -23.22 -33.62
C SER A 446 17.85 -22.69 -32.21
N ARG A 447 19.07 -22.21 -32.03
CA ARG A 447 19.52 -21.61 -30.76
C ARG A 447 19.24 -20.11 -30.79
N MET A 448 18.66 -19.57 -29.72
CA MET A 448 18.56 -18.12 -29.56
C MET A 448 19.87 -17.58 -29.02
N MET A 449 20.29 -16.44 -29.56
CA MET A 449 21.52 -15.77 -29.18
C MET A 449 21.34 -15.11 -27.80
N ALA A 450 22.25 -15.40 -26.88
CA ALA A 450 22.23 -14.79 -25.53
C ALA A 450 22.59 -13.31 -25.62
N VAL A 451 22.01 -12.49 -24.76
CA VAL A 451 22.35 -11.05 -24.69
C VAL A 451 22.42 -10.58 -23.23
N ALA A 452 23.46 -9.80 -22.92
CA ALA A 452 23.71 -9.29 -21.57
C ALA A 452 24.07 -7.81 -21.61
N ALA A 453 23.87 -7.11 -20.50
CA ALA A 453 24.24 -5.71 -20.37
C ALA A 453 25.08 -5.52 -19.11
N LEU A 454 26.32 -5.08 -19.28
CA LEU A 454 27.18 -4.75 -18.16
C LEU A 454 26.93 -3.29 -17.81
N VAL A 455 26.54 -3.04 -16.56
CA VAL A 455 26.16 -1.71 -16.09
C VAL A 455 27.01 -1.32 -14.87
N VAL A 456 27.84 -0.28 -15.03
CA VAL A 456 28.71 0.23 -13.95
C VAL A 456 28.81 1.75 -14.03
N ASN A 457 29.46 2.37 -13.04
CA ASN A 457 29.56 3.83 -12.97
C ASN A 457 30.98 4.31 -12.65
N PHE A 458 31.77 4.52 -13.69
CA PHE A 458 33.12 5.09 -13.60
C PHE A 458 33.09 6.47 -14.25
N SER A 459 34.00 7.37 -13.84
CA SER A 459 34.08 8.74 -14.38
C SER A 459 34.15 8.78 -15.91
N GLN A 460 33.74 9.91 -16.50
CA GLN A 460 33.81 10.10 -17.96
C GLN A 460 34.98 11.03 -18.33
N PRO A 461 35.52 10.92 -19.57
CA PRO A 461 36.60 11.84 -19.99
C PRO A 461 36.26 13.34 -20.04
N VAL A 462 37.03 14.15 -19.30
CA VAL A 462 36.89 15.62 -19.26
C VAL A 462 38.13 16.27 -19.89
N ALA A 463 37.92 16.95 -21.02
CA ALA A 463 38.98 17.64 -21.78
C ALA A 463 40.06 16.67 -22.29
N GLY A 464 41.30 16.77 -21.80
CA GLY A 464 42.36 15.83 -22.15
C GLY A 464 42.44 14.62 -21.21
N ARG A 465 41.98 14.80 -19.97
CA ARG A 465 42.03 13.74 -18.95
C ARG A 465 40.99 12.64 -19.23
N PRO A 466 41.46 11.38 -19.47
CA PRO A 466 40.51 10.29 -19.68
C PRO A 466 40.01 9.72 -18.35
N SER A 467 39.14 8.71 -18.43
CA SER A 467 38.61 8.04 -17.26
C SER A 467 39.69 7.16 -16.62
N LEU A 468 40.05 7.48 -15.38
CA LEU A 468 41.04 6.71 -14.62
C LEU A 468 40.35 5.85 -13.57
N LEU A 469 40.62 4.54 -13.59
CA LEU A 469 39.97 3.59 -12.69
C LEU A 469 40.83 3.27 -11.47
N ARG A 470 40.23 3.32 -10.29
CA ARG A 470 40.84 2.78 -9.08
C ARG A 470 40.85 1.26 -9.20
N HIS A 471 41.67 0.60 -8.39
CA HIS A 471 41.82 -0.86 -8.49
C HIS A 471 40.53 -1.63 -8.19
N ASP A 472 39.77 -1.17 -7.20
CA ASP A 472 38.47 -1.78 -6.90
C ASP A 472 37.44 -1.57 -8.04
N GLU A 473 37.54 -0.45 -8.78
CA GLU A 473 36.72 -0.25 -9.98
C GLU A 473 37.05 -1.27 -11.08
N VAL A 474 38.34 -1.56 -11.26
CA VAL A 474 38.80 -2.62 -12.17
C VAL A 474 38.25 -3.98 -11.73
N ARG A 475 38.29 -4.24 -10.43
CA ARG A 475 37.75 -5.48 -9.86
C ARG A 475 36.24 -5.61 -10.07
N THR A 476 35.52 -4.53 -9.82
CA THR A 476 34.09 -4.44 -10.12
C THR A 476 33.81 -4.72 -11.61
N TYR A 477 34.64 -4.15 -12.49
CA TYR A 477 34.54 -4.37 -13.93
C TYR A 477 34.70 -5.87 -14.26
N PHE A 478 35.69 -6.50 -13.64
CA PHE A 478 35.90 -7.94 -13.79
C PHE A 478 34.76 -8.76 -13.20
N HIS A 479 34.27 -8.35 -12.04
CA HIS A 479 33.12 -8.99 -11.37
C HIS A 479 31.93 -9.13 -12.30
N GLN A 480 31.49 -8.00 -12.87
CA GLN A 480 30.31 -7.99 -13.72
C GLN A 480 30.54 -8.73 -15.03
N PHE A 481 31.76 -8.66 -15.56
CA PHE A 481 32.09 -9.40 -16.78
C PHE A 481 32.01 -10.92 -16.56
N GLY A 482 32.26 -11.37 -15.32
CA GLY A 482 32.00 -12.77 -14.94
C GLY A 482 30.55 -13.19 -15.08
N HIS A 483 29.63 -12.29 -14.72
CA HIS A 483 28.20 -12.49 -14.97
C HIS A 483 27.86 -12.47 -16.46
N VAL A 484 28.52 -11.57 -17.21
CA VAL A 484 28.32 -11.49 -18.66
C VAL A 484 28.69 -12.81 -19.32
N MET A 485 29.87 -13.33 -18.98
CA MET A 485 30.35 -14.60 -19.57
C MET A 485 29.48 -15.78 -19.17
N HIS A 486 28.95 -15.76 -17.96
CA HIS A 486 27.99 -16.77 -17.54
C HIS A 486 26.71 -16.71 -18.40
N GLN A 487 26.14 -15.51 -18.50
CA GLN A 487 24.94 -15.27 -19.33
C GLN A 487 25.11 -15.72 -20.78
N ILE A 488 26.28 -15.45 -21.36
CA ILE A 488 26.58 -15.74 -22.77
C ILE A 488 27.00 -17.19 -23.05
N CYS A 489 27.93 -17.74 -22.26
CA CYS A 489 28.39 -19.13 -22.46
C CYS A 489 27.32 -20.17 -22.12
N ALA A 490 26.35 -19.81 -21.26
CA ALA A 490 25.28 -20.73 -20.88
C ALA A 490 24.36 -21.05 -22.06
N GLN A 491 24.32 -22.33 -22.43
CA GLN A 491 23.40 -22.86 -23.46
C GLN A 491 22.56 -23.97 -22.86
N THR A 492 21.26 -23.72 -22.75
CA THR A 492 20.30 -24.68 -22.18
C THR A 492 19.12 -24.82 -23.12
N ASP A 493 18.33 -25.87 -22.95
CA ASP A 493 17.15 -26.10 -23.79
C ASP A 493 16.02 -25.11 -23.48
N PHE A 494 15.75 -24.90 -22.19
CA PHE A 494 14.63 -24.06 -21.72
C PHE A 494 15.09 -22.71 -21.21
N ALA A 495 14.20 -21.72 -21.30
CA ALA A 495 14.54 -20.33 -20.93
C ALA A 495 14.76 -20.15 -19.44
N ARG A 496 13.97 -20.84 -18.60
CA ARG A 496 14.06 -20.65 -17.15
C ARG A 496 15.37 -21.14 -16.55
N PHE A 497 16.05 -22.08 -17.22
CA PHE A 497 17.37 -22.57 -16.78
C PHE A 497 18.57 -21.87 -17.44
N SER A 498 18.34 -21.02 -18.43
CA SER A 498 19.41 -20.39 -19.19
C SER A 498 20.06 -19.25 -18.43
N GLY A 499 21.21 -18.84 -18.93
CA GLY A 499 21.97 -17.72 -18.40
C GLY A 499 22.37 -17.89 -16.95
N THR A 500 22.11 -16.84 -16.17
CA THR A 500 22.44 -16.77 -14.75
C THR A 500 21.34 -17.36 -13.84
N ASN A 501 20.30 -17.97 -14.38
CA ASN A 501 19.20 -18.52 -13.56
C ASN A 501 19.60 -19.77 -12.75
N VAL A 502 20.63 -19.63 -11.92
CA VAL A 502 21.11 -20.70 -11.05
C VAL A 502 20.56 -20.42 -9.64
N GLU A 503 21.00 -21.19 -8.66
CA GLU A 503 20.67 -20.91 -7.27
C GLU A 503 21.19 -19.51 -6.91
N THR A 504 20.47 -18.79 -6.06
CA THR A 504 20.86 -17.42 -5.70
C THR A 504 22.20 -17.38 -4.97
N ASP A 505 22.44 -18.36 -4.09
CA ASP A 505 23.72 -18.45 -3.40
C ASP A 505 24.86 -19.05 -4.25
N PHE A 506 24.54 -19.53 -5.46
CA PHE A 506 25.56 -19.93 -6.43
C PHE A 506 25.87 -18.86 -7.48
N VAL A 507 24.94 -17.94 -7.74
CA VAL A 507 25.07 -17.00 -8.86
C VAL A 507 26.29 -16.06 -8.82
N GLU A 508 26.87 -15.86 -7.64
CA GLU A 508 28.10 -15.06 -7.50
C GLU A 508 29.40 -15.87 -7.53
N VAL A 509 29.33 -17.15 -7.94
CA VAL A 509 30.54 -17.91 -8.23
C VAL A 509 31.27 -17.39 -9.48
N PRO A 510 30.56 -17.28 -10.63
CA PRO A 510 31.26 -16.84 -11.84
C PRO A 510 31.78 -15.41 -11.81
N SER A 511 31.14 -14.55 -11.03
CA SER A 511 31.53 -13.15 -10.95
C SER A 511 32.75 -12.96 -10.08
N GLN A 512 32.71 -13.53 -8.89
CA GLN A 512 33.83 -13.43 -7.94
C GLN A 512 35.07 -14.20 -8.39
N MET A 513 34.84 -15.26 -9.18
CA MET A 513 35.93 -16.02 -9.80
C MET A 513 36.88 -15.12 -10.57
N LEU A 514 36.31 -14.31 -11.46
CA LEU A 514 37.10 -13.42 -12.32
C LEU A 514 37.83 -12.30 -11.58
N GLU A 515 37.37 -11.92 -10.39
CA GLU A 515 38.11 -10.94 -9.57
C GLU A 515 39.54 -11.36 -9.24
N ASN A 516 39.79 -12.67 -9.20
CA ASN A 516 41.13 -13.22 -8.92
C ASN A 516 42.22 -12.81 -9.93
N TRP A 517 41.81 -12.52 -11.17
CA TRP A 517 42.73 -12.07 -12.22
C TRP A 517 43.18 -10.61 -12.03
N VAL A 518 42.49 -9.88 -11.15
CA VAL A 518 42.86 -8.51 -10.77
C VAL A 518 43.86 -8.50 -9.58
N TRP A 519 44.18 -9.66 -9.01
CA TRP A 519 45.21 -9.79 -7.96
C TRP A 519 46.45 -10.60 -8.40
N ASP A 520 46.68 -10.69 -9.72
CA ASP A 520 47.83 -11.41 -10.28
C ASP A 520 48.77 -10.42 -10.95
N VAL A 521 50.08 -10.63 -10.82
CA VAL A 521 51.09 -9.69 -11.29
C VAL A 521 51.11 -9.61 -12.82
N ASP A 522 51.24 -10.77 -13.47
CA ASP A 522 51.27 -10.83 -14.95
C ASP A 522 50.00 -10.24 -15.56
N SER A 523 48.85 -10.60 -14.99
CA SER A 523 47.55 -10.07 -15.42
C SER A 523 47.42 -8.56 -15.23
N LEU A 524 47.88 -8.06 -14.07
CA LEU A 524 47.85 -6.63 -13.76
C LEU A 524 48.73 -5.78 -14.67
N ARG A 525 49.92 -6.29 -15.02
CA ARG A 525 50.80 -5.63 -15.99
C ARG A 525 50.11 -5.56 -17.35
N ARG A 526 49.46 -6.67 -17.74
CA ARG A 526 48.69 -6.75 -18.98
C ARG A 526 47.52 -5.73 -19.02
N LEU A 527 46.92 -5.45 -17.86
CA LEU A 527 45.80 -4.49 -17.74
C LEU A 527 46.19 -3.02 -17.59
N SER A 528 47.47 -2.72 -17.35
CA SER A 528 47.89 -1.37 -16.96
C SER A 528 48.87 -0.70 -17.93
N LYS A 529 48.82 0.64 -17.95
CA LYS A 529 49.67 1.48 -18.77
C LYS A 529 49.40 2.92 -18.33
N HIS A 530 50.44 3.70 -18.07
CA HIS A 530 50.26 5.09 -17.65
C HIS A 530 49.65 5.90 -18.80
N TYR A 531 48.81 6.87 -18.46
CA TYR A 531 47.97 7.54 -19.46
C TYR A 531 48.71 8.61 -20.29
N LYS A 532 49.62 9.35 -19.66
CA LYS A 532 50.51 10.29 -20.38
C LYS A 532 51.65 9.60 -21.16
N ASP A 533 52.64 9.07 -20.44
CA ASP A 533 53.89 8.55 -21.06
C ASP A 533 53.85 7.09 -21.50
N GLY A 534 52.82 6.35 -21.09
CA GLY A 534 52.68 4.94 -21.47
C GLY A 534 53.54 3.95 -20.70
N SER A 535 54.16 4.39 -19.61
CA SER A 535 55.07 3.53 -18.84
C SER A 535 54.28 2.46 -18.06
N PRO A 536 54.94 1.33 -17.73
CA PRO A 536 54.29 0.30 -16.91
C PRO A 536 54.34 0.65 -15.43
N ILE A 537 53.53 -0.05 -14.64
CA ILE A 537 53.61 0.04 -13.18
C ILE A 537 54.93 -0.62 -12.80
N ALA A 538 55.62 -0.04 -11.82
CA ALA A 538 56.90 -0.56 -11.34
C ALA A 538 56.73 -1.97 -10.80
N ASP A 539 57.71 -2.85 -11.06
CA ASP A 539 57.69 -4.24 -10.54
C ASP A 539 57.46 -4.26 -9.03
N ASP A 540 58.12 -3.33 -8.32
CA ASP A 540 57.94 -3.15 -6.88
C ASP A 540 56.49 -2.91 -6.48
N LEU A 541 55.85 -1.92 -7.11
CA LEU A 541 54.48 -1.52 -6.77
C LEU A 541 53.42 -2.59 -7.10
N LEU A 542 53.67 -3.38 -8.14
CA LEU A 542 52.82 -4.52 -8.46
C LEU A 542 52.85 -5.59 -7.37
N GLU A 543 54.03 -5.85 -6.79
CA GLU A 543 54.14 -6.80 -5.66
C GLU A 543 53.30 -6.32 -4.49
N LYS A 544 53.48 -5.05 -4.14
CA LYS A 544 52.71 -4.40 -3.08
C LYS A 544 51.20 -4.47 -3.29
N LEU A 545 50.76 -4.28 -4.54
CA LEU A 545 49.33 -4.36 -4.87
C LEU A 545 48.77 -5.77 -4.66
N VAL A 546 49.47 -6.78 -5.17
CA VAL A 546 49.05 -8.18 -5.00
C VAL A 546 49.08 -8.58 -3.52
N ALA A 547 50.07 -8.11 -2.79
CA ALA A 547 50.19 -8.36 -1.34
C ALA A 547 49.12 -7.65 -0.52
N SER A 548 48.63 -6.50 -1.00
CA SER A 548 47.62 -5.72 -0.29
C SER A 548 46.20 -6.33 -0.30
N ARG A 549 45.98 -7.43 -1.02
CA ARG A 549 44.69 -8.16 -0.96
C ARG A 549 44.21 -8.45 0.47
N LEU A 550 45.15 -8.79 1.34
CA LEU A 550 44.85 -9.10 2.74
C LEU A 550 44.60 -7.89 3.63
N VAL A 551 44.96 -6.69 3.18
CA VAL A 551 44.84 -5.50 4.03
C VAL A 551 43.36 -5.20 4.33
N ASN A 552 43.07 -4.90 5.60
CA ASN A 552 41.71 -4.65 6.08
C ASN A 552 40.75 -5.84 5.88
N THR A 553 41.25 -7.03 5.53
CA THR A 553 40.36 -8.14 5.16
C THR A 553 39.45 -8.61 6.30
N GLY A 554 39.93 -8.49 7.54
CA GLY A 554 39.13 -8.79 8.71
C GLY A 554 37.86 -7.97 8.79
N LEU A 555 38.00 -6.64 8.85
CA LEU A 555 36.85 -5.73 8.95
C LEU A 555 35.97 -5.69 7.70
N LEU A 556 36.58 -5.85 6.52
CA LEU A 556 35.81 -5.92 5.27
C LEU A 556 34.92 -7.16 5.27
N THR A 557 35.50 -8.31 5.60
CA THR A 557 34.76 -9.57 5.68
C THR A 557 33.75 -9.58 6.85
N LEU A 558 34.14 -8.99 7.98
CA LEU A 558 33.24 -8.87 9.14
C LEU A 558 31.99 -8.03 8.82
N ARG A 559 32.14 -6.97 8.03
CA ARG A 559 30.99 -6.16 7.59
C ARG A 559 30.02 -6.98 6.72
N GLN A 560 30.57 -7.83 5.86
CA GLN A 560 29.74 -8.71 5.03
C GLN A 560 29.00 -9.75 5.85
N ILE A 561 29.62 -10.22 6.94
CA ILE A 561 28.94 -11.11 7.88
C ILE A 561 27.79 -10.37 8.59
N VAL A 562 28.02 -9.11 8.97
CA VAL A 562 26.95 -8.29 9.60
C VAL A 562 25.71 -8.21 8.70
N LEU A 563 25.93 -7.91 7.42
CA LEU A 563 24.84 -7.79 6.46
C LEU A 563 24.17 -9.14 6.24
N SER A 564 24.98 -10.19 6.12
CA SER A 564 24.46 -11.55 5.94
C SER A 564 23.61 -11.97 7.14
N LYS A 565 24.11 -11.70 8.34
CA LYS A 565 23.39 -12.01 9.59
C LYS A 565 22.09 -11.19 9.70
N VAL A 566 22.18 -9.88 9.43
CA VAL A 566 21.00 -9.01 9.48
C VAL A 566 19.91 -9.53 8.55
N ASP A 567 20.28 -9.75 7.29
CA ASP A 567 19.40 -10.32 6.27
C ASP A 567 18.68 -11.59 6.74
N GLN A 568 19.38 -12.47 7.44
CA GLN A 568 18.78 -13.69 8.02
C GLN A 568 17.84 -13.37 9.17
N SER A 569 18.28 -12.47 10.05
CA SER A 569 17.50 -12.09 11.22
C SER A 569 16.18 -11.41 10.84
N LEU A 570 16.23 -10.49 9.88
CA LEU A 570 15.03 -9.79 9.41
C LEU A 570 14.02 -10.70 8.70
N HIS A 571 14.46 -11.87 8.23
CA HIS A 571 13.58 -12.86 7.62
C HIS A 571 13.34 -14.11 8.47
N THR A 572 13.59 -14.01 9.77
CA THR A 572 13.26 -15.08 10.72
C THR A 572 12.37 -14.54 11.85
N ASN A 573 12.94 -13.69 12.70
CA ASN A 573 12.18 -13.03 13.76
C ASN A 573 11.73 -11.66 13.25
N THR A 574 10.52 -11.60 12.68
CA THR A 574 10.01 -10.39 12.02
C THR A 574 9.17 -9.46 12.92
N SER A 575 9.19 -9.70 14.23
CA SER A 575 8.71 -8.74 15.23
C SER A 575 9.90 -8.06 15.94
N LEU A 576 10.93 -7.71 15.16
CA LEU A 576 12.11 -6.97 15.65
C LEU A 576 12.37 -5.77 14.76
N ASP A 577 12.86 -4.69 15.38
CA ASP A 577 13.17 -3.46 14.65
C ASP A 577 14.42 -3.70 13.80
N ALA A 578 14.34 -3.34 12.51
CA ALA A 578 15.43 -3.59 11.57
C ALA A 578 16.70 -2.79 11.86
N ALA A 579 16.54 -1.52 12.20
CA ALA A 579 17.69 -0.67 12.56
C ALA A 579 18.37 -1.15 13.84
N SER A 580 17.57 -1.52 14.84
CA SER A 580 18.11 -2.09 16.08
C SER A 580 18.99 -3.30 15.79
N GLU A 581 18.45 -4.20 14.99
CA GLU A 581 19.10 -5.47 14.64
C GLU A 581 20.43 -5.25 13.91
N TYR A 582 20.45 -4.28 13.01
CA TYR A 582 21.68 -3.84 12.35
C TYR A 582 22.71 -3.29 13.35
N ALA A 583 22.27 -2.48 14.29
CA ALA A 583 23.15 -1.92 15.32
C ALA A 583 23.71 -2.99 16.26
N LYS A 584 22.93 -4.04 16.51
CA LYS A 584 23.35 -5.14 17.37
C LYS A 584 24.55 -5.87 16.77
N TYR A 585 24.41 -6.31 15.51
CA TYR A 585 25.49 -7.04 14.83
C TYR A 585 26.69 -6.16 14.48
N CYS A 586 26.44 -4.88 14.23
CA CYS A 586 27.51 -3.90 14.05
C CYS A 586 28.43 -3.84 15.28
N SER A 587 27.85 -3.80 16.47
CA SER A 587 28.66 -3.74 17.70
C SER A 587 29.24 -5.11 18.08
N GLU A 588 28.44 -6.17 17.94
CA GLU A 588 28.86 -7.53 18.38
C GLU A 588 29.87 -8.21 17.45
N ILE A 589 29.74 -8.01 16.15
CA ILE A 589 30.59 -8.68 15.16
C ILE A 589 31.66 -7.76 14.56
N LEU A 590 31.25 -6.57 14.11
CA LEU A 590 32.18 -5.63 13.45
C LEU A 590 32.97 -4.79 14.44
N GLY A 591 32.37 -4.46 15.58
CA GLY A 591 33.00 -3.60 16.58
C GLY A 591 33.06 -2.13 16.17
N VAL A 592 32.16 -1.72 15.28
CA VAL A 592 32.04 -0.33 14.84
C VAL A 592 30.54 -0.03 14.89
N ALA A 593 30.14 0.91 15.75
CA ALA A 593 28.71 1.12 16.03
C ALA A 593 27.98 1.79 14.87
N ALA A 594 26.73 1.38 14.64
CA ALA A 594 25.83 2.11 13.76
C ALA A 594 25.49 3.42 14.45
N THR A 595 25.41 4.51 13.69
CA THR A 595 25.23 5.83 14.28
C THR A 595 23.73 6.06 14.58
N PRO A 596 23.39 6.46 15.83
CA PRO A 596 21.99 6.71 16.21
C PRO A 596 21.23 7.59 15.22
N GLY A 597 20.00 7.17 14.90
CA GLY A 597 19.16 7.87 13.92
C GLY A 597 19.28 7.41 12.46
N THR A 598 20.28 6.59 12.14
CA THR A 598 20.46 6.05 10.79
C THR A 598 19.96 4.62 10.72
N ASN A 599 19.24 4.30 9.65
CA ASN A 599 18.78 2.94 9.37
C ASN A 599 19.39 2.45 8.05
N MET A 600 20.44 1.64 8.16
CA MET A 600 21.10 1.04 6.99
C MET A 600 20.18 0.07 6.23
N PRO A 601 19.46 -0.83 6.93
CA PRO A 601 18.48 -1.70 6.26
C PRO A 601 17.52 -1.01 5.26
N ALA A 602 17.09 0.21 5.56
CA ALA A 602 16.19 0.97 4.67
C ALA A 602 16.83 1.34 3.31
N THR A 603 18.17 1.33 3.25
CA THR A 603 18.93 1.52 2.01
C THR A 603 19.35 0.22 1.31
N PHE A 604 19.05 -0.92 1.93
CA PHE A 604 19.67 -2.20 1.59
C PHE A 604 18.92 -2.84 0.44
N GLY A 605 19.24 -2.39 -0.78
CA GLY A 605 18.52 -2.76 -2.00
C GLY A 605 18.48 -4.24 -2.34
N HIS A 606 19.43 -5.01 -1.83
CA HIS A 606 19.42 -6.47 -2.00
C HIS A 606 18.19 -7.13 -1.38
N LEU A 607 17.64 -6.54 -0.32
CA LEU A 607 16.42 -7.08 0.34
C LEU A 607 15.16 -7.01 -0.53
N ALA A 608 15.14 -6.13 -1.53
CA ALA A 608 14.01 -6.03 -2.46
C ALA A 608 14.37 -6.41 -3.90
N GLY A 609 15.62 -6.80 -4.15
CA GLY A 609 16.09 -7.20 -5.48
C GLY A 609 16.41 -8.69 -5.64
N GLY A 610 15.74 -9.54 -4.87
CA GLY A 610 15.86 -10.99 -5.04
C GLY A 610 17.00 -11.70 -4.31
N TYR A 611 17.70 -10.99 -3.43
CA TYR A 611 18.66 -11.60 -2.50
C TYR A 611 18.09 -11.62 -1.06
N ASP A 612 16.80 -11.35 -0.91
CA ASP A 612 16.08 -11.46 0.38
C ASP A 612 16.29 -12.83 1.08
N GLY A 613 16.89 -12.78 2.27
CA GLY A 613 17.31 -13.98 3.01
C GLY A 613 18.43 -14.78 2.35
N GLN A 614 19.13 -14.16 1.40
CA GLN A 614 20.10 -14.84 0.56
C GLN A 614 21.40 -14.04 0.37
N TYR A 615 21.62 -13.00 1.18
CA TYR A 615 22.82 -12.17 1.06
C TYR A 615 24.10 -12.93 1.44
N TYR A 616 23.98 -13.93 2.32
CA TYR A 616 25.09 -14.86 2.61
C TYR A 616 25.72 -15.46 1.33
N GLY A 617 24.92 -15.58 0.27
CA GLY A 617 25.34 -16.10 -1.02
C GLY A 617 26.62 -15.58 -1.64
N TYR A 618 27.00 -14.33 -1.33
CA TYR A 618 28.29 -13.81 -1.76
C TYR A 618 29.43 -14.59 -1.12
N LEU A 619 29.45 -14.61 0.21
CA LEU A 619 30.44 -15.35 0.98
C LEU A 619 30.35 -16.85 0.69
N TRP A 620 29.14 -17.38 0.63
CA TRP A 620 28.91 -18.78 0.28
C TRP A 620 29.56 -19.13 -1.04
N SER A 621 29.34 -18.29 -2.05
CA SER A 621 29.94 -18.45 -3.38
C SER A 621 31.46 -18.31 -3.39
N GLU A 622 31.99 -17.36 -2.61
CA GLU A 622 33.44 -17.09 -2.56
C GLU A 622 34.26 -18.30 -2.10
N VAL A 623 33.66 -19.15 -1.26
CA VAL A 623 34.28 -20.43 -0.87
C VAL A 623 34.50 -21.30 -2.11
N PHE A 624 33.48 -21.39 -2.95
CA PHE A 624 33.52 -22.18 -4.18
C PHE A 624 34.42 -21.54 -5.25
N SER A 625 34.46 -20.21 -5.30
CA SER A 625 35.29 -19.51 -6.28
C SER A 625 36.78 -19.65 -5.95
N MET A 626 37.14 -19.47 -4.68
CA MET A 626 38.54 -19.64 -4.25
C MET A 626 39.01 -21.08 -4.34
N ASP A 627 38.14 -22.03 -3.98
CA ASP A 627 38.49 -23.45 -4.04
C ASP A 627 38.81 -23.86 -5.47
N MET A 628 37.99 -23.41 -6.41
CA MET A 628 38.24 -23.65 -7.83
C MET A 628 39.51 -22.94 -8.33
N PHE A 629 39.67 -21.66 -7.98
CA PHE A 629 40.82 -20.86 -8.44
C PHE A 629 42.17 -21.42 -7.99
N TYR A 630 42.28 -21.76 -6.70
CA TYR A 630 43.52 -22.30 -6.14
C TYR A 630 43.80 -23.72 -6.64
N SER A 631 42.78 -24.59 -6.62
CA SER A 631 42.95 -26.01 -6.95
C SER A 631 43.28 -26.31 -8.41
N CYS A 632 42.69 -25.57 -9.34
CA CYS A 632 42.85 -25.83 -10.78
C CYS A 632 43.59 -24.73 -11.53
N PHE A 633 43.12 -23.49 -11.44
CA PHE A 633 43.69 -22.39 -12.23
C PHE A 633 45.10 -22.01 -11.78
N LYS A 634 45.28 -21.79 -10.48
CA LYS A 634 46.57 -21.34 -9.93
C LYS A 634 47.63 -22.47 -9.98
N LYS A 635 47.18 -23.72 -9.94
CA LYS A 635 48.05 -24.88 -10.12
C LYS A 635 48.61 -24.91 -11.53
N GLU A 636 47.72 -25.00 -12.52
CA GLU A 636 48.11 -25.23 -13.92
C GLU A 636 48.21 -23.95 -14.77
N GLY A 637 48.51 -22.82 -14.14
CA GLY A 637 48.65 -21.54 -14.86
C GLY A 637 47.31 -20.87 -15.10
N ILE A 638 47.16 -19.63 -14.62
CA ILE A 638 45.85 -18.96 -14.63
C ILE A 638 45.32 -18.55 -16.01
N MET A 639 46.18 -18.60 -17.04
CA MET A 639 45.79 -18.35 -18.44
C MET A 639 45.75 -19.62 -19.30
N ASN A 640 45.71 -20.80 -18.67
CA ASN A 640 45.69 -22.10 -19.36
C ASN A 640 44.33 -22.34 -20.04
N PRO A 641 44.31 -22.46 -21.39
CA PRO A 641 43.04 -22.68 -22.12
C PRO A 641 42.25 -23.96 -21.79
N GLU A 642 42.93 -25.05 -21.45
CA GLU A 642 42.25 -26.31 -21.10
C GLU A 642 41.46 -26.21 -19.78
N VAL A 643 42.03 -25.50 -18.80
CA VAL A 643 41.35 -25.25 -17.53
C VAL A 643 40.21 -24.23 -17.74
N GLY A 644 40.50 -23.17 -18.50
CA GLY A 644 39.50 -22.18 -18.86
C GLY A 644 38.32 -22.73 -19.65
N MET A 645 38.59 -23.66 -20.57
CA MET A 645 37.52 -24.35 -21.32
C MET A 645 36.77 -25.36 -20.45
N LYS A 646 37.47 -25.99 -19.51
CA LYS A 646 36.86 -26.88 -18.53
C LYS A 646 35.90 -26.11 -17.60
N TYR A 647 36.32 -24.90 -17.22
CA TYR A 647 35.48 -23.97 -16.46
C TYR A 647 34.26 -23.51 -17.25
N ARG A 648 34.48 -23.10 -18.51
CA ARG A 648 33.39 -22.69 -19.38
C ARG A 648 32.36 -23.80 -19.57
N ASN A 649 32.82 -25.03 -19.81
CA ASN A 649 31.91 -26.14 -20.14
C ASN A 649 31.18 -26.72 -18.94
N LEU A 650 31.82 -26.74 -17.78
CA LEU A 650 31.24 -27.38 -16.59
C LEU A 650 30.49 -26.42 -15.64
N ILE A 651 30.87 -25.14 -15.64
CA ILE A 651 30.28 -24.14 -14.74
C ILE A 651 29.40 -23.14 -15.49
N LEU A 652 29.89 -22.57 -16.58
CA LEU A 652 29.12 -21.56 -17.31
C LEU A 652 28.08 -22.18 -18.25
N LYS A 653 28.50 -23.12 -19.08
CA LYS A 653 27.65 -23.68 -20.15
C LYS A 653 26.30 -24.30 -19.71
N PRO A 654 26.28 -25.08 -18.60
CA PRO A 654 25.00 -25.70 -18.22
C PRO A 654 23.92 -24.72 -17.72
N GLY A 655 24.31 -23.52 -17.27
CA GLY A 655 23.37 -22.58 -16.69
C GLY A 655 22.78 -23.16 -15.40
N GLY A 656 21.48 -22.97 -15.23
CA GLY A 656 20.72 -23.61 -14.14
C GLY A 656 20.04 -24.92 -14.53
N SER A 657 20.50 -25.57 -15.60
CA SER A 657 20.01 -26.90 -15.99
C SER A 657 20.55 -28.02 -15.10
N LEU A 658 21.59 -27.72 -14.31
CA LEU A 658 22.09 -28.64 -13.29
C LEU A 658 22.19 -27.89 -11.97
N ASP A 659 22.21 -28.64 -10.87
CA ASP A 659 22.41 -28.06 -9.54
C ASP A 659 23.83 -27.50 -9.43
N GLY A 660 24.00 -26.50 -8.58
CA GLY A 660 25.29 -25.84 -8.42
C GLY A 660 26.35 -26.76 -7.89
N MET A 661 25.98 -27.58 -6.91
CA MET A 661 26.91 -28.49 -6.23
C MET A 661 27.34 -29.65 -7.14
N ASP A 662 26.45 -30.08 -8.04
CA ASP A 662 26.81 -31.06 -9.08
C ASP A 662 27.79 -30.46 -10.08
N MET A 663 27.56 -29.21 -10.47
CA MET A 663 28.48 -28.50 -11.37
C MET A 663 29.85 -28.23 -10.74
N LEU A 664 29.89 -28.02 -9.43
CA LEU A 664 31.16 -27.97 -8.68
C LEU A 664 31.83 -29.33 -8.61
N HIS A 665 31.04 -30.39 -8.44
CA HIS A 665 31.57 -31.75 -8.42
C HIS A 665 32.20 -32.13 -9.76
N ASN A 666 31.53 -31.81 -10.87
CA ASN A 666 32.06 -32.10 -12.21
C ASN A 666 33.41 -31.41 -12.49
N PHE A 667 33.56 -30.18 -11.99
CA PHE A 667 34.78 -29.39 -12.19
C PHE A 667 35.89 -29.89 -11.27
N LEU A 668 35.59 -29.95 -9.97
CA LEU A 668 36.58 -30.31 -8.94
C LEU A 668 36.82 -31.82 -8.82
N LYS A 669 35.92 -32.64 -9.36
CA LYS A 669 35.96 -34.11 -9.21
C LYS A 669 35.80 -34.53 -7.74
N ARG A 670 35.16 -33.68 -6.94
CA ARG A 670 34.97 -33.89 -5.49
C ARG A 670 34.07 -32.78 -4.95
N GLU A 671 33.62 -32.93 -3.70
CA GLU A 671 32.89 -31.84 -3.04
C GLU A 671 33.87 -30.74 -2.60
N PRO A 672 33.43 -29.47 -2.61
CA PRO A 672 34.33 -28.36 -2.23
C PRO A 672 34.60 -28.28 -0.72
N ASN A 673 35.55 -27.43 -0.35
CA ASN A 673 35.90 -27.18 1.05
C ASN A 673 36.45 -25.76 1.21
N GLN A 674 36.66 -25.37 2.46
CA GLN A 674 37.04 -24.00 2.78
C GLN A 674 38.54 -23.72 2.79
N LYS A 675 39.38 -24.74 2.55
CA LYS A 675 40.84 -24.58 2.62
C LYS A 675 41.36 -23.39 1.83
N ALA A 676 40.98 -23.34 0.55
CA ALA A 676 41.40 -22.27 -0.36
C ALA A 676 40.88 -20.90 0.08
N PHE A 677 39.60 -20.86 0.45
CA PHE A 677 38.98 -19.64 0.96
C PHE A 677 39.72 -19.09 2.18
N LEU A 678 40.05 -19.98 3.12
CA LEU A 678 40.74 -19.59 4.35
C LEU A 678 42.17 -19.09 4.06
N MET A 679 42.90 -19.79 3.19
CA MET A 679 44.23 -19.35 2.74
C MET A 679 44.21 -17.97 2.09
N SER A 680 43.15 -17.66 1.36
CA SER A 680 42.99 -16.35 0.73
C SER A 680 42.79 -15.21 1.74
N ARG A 681 42.34 -15.55 2.95
CA ARG A 681 42.20 -14.59 4.07
C ARG A 681 43.40 -14.57 5.03
N GLY A 682 44.17 -15.66 5.09
CA GLY A 682 45.33 -15.78 5.97
C GLY A 682 44.96 -16.46 7.27
N LEU A 683 44.42 -17.67 7.13
CA LEU A 683 43.88 -18.46 8.26
C LEU A 683 44.29 -19.94 8.08
N HIS A 684 43.67 -20.86 8.82
CA HIS A 684 43.94 -22.30 8.69
C HIS A 684 42.82 -23.20 9.20
N ALA A 685 42.85 -24.47 8.76
CA ALA A 685 41.86 -25.49 9.14
C ALA A 685 42.37 -26.89 8.81
N SER B 19 -47.66 -17.84 11.95
CA SER B 19 -46.25 -17.55 11.57
C SER B 19 -45.49 -16.83 12.68
N SER B 20 -44.17 -16.80 12.55
CA SER B 20 -43.28 -16.18 13.54
C SER B 20 -43.29 -14.62 13.52
N SER B 21 -44.03 -14.02 12.58
CA SER B 21 -44.11 -12.56 12.47
C SER B 21 -44.85 -11.83 13.62
N TYR B 22 -45.58 -12.55 14.48
CA TYR B 22 -46.24 -11.95 15.66
C TYR B 22 -45.47 -12.11 16.98
N THR B 23 -44.24 -12.64 16.91
CA THR B 23 -43.42 -12.87 18.10
C THR B 23 -41.99 -12.36 17.87
N VAL B 24 -41.27 -12.16 18.98
CA VAL B 24 -39.88 -11.67 18.94
C VAL B 24 -38.83 -12.78 19.17
N ALA B 25 -39.19 -13.82 19.93
CA ALA B 25 -38.23 -14.83 20.42
C ALA B 25 -37.58 -15.64 19.30
N GLY B 26 -36.25 -15.77 19.36
CA GLY B 26 -35.46 -16.52 18.37
C GLY B 26 -35.05 -15.77 17.11
N ARG B 27 -35.68 -14.63 16.84
CA ARG B 27 -35.52 -13.91 15.58
C ARG B 27 -34.31 -12.97 15.60
N ASN B 28 -33.86 -12.57 16.79
CA ASN B 28 -32.59 -11.84 16.95
C ASN B 28 -31.50 -12.87 17.19
N VAL B 29 -30.77 -13.21 16.13
CA VAL B 29 -29.73 -14.25 16.14
C VAL B 29 -28.39 -13.73 16.70
N LEU B 30 -28.29 -12.41 16.92
CA LEU B 30 -27.01 -11.76 17.18
C LEU B 30 -26.47 -11.99 18.59
N ARG B 31 -25.15 -12.18 18.67
CA ARG B 31 -24.41 -12.42 19.92
C ARG B 31 -23.17 -11.53 19.96
N TRP B 32 -22.92 -10.87 21.11
CA TRP B 32 -21.81 -9.91 21.28
C TRP B 32 -20.76 -10.34 22.31
N ASP B 33 -20.76 -11.62 22.71
CA ASP B 33 -19.81 -12.12 23.72
C ASP B 33 -18.75 -13.04 23.09
N LEU B 34 -18.27 -12.67 21.90
CA LEU B 34 -17.30 -13.45 21.14
C LEU B 34 -15.89 -13.01 21.49
N SER B 35 -15.00 -13.99 21.66
CA SER B 35 -13.57 -13.75 21.87
C SER B 35 -12.89 -13.35 20.56
N PRO B 36 -11.64 -12.86 20.63
CA PRO B 36 -10.83 -12.66 19.43
C PRO B 36 -10.59 -13.92 18.59
N GLU B 37 -10.52 -15.09 19.24
CA GLU B 37 -10.25 -16.37 18.56
C GLU B 37 -11.53 -16.94 17.96
N GLN B 38 -12.65 -16.76 18.65
CA GLN B 38 -13.97 -17.13 18.12
C GLN B 38 -14.31 -16.37 16.84
N ILE B 39 -14.04 -15.06 16.83
CA ILE B 39 -14.23 -14.20 15.65
C ILE B 39 -13.42 -14.74 14.46
N LYS B 40 -12.16 -15.06 14.70
CA LYS B 40 -11.25 -15.54 13.66
C LYS B 40 -11.70 -16.87 13.07
N THR B 41 -12.08 -17.82 13.93
CA THR B 41 -12.51 -19.14 13.47
C THR B 41 -13.92 -19.12 12.86
N ARG B 42 -14.79 -18.21 13.33
CA ARG B 42 -16.09 -18.00 12.67
C ARG B 42 -15.99 -17.26 11.33
N THR B 43 -14.91 -16.48 11.15
CA THR B 43 -14.60 -15.87 9.85
C THR B 43 -14.25 -16.94 8.81
N GLU B 44 -13.29 -17.80 9.11
CA GLU B 44 -12.87 -18.86 8.17
C GLU B 44 -13.97 -19.90 7.94
N GLU B 45 -14.75 -20.21 8.98
CA GLU B 45 -15.97 -21.05 8.85
C GLU B 45 -17.00 -20.43 7.90
N LEU B 46 -17.26 -19.14 8.08
CA LEU B 46 -18.20 -18.41 7.22
C LEU B 46 -17.78 -18.37 5.75
N ILE B 47 -16.47 -18.32 5.50
CA ILE B 47 -15.92 -18.38 4.15
C ILE B 47 -16.17 -19.75 3.51
N VAL B 48 -16.00 -20.82 4.28
CA VAL B 48 -16.25 -22.18 3.80
C VAL B 48 -17.73 -22.38 3.48
N GLN B 49 -18.59 -22.05 4.44
CA GLN B 49 -20.05 -22.25 4.29
C GLN B 49 -20.63 -21.46 3.11
N THR B 50 -20.11 -20.26 2.89
CA THR B 50 -20.63 -19.36 1.87
C THR B 50 -20.06 -19.65 0.47
N LYS B 51 -18.77 -19.95 0.38
CA LYS B 51 -18.16 -20.33 -0.91
C LYS B 51 -18.80 -21.60 -1.47
N GLN B 52 -19.10 -22.56 -0.59
CA GLN B 52 -19.82 -23.79 -0.92
C GLN B 52 -21.03 -23.54 -1.83
N VAL B 53 -21.86 -22.58 -1.43
CA VAL B 53 -23.06 -22.19 -2.18
C VAL B 53 -22.67 -21.60 -3.54
N TYR B 54 -21.72 -20.67 -3.56
CA TYR B 54 -21.23 -20.06 -4.81
C TYR B 54 -20.57 -21.08 -5.74
N ASP B 55 -19.83 -22.05 -5.18
CA ASP B 55 -19.21 -23.13 -5.95
C ASP B 55 -20.25 -24.05 -6.59
N ALA B 56 -21.30 -24.38 -5.84
CA ALA B 56 -22.42 -25.19 -6.35
C ALA B 56 -23.10 -24.56 -7.57
N VAL B 57 -23.32 -23.24 -7.52
CA VAL B 57 -23.96 -22.51 -8.62
C VAL B 57 -23.04 -22.42 -9.85
N GLY B 58 -21.74 -22.18 -9.62
CA GLY B 58 -20.73 -22.21 -10.68
C GLY B 58 -20.53 -23.57 -11.35
N MET B 59 -20.82 -24.64 -10.61
CA MET B 59 -20.77 -26.02 -11.14
C MET B 59 -21.97 -26.39 -12.04
N LEU B 60 -23.13 -25.76 -11.84
CA LEU B 60 -24.31 -25.98 -12.68
C LEU B 60 -24.02 -25.61 -14.13
N GLY B 61 -24.44 -26.47 -15.06
CA GLY B 61 -24.31 -26.19 -16.49
C GLY B 61 -25.26 -25.08 -16.89
N ILE B 62 -24.88 -24.32 -17.92
CA ILE B 62 -25.66 -23.16 -18.37
C ILE B 62 -27.09 -23.55 -18.80
N GLU B 63 -27.26 -24.77 -19.32
CA GLU B 63 -28.58 -25.31 -19.64
C GLU B 63 -29.41 -25.65 -18.40
N GLU B 64 -28.71 -26.08 -17.34
CA GLU B 64 -29.33 -26.56 -16.10
C GLU B 64 -29.87 -25.45 -15.16
N VAL B 65 -29.46 -24.19 -15.37
CA VAL B 65 -29.83 -23.10 -14.45
C VAL B 65 -31.31 -22.69 -14.51
N THR B 66 -31.84 -22.31 -13.36
CA THR B 66 -33.24 -21.90 -13.19
C THR B 66 -33.35 -20.92 -12.02
N TYR B 67 -34.55 -20.37 -11.80
CA TYR B 67 -34.82 -19.45 -10.67
C TYR B 67 -34.40 -20.04 -9.33
N GLU B 68 -34.83 -21.27 -9.05
CA GLU B 68 -34.62 -21.89 -7.74
C GLU B 68 -33.16 -22.26 -7.43
N ASN B 69 -32.46 -22.86 -8.40
CA ASN B 69 -31.08 -23.33 -8.17
C ASN B 69 -29.97 -22.27 -8.33
N CYS B 70 -30.26 -21.18 -9.04
CA CYS B 70 -29.29 -20.09 -9.30
C CYS B 70 -29.63 -18.78 -8.58
N LEU B 71 -30.84 -18.25 -8.84
CA LEU B 71 -31.24 -16.93 -8.31
C LEU B 71 -31.58 -16.97 -6.83
N GLN B 72 -32.51 -17.86 -6.45
CA GLN B 72 -32.92 -18.05 -5.07
C GLN B 72 -31.76 -18.54 -4.20
N ALA B 73 -30.96 -19.45 -4.74
CA ALA B 73 -29.80 -20.02 -4.02
C ALA B 73 -28.80 -18.95 -3.57
N LEU B 74 -28.53 -18.00 -4.46
CA LEU B 74 -27.68 -16.85 -4.14
C LEU B 74 -28.36 -15.88 -3.17
N ALA B 75 -29.64 -15.58 -3.42
CA ALA B 75 -30.42 -14.70 -2.54
C ALA B 75 -30.52 -15.23 -1.09
N ASP B 76 -30.66 -16.54 -0.94
CA ASP B 76 -30.77 -17.18 0.38
C ASP B 76 -29.47 -17.05 1.18
N VAL B 77 -28.33 -17.29 0.53
CA VAL B 77 -27.02 -17.25 1.19
C VAL B 77 -26.57 -15.82 1.52
N GLU B 78 -26.97 -14.85 0.70
CA GLU B 78 -26.77 -13.44 1.01
C GLU B 78 -27.30 -13.11 2.40
N VAL B 79 -28.50 -13.57 2.74
CA VAL B 79 -29.09 -13.35 4.06
C VAL B 79 -28.24 -14.05 5.15
N LYS B 80 -27.99 -15.34 4.94
CA LYS B 80 -27.17 -16.14 5.86
C LYS B 80 -25.81 -15.49 6.14
N TYR B 81 -25.16 -15.04 5.07
CA TYR B 81 -23.85 -14.40 5.13
C TYR B 81 -23.88 -13.05 5.87
N ILE B 82 -24.85 -12.20 5.51
CA ILE B 82 -24.98 -10.86 6.10
C ILE B 82 -25.14 -10.89 7.63
N VAL B 83 -26.01 -11.77 8.12
CA VAL B 83 -26.31 -11.86 9.54
C VAL B 83 -25.07 -12.29 10.33
N GLU B 84 -24.40 -13.34 9.83
CA GLU B 84 -23.18 -13.85 10.46
C GLU B 84 -22.06 -12.82 10.40
N ARG B 85 -21.95 -12.15 9.27
CA ARG B 85 -20.93 -11.12 9.06
C ARG B 85 -21.01 -9.98 10.09
N THR B 86 -22.21 -9.56 10.47
CA THR B 86 -22.35 -8.42 11.40
C THR B 86 -21.79 -8.71 12.81
N MET B 87 -21.86 -9.96 13.25
CA MET B 87 -21.22 -10.37 14.50
C MET B 87 -19.68 -10.31 14.44
N LEU B 88 -19.14 -10.37 13.22
CA LEU B 88 -17.70 -10.21 12.96
C LEU B 88 -17.31 -8.77 12.59
N ASP B 89 -18.15 -8.07 11.81
CA ASP B 89 -17.97 -6.64 11.45
C ASP B 89 -18.08 -5.69 12.62
N PHE B 90 -19.20 -5.79 13.31
CA PHE B 90 -19.69 -4.71 14.19
C PHE B 90 -18.86 -4.47 15.45
N PRO B 91 -18.33 -5.52 16.10
CA PRO B 91 -17.58 -5.31 17.35
C PRO B 91 -16.47 -4.25 17.31
N GLN B 92 -15.82 -4.07 16.16
CA GLN B 92 -14.79 -3.02 16.00
C GLN B 92 -15.30 -1.59 16.28
N HIS B 93 -16.60 -1.36 16.11
CA HIS B 93 -17.22 -0.05 16.34
C HIS B 93 -17.74 0.16 17.77
N VAL B 94 -17.96 -0.91 18.53
CA VAL B 94 -18.69 -0.82 19.81
C VAL B 94 -18.07 -1.52 21.04
N SER B 95 -17.41 -2.66 20.85
CA SER B 95 -16.87 -3.43 21.97
C SER B 95 -15.79 -2.66 22.72
N SER B 96 -15.81 -2.73 24.05
CA SER B 96 -14.84 -2.03 24.90
C SER B 96 -13.50 -2.77 25.09
N ASP B 97 -13.36 -3.98 24.51
CA ASP B 97 -12.09 -4.71 24.49
C ASP B 97 -11.34 -4.42 23.20
N LYS B 98 -10.10 -3.93 23.32
CA LYS B 98 -9.23 -3.59 22.17
C LYS B 98 -8.88 -4.79 21.30
N GLU B 99 -8.57 -5.91 21.94
CA GLU B 99 -8.20 -7.14 21.22
C GLU B 99 -9.38 -7.69 20.41
N VAL B 100 -10.60 -7.52 20.92
CA VAL B 100 -11.83 -7.87 20.20
C VAL B 100 -12.06 -6.93 19.00
N ARG B 101 -11.83 -5.63 19.21
CA ARG B 101 -11.92 -4.65 18.13
C ARG B 101 -10.90 -4.90 17.00
N ALA B 102 -9.70 -5.35 17.35
CA ALA B 102 -8.66 -5.66 16.34
C ALA B 102 -9.01 -6.88 15.51
N ALA B 103 -9.53 -7.93 16.15
CA ALA B 103 -9.98 -9.16 15.49
C ALA B 103 -11.17 -8.90 14.57
N SER B 104 -12.10 -8.07 15.03
CA SER B 104 -13.23 -7.63 14.21
C SER B 104 -12.79 -6.80 13.01
N THR B 105 -11.73 -5.99 13.17
CA THR B 105 -11.14 -5.25 12.05
C THR B 105 -10.46 -6.20 11.05
N GLU B 106 -9.75 -7.22 11.55
CA GLU B 106 -9.10 -8.21 10.68
C GLU B 106 -10.12 -9.08 9.95
N ALA B 107 -11.20 -9.45 10.63
CA ALA B 107 -12.30 -10.18 10.00
C ALA B 107 -12.92 -9.35 8.88
N ASP B 108 -13.20 -8.08 9.19
CA ASP B 108 -13.72 -7.12 8.19
C ASP B 108 -12.83 -7.04 6.95
N LYS B 109 -11.51 -6.99 7.16
CA LYS B 109 -10.55 -6.94 6.05
C LYS B 109 -10.58 -8.22 5.23
N ARG B 110 -10.59 -9.37 5.91
CA ARG B 110 -10.62 -10.68 5.25
C ARG B 110 -11.92 -10.93 4.52
N LEU B 111 -13.03 -10.67 5.19
CA LEU B 111 -14.37 -10.88 4.62
C LEU B 111 -14.65 -9.98 3.41
N SER B 112 -14.10 -8.76 3.44
CA SER B 112 -14.18 -7.84 2.30
C SER B 112 -13.41 -8.37 1.09
N ARG B 113 -12.25 -8.97 1.33
CA ARG B 113 -11.52 -9.64 0.24
C ARG B 113 -12.29 -10.86 -0.25
N PHE B 114 -12.96 -11.57 0.67
CA PHE B 114 -13.84 -12.67 0.29
C PHE B 114 -15.05 -12.22 -0.54
N ASP B 115 -15.67 -11.08 -0.18
CA ASP B 115 -16.78 -10.50 -0.98
C ASP B 115 -16.36 -10.23 -2.41
N ILE B 116 -15.22 -9.56 -2.55
CA ILE B 116 -14.70 -9.18 -3.85
C ILE B 116 -14.47 -10.41 -4.73
N GLU B 117 -13.94 -11.50 -4.14
CA GLU B 117 -13.77 -12.77 -4.86
C GLU B 117 -15.09 -13.33 -5.37
N MET B 118 -16.10 -13.38 -4.49
CA MET B 118 -17.41 -13.94 -4.85
C MET B 118 -18.17 -13.09 -5.85
N SER B 119 -18.09 -11.77 -5.70
CA SER B 119 -18.79 -10.85 -6.60
C SER B 119 -18.20 -10.88 -8.03
N MET B 120 -16.90 -11.12 -8.13
CA MET B 120 -16.20 -11.09 -9.43
C MET B 120 -16.09 -12.44 -10.14
N ARG B 121 -16.86 -13.43 -9.69
CA ARG B 121 -16.90 -14.73 -10.34
C ARG B 121 -17.62 -14.65 -11.69
N GLY B 122 -16.87 -14.82 -12.77
CA GLY B 122 -17.41 -14.77 -14.13
C GLY B 122 -18.39 -15.89 -14.48
N ASP B 123 -18.22 -17.04 -13.84
CA ASP B 123 -19.16 -18.17 -14.01
C ASP B 123 -20.57 -17.87 -13.46
N ILE B 124 -20.67 -17.22 -12.30
CA ILE B 124 -21.97 -16.80 -11.76
C ILE B 124 -22.57 -15.71 -12.65
N PHE B 125 -21.75 -14.74 -13.06
CA PHE B 125 -22.21 -13.67 -13.95
C PHE B 125 -22.78 -14.22 -15.25
N GLU B 126 -22.03 -15.12 -15.90
CA GLU B 126 -22.44 -15.76 -17.17
C GLU B 126 -23.79 -16.49 -17.05
N ARG B 127 -24.04 -17.10 -15.89
CA ARG B 127 -25.30 -17.82 -15.63
C ARG B 127 -26.48 -16.89 -15.38
N ILE B 128 -26.25 -15.82 -14.61
CA ILE B 128 -27.28 -14.81 -14.34
C ILE B 128 -27.68 -14.07 -15.62
N VAL B 129 -26.70 -13.78 -16.48
CA VAL B 129 -26.95 -13.18 -17.79
C VAL B 129 -27.77 -14.11 -18.70
N HIS B 130 -27.45 -15.41 -18.66
CA HIS B 130 -28.20 -16.42 -19.41
C HIS B 130 -29.62 -16.57 -18.87
N LEU B 131 -29.76 -16.59 -17.55
CA LEU B 131 -31.06 -16.79 -16.90
C LEU B 131 -32.05 -15.68 -17.27
N GLN B 132 -31.58 -14.44 -17.30
CA GLN B 132 -32.42 -13.30 -17.72
C GLN B 132 -32.93 -13.44 -19.16
N GLU B 133 -32.05 -13.85 -20.07
CA GLU B 133 -32.39 -14.04 -21.48
C GLU B 133 -33.43 -15.16 -21.70
N THR B 134 -33.32 -16.26 -20.93
CA THR B 134 -34.20 -17.43 -21.08
C THR B 134 -35.49 -17.33 -20.26
N CYS B 135 -35.35 -17.05 -18.96
CA CYS B 135 -36.49 -17.09 -18.02
C CYS B 135 -37.62 -16.12 -18.39
N ASP B 136 -38.87 -16.52 -18.11
CA ASP B 136 -40.04 -15.67 -18.32
C ASP B 136 -40.11 -14.66 -17.18
N LEU B 137 -39.81 -13.40 -17.50
CA LEU B 137 -39.64 -12.35 -16.48
C LEU B 137 -40.97 -11.85 -15.88
N GLY B 138 -42.07 -11.99 -16.62
CA GLY B 138 -43.40 -11.72 -16.09
C GLY B 138 -43.87 -12.72 -15.03
N LYS B 139 -43.38 -13.97 -15.12
CA LYS B 139 -43.75 -15.04 -14.17
C LYS B 139 -43.22 -14.86 -12.75
N ILE B 140 -42.24 -13.98 -12.57
CA ILE B 140 -41.62 -13.72 -11.25
C ILE B 140 -41.96 -12.32 -10.77
N LYS B 141 -41.84 -12.12 -9.46
CA LYS B 141 -42.20 -10.84 -8.80
C LYS B 141 -41.42 -9.63 -9.39
N PRO B 142 -42.00 -8.41 -9.29
CA PRO B 142 -41.29 -7.23 -9.83
C PRO B 142 -39.95 -6.93 -9.13
N GLU B 143 -39.85 -7.33 -7.86
CA GLU B 143 -38.60 -7.21 -7.09
C GLU B 143 -37.53 -8.22 -7.52
N ALA B 144 -37.95 -9.42 -7.96
CA ALA B 144 -37.03 -10.44 -8.47
C ALA B 144 -36.41 -10.06 -9.81
N ARG B 145 -37.18 -9.39 -10.68
CA ARG B 145 -36.64 -8.79 -11.91
C ARG B 145 -35.58 -7.74 -11.58
N ARG B 146 -35.90 -6.88 -10.62
CA ARG B 146 -34.96 -5.86 -10.13
C ARG B 146 -33.69 -6.50 -9.53
N TYR B 147 -33.85 -7.55 -8.72
CA TYR B 147 -32.70 -8.30 -8.19
C TYR B 147 -31.78 -8.79 -9.33
N LEU B 148 -32.39 -9.35 -10.36
CA LEU B 148 -31.67 -9.89 -11.51
C LEU B 148 -31.01 -8.79 -12.34
N GLU B 149 -31.75 -7.71 -12.61
CA GLU B 149 -31.22 -6.55 -13.38
C GLU B 149 -30.04 -5.86 -12.68
N LYS B 150 -30.12 -5.72 -11.35
CA LYS B 150 -29.06 -5.10 -10.56
C LYS B 150 -27.86 -6.02 -10.39
N SER B 151 -28.08 -7.33 -10.28
CA SER B 151 -26.98 -8.30 -10.29
C SER B 151 -26.13 -8.23 -11.55
N ILE B 152 -26.78 -8.01 -12.71
CA ILE B 152 -26.09 -7.81 -13.98
C ILE B 152 -25.36 -6.46 -14.01
N LYS B 153 -25.99 -5.43 -13.46
CA LYS B 153 -25.39 -4.10 -13.39
C LYS B 153 -24.14 -4.11 -12.48
N MET B 154 -24.24 -4.77 -11.32
CA MET B 154 -23.08 -4.97 -10.44
C MET B 154 -21.98 -5.77 -11.15
N GLY B 155 -22.38 -6.76 -11.95
CA GLY B 155 -21.46 -7.50 -12.80
C GLY B 155 -20.66 -6.58 -13.73
N LYS B 156 -21.38 -5.73 -14.47
CA LYS B 156 -20.74 -4.79 -15.40
C LYS B 156 -19.91 -3.73 -14.69
N ARG B 157 -20.39 -3.25 -13.54
CA ARG B 157 -19.63 -2.31 -12.72
C ARG B 157 -18.40 -2.93 -12.03
N ASN B 158 -18.32 -4.26 -12.00
CA ASN B 158 -17.10 -4.98 -11.59
C ASN B 158 -16.29 -5.51 -12.78
N GLY B 159 -16.67 -5.13 -14.00
CA GLY B 159 -15.91 -5.44 -15.20
C GLY B 159 -15.98 -6.86 -15.71
N LEU B 160 -17.04 -7.60 -15.38
CA LEU B 160 -17.14 -9.03 -15.76
C LEU B 160 -17.48 -9.26 -17.24
N HIS B 161 -17.93 -8.22 -17.93
CA HIS B 161 -18.06 -8.21 -19.40
C HIS B 161 -16.73 -7.87 -20.14
N LEU B 162 -15.70 -7.46 -19.39
CA LEU B 162 -14.39 -7.11 -19.94
C LEU B 162 -13.44 -8.31 -19.87
N PRO B 163 -12.28 -8.25 -20.56
CA PRO B 163 -11.32 -9.38 -20.52
C PRO B 163 -10.83 -9.76 -19.11
N GLU B 164 -10.43 -11.01 -18.92
CA GLU B 164 -9.99 -11.52 -17.61
C GLU B 164 -8.78 -10.77 -17.01
N GLN B 165 -7.84 -10.35 -17.84
CA GLN B 165 -6.67 -9.61 -17.36
C GLN B 165 -7.03 -8.24 -16.78
N VAL B 166 -8.07 -7.61 -17.33
CA VAL B 166 -8.60 -6.36 -16.80
C VAL B 166 -9.37 -6.65 -15.49
N GLN B 167 -10.11 -7.76 -15.45
CA GLN B 167 -10.83 -8.17 -14.24
C GLN B 167 -9.89 -8.39 -13.05
N ASN B 168 -8.82 -9.13 -13.29
CA ASN B 168 -7.83 -9.45 -12.24
C ASN B 168 -7.14 -8.18 -11.74
N GLU B 169 -6.88 -7.27 -12.67
CA GLU B 169 -6.30 -5.97 -12.36
C GLU B 169 -7.25 -5.13 -11.51
N ILE B 170 -8.54 -5.12 -11.88
CA ILE B 170 -9.58 -4.45 -11.07
C ILE B 170 -9.72 -5.08 -9.68
N LYS B 171 -9.65 -6.41 -9.62
CA LYS B 171 -9.78 -7.15 -8.36
C LYS B 171 -8.66 -6.83 -7.37
N SER B 172 -7.43 -6.70 -7.88
CA SER B 172 -6.28 -6.34 -7.05
C SER B 172 -6.50 -4.99 -6.39
N MET B 173 -6.96 -4.03 -7.19
CA MET B 173 -7.16 -2.67 -6.71
C MET B 173 -8.31 -2.58 -5.73
N LYS B 174 -9.40 -3.30 -6.00
CA LYS B 174 -10.55 -3.34 -5.08
C LYS B 174 -10.21 -3.89 -3.69
N LYS B 175 -9.45 -4.99 -3.64
CA LYS B 175 -8.96 -5.53 -2.37
C LYS B 175 -8.06 -4.54 -1.63
N ARG B 176 -7.18 -3.87 -2.38
CA ARG B 176 -6.27 -2.87 -1.82
C ARG B 176 -7.04 -1.65 -1.29
N MET B 177 -8.01 -1.18 -2.08
CA MET B 177 -8.89 -0.07 -1.69
C MET B 177 -9.69 -0.39 -0.44
N SER B 178 -10.21 -1.61 -0.36
CA SER B 178 -10.95 -2.10 0.81
C SER B 178 -10.15 -1.98 2.10
N GLU B 179 -8.88 -2.40 2.07
CA GLU B 179 -8.04 -2.36 3.26
C GLU B 179 -7.72 -0.93 3.68
N LEU B 180 -7.50 -0.06 2.70
CA LEU B 180 -7.22 1.35 2.94
C LEU B 180 -8.37 2.07 3.64
N CYS B 181 -9.61 1.83 3.18
CA CYS B 181 -10.80 2.41 3.79
C CYS B 181 -11.01 1.93 5.23
N ILE B 182 -10.87 0.63 5.46
CA ILE B 182 -11.06 0.05 6.81
C ILE B 182 -10.02 0.60 7.80
N ASP B 183 -8.76 0.72 7.35
CA ASP B 183 -7.69 1.34 8.17
C ASP B 183 -7.98 2.80 8.47
N PHE B 184 -8.40 3.55 7.46
CA PHE B 184 -8.74 4.97 7.58
C PHE B 184 -9.69 5.22 8.75
N ASN B 185 -10.80 4.48 8.78
CA ASN B 185 -11.80 4.60 9.86
C ASN B 185 -11.33 4.04 11.21
N LYS B 186 -10.52 2.98 11.18
CA LYS B 186 -9.97 2.40 12.40
C LYS B 186 -9.01 3.39 13.06
N ASN B 187 -8.14 3.99 12.26
CA ASN B 187 -7.20 5.00 12.76
C ASN B 187 -7.92 6.13 13.52
N LEU B 188 -9.02 6.62 12.95
CA LEU B 188 -9.86 7.63 13.61
C LEU B 188 -10.56 7.12 14.87
N ASN B 189 -11.08 5.89 14.85
CA ASN B 189 -11.70 5.27 16.05
C ASN B 189 -10.72 5.01 17.20
N GLU B 190 -9.49 4.62 16.87
CA GLU B 190 -8.46 4.32 17.86
C GLU B 190 -7.64 5.53 18.30
N ASP B 191 -7.91 6.71 17.76
CA ASP B 191 -7.17 7.92 18.14
C ASP B 191 -7.46 8.32 19.58
N ASP B 192 -6.41 8.72 20.28
CA ASP B 192 -6.36 8.78 21.74
C ASP B 192 -6.01 10.17 22.29
N THR B 193 -6.05 11.18 21.42
CA THR B 193 -5.30 12.42 21.62
C THR B 193 -5.75 13.28 22.81
N PHE B 194 -4.82 13.54 23.74
CA PHE B 194 -5.02 14.47 24.86
C PHE B 194 -4.60 15.88 24.49
N LEU B 195 -5.22 16.84 25.16
CA LEU B 195 -4.63 18.15 25.40
C LEU B 195 -4.87 18.51 26.86
N VAL B 196 -3.97 19.31 27.43
CA VAL B 196 -4.01 19.66 28.86
C VAL B 196 -4.07 21.17 29.05
N PHE B 197 -4.96 21.61 29.95
CA PHE B 197 -5.20 23.04 30.20
C PHE B 197 -5.41 23.35 31.69
N SER B 198 -5.11 24.59 32.07
CA SER B 198 -5.43 25.11 33.41
C SER B 198 -6.88 25.60 33.46
N LYS B 199 -7.36 25.92 34.66
CA LYS B 199 -8.67 26.54 34.87
C LYS B 199 -8.77 27.90 34.16
N ALA B 200 -7.67 28.65 34.15
CA ALA B 200 -7.58 29.96 33.46
C ALA B 200 -7.78 29.84 31.94
N GLU B 201 -7.13 28.85 31.34
CA GLU B 201 -7.22 28.61 29.90
C GLU B 201 -8.60 28.11 29.44
N LEU B 202 -9.40 27.54 30.36
CA LEU B 202 -10.77 27.10 30.08
C LEU B 202 -11.85 28.11 30.53
N GLY B 203 -11.57 29.41 30.38
CA GLY B 203 -12.48 30.48 30.82
C GLY B 203 -13.85 30.45 30.14
N ALA B 204 -14.86 30.91 30.87
CA ALA B 204 -16.27 30.97 30.42
C ALA B 204 -17.00 29.62 30.26
N LEU B 205 -16.32 28.50 30.55
CA LEU B 205 -16.94 27.18 30.47
C LEU B 205 -17.61 26.86 31.81
N PRO B 206 -18.79 26.19 31.78
CA PRO B 206 -19.53 25.92 33.01
C PRO B 206 -18.84 24.93 33.94
N ASP B 207 -19.18 24.97 35.23
CA ASP B 207 -18.55 24.11 36.24
C ASP B 207 -18.94 22.64 36.10
N ASP B 208 -20.16 22.37 35.62
CA ASP B 208 -20.61 20.99 35.34
C ASP B 208 -19.69 20.29 34.33
N PHE B 209 -19.23 21.06 33.33
CA PHE B 209 -18.27 20.59 32.34
C PHE B 209 -16.90 20.32 32.96
N ILE B 210 -16.37 21.28 33.71
CA ILE B 210 -15.00 21.19 34.26
C ILE B 210 -14.87 20.12 35.35
N ASP B 211 -15.95 19.90 36.12
CA ASP B 211 -16.00 18.81 37.10
C ASP B 211 -15.99 17.42 36.44
N SER B 212 -16.57 17.34 35.24
CA SER B 212 -16.55 16.10 34.45
C SER B 212 -15.14 15.69 34.01
N LEU B 213 -14.29 16.67 33.71
CA LEU B 213 -12.93 16.40 33.20
C LEU B 213 -12.03 15.66 34.21
N GLU B 214 -11.16 14.82 33.67
CA GLU B 214 -10.12 14.15 34.43
C GLU B 214 -8.95 15.13 34.62
N LYS B 215 -8.26 15.00 35.74
CA LYS B 215 -7.20 15.93 36.13
C LYS B 215 -5.83 15.24 36.07
N THR B 216 -4.80 16.00 35.67
CA THR B 216 -3.41 15.51 35.64
C THR B 216 -2.74 15.74 37.00
N ASP B 217 -1.52 15.23 37.17
CA ASP B 217 -0.78 15.36 38.44
C ASP B 217 -0.39 16.82 38.73
N ASP B 218 0.03 17.55 37.70
CA ASP B 218 0.11 19.02 37.78
C ASP B 218 -1.33 19.49 37.62
N ASP B 219 -1.71 20.55 38.34
CA ASP B 219 -3.13 20.95 38.42
C ASP B 219 -3.67 21.52 37.08
N LYS B 220 -4.00 20.58 36.19
CA LYS B 220 -4.54 20.86 34.86
C LYS B 220 -5.56 19.78 34.50
N TYR B 221 -6.35 20.03 33.46
CA TYR B 221 -7.45 19.15 33.07
C TYR B 221 -7.21 18.57 31.67
N LYS B 222 -7.60 17.30 31.48
CA LYS B 222 -7.45 16.62 30.19
C LYS B 222 -8.65 16.87 29.28
N ILE B 223 -8.38 17.30 28.04
CA ILE B 223 -9.41 17.50 27.01
C ILE B 223 -9.16 16.57 25.83
N THR B 224 -10.04 15.58 25.66
CA THR B 224 -10.01 14.70 24.47
C THR B 224 -10.56 15.43 23.26
N LEU B 225 -10.41 14.80 22.09
CA LEU B 225 -10.95 15.34 20.84
C LEU B 225 -12.22 14.59 20.41
N LYS B 226 -13.12 14.34 21.37
CA LYS B 226 -14.42 13.74 21.09
C LYS B 226 -15.48 14.84 21.04
N TYR B 227 -16.64 14.50 20.49
CA TYR B 227 -17.72 15.47 20.25
C TYR B 227 -18.31 16.11 21.51
N PRO B 228 -18.35 15.37 22.64
CA PRO B 228 -18.73 16.01 23.93
C PRO B 228 -17.70 16.98 24.52
N HIS B 229 -16.46 16.96 24.03
CA HIS B 229 -15.39 17.86 24.49
C HIS B 229 -15.08 18.98 23.51
N TYR B 230 -14.85 18.63 22.25
CA TYR B 230 -14.40 19.59 21.24
C TYR B 230 -15.41 20.71 20.96
N PHE B 231 -16.69 20.36 20.81
CA PHE B 231 -17.70 21.36 20.43
C PHE B 231 -18.05 22.34 21.56
N PRO B 232 -18.21 21.85 22.81
CA PRO B 232 -18.40 22.81 23.91
C PRO B 232 -17.23 23.77 24.17
N VAL B 233 -16.00 23.32 23.94
CA VAL B 233 -14.83 24.20 24.02
C VAL B 233 -14.85 25.22 22.85
N MET B 234 -15.04 24.74 21.63
CA MET B 234 -15.07 25.60 20.44
C MET B 234 -16.27 26.57 20.38
N LYS B 235 -17.36 26.23 21.09
CA LYS B 235 -18.54 27.09 21.18
C LYS B 235 -18.46 28.13 22.30
N LYS B 236 -17.92 27.74 23.47
CA LYS B 236 -18.05 28.53 24.71
C LYS B 236 -16.76 29.17 25.27
N CYS B 237 -15.59 28.60 24.96
CA CYS B 237 -14.33 29.03 25.60
C CYS B 237 -13.86 30.40 25.12
N CYS B 238 -13.77 31.35 26.06
CA CYS B 238 -13.45 32.75 25.72
C CYS B 238 -11.96 33.05 25.47
N ILE B 239 -11.07 32.07 25.70
CA ILE B 239 -9.63 32.23 25.48
C ILE B 239 -9.34 31.71 24.06
N PRO B 240 -8.98 32.62 23.11
CA PRO B 240 -8.75 32.15 21.73
C PRO B 240 -7.63 31.13 21.54
N GLU B 241 -6.55 31.22 22.32
CA GLU B 241 -5.42 30.30 22.20
C GLU B 241 -5.80 28.86 22.56
N THR B 242 -6.77 28.71 23.45
CA THR B 242 -7.30 27.40 23.81
C THR B 242 -8.10 26.81 22.65
N ARG B 243 -8.93 27.64 22.03
CA ARG B 243 -9.68 27.26 20.83
C ARG B 243 -8.76 26.95 19.63
N ARG B 244 -7.65 27.68 19.52
CA ARG B 244 -6.68 27.51 18.42
C ARG B 244 -5.96 26.18 18.50
N ARG B 245 -5.51 25.81 19.71
CA ARG B 245 -4.83 24.54 19.94
C ARG B 245 -5.73 23.32 19.70
N MET B 246 -6.98 23.41 20.14
CA MET B 246 -7.96 22.34 19.91
C MET B 246 -8.27 22.15 18.42
N GLU B 247 -8.45 23.24 17.69
CA GLU B 247 -8.77 23.18 16.27
C GLU B 247 -7.63 22.60 15.44
N MET B 248 -6.39 22.92 15.82
CA MET B 248 -5.20 22.31 15.19
C MET B 248 -5.15 20.82 15.48
N ALA B 249 -5.45 20.44 16.72
CA ALA B 249 -5.45 19.04 17.14
C ALA B 249 -6.55 18.24 16.45
N PHE B 250 -7.75 18.81 16.41
CA PHE B 250 -8.94 18.18 15.81
C PHE B 250 -8.79 17.95 14.31
N ASN B 251 -8.26 18.94 13.59
CA ASN B 251 -8.07 18.82 12.14
C ASN B 251 -6.67 18.34 11.74
N THR B 252 -5.97 17.71 12.67
CA THR B 252 -4.79 16.89 12.36
C THR B 252 -4.87 15.49 13.00
N ARG B 253 -6.07 15.04 13.38
CA ARG B 253 -6.24 13.67 13.87
C ARG B 253 -5.83 12.72 12.75
N CYS B 254 -4.86 11.86 13.04
CA CYS B 254 -4.35 10.87 12.09
C CYS B 254 -3.75 11.48 10.81
N LYS B 255 -3.15 12.66 10.92
CA LYS B 255 -2.63 13.38 9.75
C LYS B 255 -1.63 12.55 8.94
N GLU B 256 -0.61 12.00 9.61
CA GLU B 256 0.49 11.30 8.92
C GLU B 256 0.02 10.03 8.19
N GLU B 257 -0.69 9.17 8.90
CA GLU B 257 -1.11 7.86 8.37
C GLU B 257 -2.29 7.94 7.38
N ASN B 258 -3.28 8.80 7.64
CA ASN B 258 -4.44 8.94 6.73
C ASN B 258 -4.18 9.79 5.48
N THR B 259 -3.16 10.66 5.51
CA THR B 259 -2.70 11.33 4.29
C THR B 259 -2.07 10.30 3.33
N ILE B 260 -1.24 9.42 3.88
CA ILE B 260 -0.66 8.31 3.13
C ILE B 260 -1.77 7.44 2.52
N ILE B 261 -2.84 7.19 3.28
CA ILE B 261 -3.98 6.39 2.80
C ILE B 261 -4.72 7.08 1.64
N LEU B 262 -5.06 8.36 1.81
CA LEU B 262 -5.73 9.13 0.75
C LEU B 262 -4.91 9.23 -0.54
N GLN B 263 -3.60 9.39 -0.41
CA GLN B 263 -2.69 9.47 -1.58
C GLN B 263 -2.63 8.18 -2.39
N GLN B 264 -2.93 7.03 -1.76
CA GLN B 264 -3.09 5.76 -2.46
C GLN B 264 -4.54 5.52 -2.91
N LEU B 265 -5.49 5.83 -2.03
CA LEU B 265 -6.91 5.54 -2.26
C LEU B 265 -7.51 6.33 -3.42
N LEU B 266 -7.23 7.63 -3.46
CA LEU B 266 -7.85 8.49 -4.47
C LEU B 266 -7.40 8.14 -5.91
N PRO B 267 -6.08 8.01 -6.17
CA PRO B 267 -5.68 7.53 -7.51
C PRO B 267 -6.15 6.12 -7.85
N LEU B 268 -6.20 5.24 -6.85
CA LEU B 268 -6.73 3.89 -7.05
C LEU B 268 -8.17 3.92 -7.55
N ARG B 269 -9.00 4.76 -6.94
CA ARG B 269 -10.38 4.96 -7.39
C ARG B 269 -10.45 5.47 -8.85
N THR B 270 -9.61 6.45 -9.17
CA THR B 270 -9.50 6.97 -10.55
C THR B 270 -9.08 5.87 -11.53
N LYS B 271 -8.05 5.11 -11.17
CA LYS B 271 -7.51 4.05 -12.02
C LYS B 271 -8.55 2.98 -12.32
N VAL B 272 -9.30 2.55 -11.29
CA VAL B 272 -10.36 1.53 -11.39
C VAL B 272 -11.52 2.03 -12.26
N ALA B 273 -11.96 3.26 -12.01
CA ALA B 273 -13.02 3.89 -12.79
C ALA B 273 -12.71 3.94 -14.29
N LYS B 274 -11.45 4.24 -14.62
CA LYS B 274 -10.99 4.28 -16.01
C LYS B 274 -11.01 2.89 -16.67
N LEU B 275 -10.56 1.86 -15.95
CA LEU B 275 -10.61 0.49 -16.45
C LEU B 275 -12.05 -0.01 -16.65
N LEU B 276 -12.99 0.46 -15.82
CA LEU B 276 -14.41 0.13 -15.98
C LEU B 276 -15.17 0.96 -17.04
N GLY B 277 -14.49 1.95 -17.65
CA GLY B 277 -15.06 2.76 -18.72
C GLY B 277 -15.62 4.13 -18.33
N TYR B 278 -15.29 4.62 -17.13
CA TYR B 278 -15.79 5.91 -16.63
C TYR B 278 -14.65 6.91 -16.53
N SER B 279 -14.92 8.18 -16.87
CA SER B 279 -13.92 9.25 -16.85
C SER B 279 -13.36 9.51 -15.46
N THR B 280 -14.24 9.49 -14.45
CA THR B 280 -13.87 9.72 -13.06
C THR B 280 -14.56 8.73 -12.15
N HIS B 281 -14.08 8.65 -10.92
CA HIS B 281 -14.72 7.84 -9.89
C HIS B 281 -16.08 8.45 -9.48
N ALA B 282 -16.19 9.78 -9.53
CA ALA B 282 -17.46 10.47 -9.24
C ALA B 282 -18.51 10.07 -10.24
N ASP B 283 -18.16 10.08 -11.53
CA ASP B 283 -19.05 9.62 -12.59
C ASP B 283 -19.45 8.15 -12.42
N PHE B 284 -18.49 7.33 -11.97
CA PHE B 284 -18.76 5.92 -11.66
C PHE B 284 -19.82 5.78 -10.57
N VAL B 285 -19.61 6.45 -9.43
CA VAL B 285 -20.50 6.29 -8.28
C VAL B 285 -21.85 7.01 -8.45
N LEU B 286 -21.85 8.12 -9.18
CA LEU B 286 -23.09 8.90 -9.46
C LEU B 286 -24.13 8.15 -10.29
N GLU B 287 -23.70 7.22 -11.14
CA GLU B 287 -24.62 6.41 -11.94
C GLU B 287 -25.64 5.62 -11.10
N MET B 288 -25.26 5.22 -9.87
CA MET B 288 -26.16 4.48 -8.95
C MET B 288 -26.80 5.39 -7.88
N ASN B 289 -27.10 6.63 -8.27
CA ASN B 289 -27.73 7.64 -7.41
C ASN B 289 -28.83 8.38 -8.17
N THR B 290 -29.79 8.97 -7.44
CA THR B 290 -30.91 9.71 -8.06
C THR B 290 -30.48 10.93 -8.87
N ALA B 291 -29.36 11.55 -8.49
CA ALA B 291 -28.79 12.68 -9.22
C ALA B 291 -28.16 12.29 -10.57
N LYS B 292 -27.81 11.02 -10.74
CA LYS B 292 -27.40 10.43 -12.03
C LYS B 292 -26.02 10.85 -12.56
N SER B 293 -25.81 12.14 -12.83
CA SER B 293 -24.53 12.64 -13.35
C SER B 293 -23.82 13.61 -12.40
N THR B 294 -22.53 13.78 -12.62
CA THR B 294 -21.71 14.75 -11.86
C THR B 294 -22.00 16.20 -12.26
N SER B 295 -22.37 16.43 -13.52
CA SER B 295 -22.75 17.76 -13.99
C SER B 295 -24.03 18.31 -13.32
N ARG B 296 -24.98 17.42 -13.01
CA ARG B 296 -26.16 17.78 -12.22
C ARG B 296 -25.82 18.13 -10.77
N VAL B 297 -24.79 17.47 -10.22
CA VAL B 297 -24.29 17.78 -8.88
C VAL B 297 -23.54 19.12 -8.86
N THR B 298 -22.72 19.37 -9.88
CA THR B 298 -21.98 20.64 -9.99
C THR B 298 -22.96 21.81 -10.07
N ALA B 299 -23.93 21.69 -10.97
CA ALA B 299 -25.01 22.68 -11.12
C ALA B 299 -25.80 22.88 -9.83
N PHE B 300 -26.12 21.78 -9.15
CA PHE B 300 -26.84 21.81 -7.86
C PHE B 300 -26.07 22.58 -6.78
N LEU B 301 -24.80 22.21 -6.57
CA LEU B 301 -23.97 22.83 -5.53
C LEU B 301 -23.61 24.29 -5.84
N ASP B 302 -23.30 24.60 -7.10
CA ASP B 302 -22.93 25.97 -7.51
C ASP B 302 -24.13 26.94 -7.44
N ASP B 303 -25.27 26.51 -7.96
CA ASP B 303 -26.49 27.33 -7.92
C ASP B 303 -26.95 27.60 -6.49
N LEU B 304 -26.84 26.59 -5.63
CA LEU B 304 -27.22 26.73 -4.22
C LEU B 304 -26.24 27.65 -3.47
N SER B 305 -24.94 27.49 -3.74
CA SER B 305 -23.90 28.38 -3.21
C SER B 305 -24.13 29.86 -3.59
N GLN B 306 -24.63 30.08 -4.80
CA GLN B 306 -24.90 31.43 -5.30
C GLN B 306 -26.02 32.14 -4.51
N LYS B 307 -27.07 31.40 -4.16
CA LYS B 307 -28.19 31.94 -3.39
C LYS B 307 -27.82 32.24 -1.94
N LEU B 308 -26.88 31.46 -1.39
CA LEU B 308 -26.43 31.61 0.00
C LEU B 308 -25.27 32.60 0.18
N LYS B 309 -24.70 33.09 -0.91
CA LYS B 309 -23.54 33.99 -0.87
C LYS B 309 -23.79 35.26 -0.03
N PRO B 310 -24.93 35.95 -0.24
CA PRO B 310 -25.21 37.15 0.57
C PRO B 310 -25.40 36.83 2.06
N LEU B 311 -26.18 35.79 2.35
CA LEU B 311 -26.33 35.27 3.72
C LEU B 311 -24.99 35.06 4.43
N GLY B 312 -24.04 34.44 3.73
CA GLY B 312 -22.69 34.24 4.27
C GLY B 312 -21.95 35.54 4.54
N GLU B 313 -22.10 36.49 3.62
CA GLU B 313 -21.46 37.80 3.74
C GLU B 313 -22.00 38.62 4.91
N ALA B 314 -23.32 38.60 5.09
CA ALA B 314 -23.97 39.29 6.21
C ALA B 314 -23.57 38.67 7.56
N GLU B 315 -23.55 37.33 7.60
CA GLU B 315 -23.13 36.59 8.80
C GLU B 315 -21.64 36.79 9.12
N ARG B 316 -20.79 36.86 8.09
CA ARG B 316 -19.34 37.11 8.29
C ARG B 316 -19.05 38.55 8.70
N GLU B 317 -19.78 39.51 8.11
CA GLU B 317 -19.68 40.92 8.51
C GLU B 317 -20.05 41.08 9.97
N PHE B 318 -21.14 40.44 10.39
CA PHE B 318 -21.62 40.51 11.76
C PHE B 318 -20.62 39.86 12.73
N ILE B 319 -20.17 38.65 12.39
CA ILE B 319 -19.21 37.91 13.22
C ILE B 319 -17.89 38.68 13.37
N LEU B 320 -17.38 39.23 12.27
CA LEU B 320 -16.11 39.97 12.29
C LEU B 320 -16.20 41.24 13.13
N ASN B 321 -17.33 41.94 13.05
CA ASN B 321 -17.62 43.11 13.90
C ASN B 321 -17.67 42.71 15.37
N LEU B 322 -18.39 41.62 15.62
CA LEU B 322 -18.61 41.09 16.97
C LEU B 322 -17.31 40.67 17.66
N LYS B 323 -16.39 40.09 16.89
CA LYS B 323 -15.04 39.73 17.38
C LYS B 323 -14.19 40.97 17.69
N LYS B 324 -14.25 41.97 16.81
CA LYS B 324 -13.52 43.22 16.99
C LYS B 324 -13.94 43.92 18.29
N LYS B 325 -15.25 43.88 18.60
CA LYS B 325 -15.76 44.44 19.84
C LYS B 325 -15.29 43.65 21.08
N GLU B 326 -15.34 42.31 21.02
CA GLU B 326 -14.89 41.47 22.14
C GLU B 326 -13.38 41.62 22.39
N CYS B 327 -12.59 41.68 21.31
CA CYS B 327 -11.15 41.88 21.41
C CYS B 327 -10.80 43.24 22.04
N LYS B 328 -11.58 44.26 21.74
CA LYS B 328 -11.44 45.58 22.36
C LYS B 328 -11.80 45.52 23.85
N ASP B 329 -12.98 44.97 24.15
CA ASP B 329 -13.52 44.92 25.52
C ASP B 329 -12.72 44.02 26.48
N ARG B 330 -12.42 42.80 26.06
CA ARG B 330 -11.56 41.89 26.85
C ARG B 330 -10.09 42.34 26.81
N GLY B 331 -9.68 42.96 25.70
CA GLY B 331 -8.34 43.55 25.56
C GLY B 331 -7.31 42.70 24.84
N PHE B 332 -7.75 41.81 23.94
CA PHE B 332 -6.84 40.96 23.15
C PHE B 332 -6.39 41.68 21.87
N GLU B 333 -5.47 41.06 21.14
CA GLU B 333 -5.06 41.55 19.81
C GLU B 333 -6.09 41.12 18.78
N TYR B 334 -6.43 42.03 17.85
CA TYR B 334 -7.43 41.80 16.80
C TYR B 334 -6.76 41.67 15.44
N ASP B 335 -6.83 40.47 14.85
CA ASP B 335 -6.11 40.17 13.60
C ASP B 335 -6.87 40.46 12.30
N GLY B 336 -8.08 41.00 12.40
CA GLY B 336 -8.85 41.41 11.21
C GLY B 336 -9.47 40.28 10.41
N LYS B 337 -9.64 39.12 11.01
CA LYS B 337 -10.16 37.95 10.30
C LYS B 337 -10.88 36.95 11.23
N ILE B 338 -11.78 36.18 10.62
CA ILE B 338 -12.42 35.06 11.28
C ILE B 338 -11.54 33.86 10.99
N ASN B 339 -10.89 33.32 12.01
CA ASN B 339 -10.13 32.08 11.88
C ASN B 339 -11.06 30.89 12.08
N ALA B 340 -10.63 29.71 11.65
CA ALA B 340 -11.41 28.48 11.87
C ALA B 340 -11.74 28.23 13.35
N TRP B 341 -10.82 28.61 14.22
CA TRP B 341 -10.98 28.47 15.68
C TRP B 341 -11.85 29.54 16.35
N ASP B 342 -12.35 30.51 15.56
CA ASP B 342 -13.31 31.51 16.04
C ASP B 342 -14.76 31.24 15.60
N LEU B 343 -14.95 30.41 14.56
CA LEU B 343 -16.23 30.32 13.85
C LEU B 343 -17.40 29.84 14.74
N TYR B 344 -17.25 28.69 15.37
CA TYR B 344 -18.29 28.13 16.26
C TYR B 344 -18.54 29.02 17.47
N TYR B 345 -17.49 29.69 17.95
CA TYR B 345 -17.58 30.56 19.11
C TYR B 345 -18.48 31.76 18.85
N TYR B 346 -18.23 32.47 17.76
CA TYR B 346 -19.02 33.65 17.42
C TYR B 346 -20.36 33.31 16.76
N MET B 347 -20.48 32.12 16.19
CA MET B 347 -21.78 31.61 15.75
C MET B 347 -22.74 31.45 16.92
N THR B 348 -22.26 30.89 18.04
CA THR B 348 -23.11 30.74 19.23
C THR B 348 -23.34 32.09 19.95
N GLN B 349 -22.39 33.02 19.85
CA GLN B 349 -22.62 34.39 20.37
C GLN B 349 -23.74 35.08 19.59
N THR B 350 -23.72 34.95 18.27
CA THR B 350 -24.78 35.48 17.40
C THR B 350 -26.16 34.98 17.83
N GLU B 351 -26.25 33.68 18.14
CA GLU B 351 -27.49 33.04 18.59
C GLU B 351 -27.99 33.64 19.91
N GLU B 352 -27.08 33.77 20.88
CA GLU B 352 -27.38 34.40 22.18
C GLU B 352 -27.92 35.81 22.01
N LEU B 353 -27.19 36.63 21.25
CA LEU B 353 -27.53 38.05 21.08
C LEU B 353 -28.81 38.27 20.28
N LYS B 354 -28.91 37.60 19.13
CA LYS B 354 -30.05 37.82 18.21
C LYS B 354 -31.35 37.11 18.62
N TYR B 355 -31.26 36.02 19.39
CA TYR B 355 -32.44 35.23 19.76
C TYR B 355 -32.63 34.94 21.26
N SER B 356 -31.77 35.49 22.12
CA SER B 356 -31.85 35.30 23.59
C SER B 356 -31.83 33.82 24.03
N ILE B 357 -31.04 33.02 23.32
CA ILE B 357 -30.96 31.58 23.55
C ILE B 357 -29.64 31.22 24.21
N ASP B 358 -29.73 30.82 25.48
CA ASP B 358 -28.61 30.27 26.22
C ASP B 358 -28.77 28.74 26.17
N GLN B 359 -27.89 28.08 25.41
CA GLN B 359 -27.96 26.62 25.24
C GLN B 359 -27.78 25.86 26.55
N GLU B 360 -26.99 26.40 27.48
CA GLU B 360 -26.73 25.74 28.77
C GLU B 360 -27.89 25.83 29.76
N PHE B 361 -28.74 26.84 29.62
CA PHE B 361 -30.01 26.90 30.36
C PHE B 361 -31.06 25.99 29.70
N LEU B 362 -31.10 25.99 28.38
CA LEU B 362 -32.10 25.25 27.60
C LEU B 362 -31.98 23.73 27.72
N LYS B 363 -30.76 23.22 27.88
CA LYS B 363 -30.54 21.77 28.05
C LYS B 363 -31.18 21.21 29.33
N GLU B 364 -31.36 22.05 30.35
CA GLU B 364 -32.05 21.65 31.59
C GLU B 364 -33.46 21.10 31.35
N TYR B 365 -34.12 21.58 30.30
CA TYR B 365 -35.44 21.09 29.88
C TYR B 365 -35.42 19.81 29.02
N PHE B 366 -34.23 19.30 28.66
CA PHE B 366 -34.08 18.09 27.86
C PHE B 366 -33.21 17.03 28.54
N PRO B 367 -33.71 16.43 29.65
CA PRO B 367 -33.00 15.27 30.21
C PRO B 367 -33.16 14.04 29.31
N ILE B 368 -32.10 13.23 29.22
CA ILE B 368 -32.04 12.07 28.30
C ILE B 368 -33.30 11.18 28.34
N GLU B 369 -33.81 10.93 29.54
CA GLU B 369 -34.99 10.06 29.73
C GLU B 369 -36.29 10.63 29.14
N VAL B 370 -36.47 11.95 29.24
CA VAL B 370 -37.69 12.62 28.74
C VAL B 370 -37.63 12.81 27.22
N VAL B 371 -36.42 12.97 26.67
CA VAL B 371 -36.24 13.06 25.22
C VAL B 371 -36.52 11.71 24.55
N THR B 372 -36.04 10.62 25.16
CA THR B 372 -36.29 9.27 24.63
C THR B 372 -37.78 8.95 24.62
N GLU B 373 -38.42 9.09 25.79
CA GLU B 373 -39.86 8.84 25.93
C GLU B 373 -40.67 9.70 24.95
N GLY B 374 -40.30 10.98 24.85
CA GLY B 374 -40.97 11.89 23.93
C GLY B 374 -40.79 11.51 22.47
N LEU B 375 -39.55 11.19 22.11
CA LEU B 375 -39.20 10.71 20.75
C LEU B 375 -40.00 9.48 20.35
N LEU B 376 -40.04 8.49 21.23
CA LEU B 376 -40.76 7.25 20.97
C LEU B 376 -42.26 7.48 20.81
N ASN B 377 -42.84 8.25 21.73
CA ASN B 377 -44.26 8.62 21.68
C ASN B 377 -44.62 9.29 20.36
N THR B 378 -43.75 10.20 19.91
CA THR B 378 -43.96 10.96 18.68
C THR B 378 -44.14 10.08 17.44
N TYR B 379 -43.40 8.97 17.39
CA TYR B 379 -43.42 8.08 16.21
C TYR B 379 -44.20 6.77 16.41
N GLN B 380 -44.60 6.46 17.65
CA GLN B 380 -45.70 5.52 17.89
C GLN B 380 -46.96 6.06 17.24
N GLU B 381 -47.27 7.32 17.55
CA GLU B 381 -48.47 8.00 17.07
C GLU B 381 -48.45 8.24 15.56
N LEU B 382 -47.34 8.75 15.04
CA LEU B 382 -47.25 9.19 13.65
C LEU B 382 -47.25 8.02 12.66
N LEU B 383 -46.36 7.06 12.91
CA LEU B 383 -46.15 5.92 12.01
C LEU B 383 -47.03 4.69 12.31
N GLY B 384 -47.80 4.75 13.40
CA GLY B 384 -48.68 3.65 13.80
C GLY B 384 -47.85 2.46 14.27
N LEU B 385 -47.09 2.67 15.34
CA LEU B 385 -46.19 1.66 15.88
C LEU B 385 -46.29 1.61 17.40
N SER B 386 -45.69 0.57 17.99
CA SER B 386 -45.61 0.39 19.44
C SER B 386 -44.19 -0.02 19.83
N PHE B 387 -43.59 0.72 20.75
CA PHE B 387 -42.24 0.45 21.24
C PHE B 387 -42.30 -0.04 22.69
N GLU B 388 -41.60 -1.14 22.96
CA GLU B 388 -41.46 -1.70 24.32
C GLU B 388 -40.00 -2.05 24.57
N GLN B 389 -39.45 -1.60 25.70
CA GLN B 389 -38.05 -1.88 26.07
C GLN B 389 -37.91 -3.31 26.61
N MET B 390 -36.92 -4.04 26.10
CA MET B 390 -36.62 -5.39 26.58
C MET B 390 -35.69 -5.32 27.79
N THR B 391 -36.16 -5.82 28.93
CA THR B 391 -35.36 -5.86 30.17
C THR B 391 -34.48 -7.12 30.21
N ASP B 392 -33.31 -6.99 30.86
CA ASP B 392 -32.24 -8.00 30.84
C ASP B 392 -31.85 -8.43 29.42
N ALA B 393 -31.75 -7.45 28.53
CA ALA B 393 -31.43 -7.69 27.12
C ALA B 393 -29.96 -8.05 26.96
N HIS B 394 -29.68 -8.94 26.00
CA HIS B 394 -28.30 -9.29 25.68
C HIS B 394 -27.68 -8.18 24.84
N VAL B 395 -26.67 -7.52 25.41
CA VAL B 395 -26.07 -6.34 24.81
C VAL B 395 -24.55 -6.34 24.96
N TRP B 396 -23.90 -5.53 24.11
CA TRP B 396 -22.44 -5.42 24.04
C TRP B 396 -21.85 -4.45 25.07
N ASN B 397 -22.69 -3.78 25.87
CA ASN B 397 -22.24 -2.89 26.94
C ASN B 397 -23.40 -2.68 27.91
N LYS B 398 -23.08 -2.60 29.20
CA LYS B 398 -24.10 -2.46 30.26
C LYS B 398 -25.04 -1.25 30.12
N SER B 399 -24.53 -0.15 29.56
CA SER B 399 -25.31 1.07 29.35
C SER B 399 -26.16 1.09 28.07
N VAL B 400 -26.06 0.05 27.24
CA VAL B 400 -26.86 -0.07 26.01
C VAL B 400 -28.21 -0.72 26.31
N THR B 401 -29.29 -0.14 25.79
CA THR B 401 -30.65 -0.67 25.95
C THR B 401 -31.18 -1.21 24.61
N LEU B 402 -32.15 -2.12 24.69
CA LEU B 402 -32.78 -2.74 23.51
C LEU B 402 -34.29 -2.54 23.55
N TYR B 403 -34.89 -2.34 22.37
CA TYR B 403 -36.34 -2.11 22.21
C TYR B 403 -36.90 -2.99 21.10
N THR B 404 -38.20 -3.27 21.16
CA THR B 404 -38.90 -4.04 20.11
C THR B 404 -39.97 -3.17 19.46
N VAL B 405 -40.02 -3.22 18.12
CA VAL B 405 -40.96 -2.43 17.33
C VAL B 405 -42.11 -3.33 16.87
N LYS B 406 -43.30 -3.06 17.40
CA LYS B 406 -44.53 -3.76 17.02
C LYS B 406 -45.44 -2.79 16.27
N ASP B 407 -46.34 -3.33 15.46
CA ASP B 407 -47.18 -2.50 14.58
C ASP B 407 -48.36 -1.79 15.29
N LYS B 408 -48.71 -2.20 16.52
CA LYS B 408 -49.77 -1.54 17.33
C LYS B 408 -51.18 -1.97 16.88
N ALA B 409 -51.44 -1.77 15.57
CA ALA B 409 -52.53 -2.45 14.88
C ALA B 409 -51.86 -3.67 14.29
N THR B 410 -52.58 -4.79 14.14
CA THR B 410 -51.99 -6.08 13.69
C THR B 410 -51.19 -6.78 14.81
N GLY B 411 -50.19 -6.09 15.35
CA GLY B 411 -49.33 -6.62 16.40
C GLY B 411 -48.10 -7.33 15.86
N GLU B 412 -47.78 -7.09 14.59
CA GLU B 412 -46.64 -7.73 13.91
C GLU B 412 -45.34 -7.17 14.47
N VAL B 413 -44.42 -8.05 14.84
CA VAL B 413 -43.06 -7.65 15.24
C VAL B 413 -42.23 -7.36 13.98
N LEU B 414 -42.07 -6.07 13.68
CA LEU B 414 -41.33 -5.62 12.50
C LEU B 414 -39.81 -5.63 12.73
N GLY B 415 -39.38 -5.27 13.93
CA GLY B 415 -37.96 -5.18 14.23
C GLY B 415 -37.58 -4.85 15.66
N GLN B 416 -36.27 -4.61 15.86
CA GLN B 416 -35.71 -4.17 17.13
C GLN B 416 -34.57 -3.20 16.88
N PHE B 417 -34.37 -2.26 17.81
CA PHE B 417 -33.24 -1.34 17.74
C PHE B 417 -32.52 -1.24 19.09
N TYR B 418 -31.19 -1.18 19.04
CA TYR B 418 -30.38 -0.90 20.22
C TYR B 418 -30.14 0.59 20.32
N LEU B 419 -29.99 1.10 21.55
CA LEU B 419 -29.62 2.50 21.80
C LEU B 419 -28.30 2.55 22.58
N ASP B 420 -27.23 2.89 21.88
CA ASP B 420 -25.90 3.06 22.45
C ASP B 420 -25.61 4.56 22.45
N LEU B 421 -26.01 5.23 23.52
CA LEU B 421 -26.09 6.70 23.56
C LEU B 421 -24.88 7.43 24.14
N TYR B 422 -24.05 6.75 24.93
CA TYR B 422 -22.97 7.40 25.68
C TYR B 422 -21.58 7.00 25.18
N PRO B 423 -20.63 7.96 25.10
CA PRO B 423 -19.29 7.68 24.61
C PRO B 423 -18.42 6.90 25.60
N ARG B 424 -17.41 6.24 25.07
CA ARG B 424 -16.43 5.48 25.85
C ARG B 424 -15.20 5.23 24.98
N GLU B 425 -14.17 4.63 25.58
CA GLU B 425 -12.96 4.28 24.84
C GLU B 425 -13.30 3.23 23.78
N GLY B 426 -12.76 3.40 22.58
CA GLY B 426 -12.97 2.46 21.48
C GLY B 426 -14.23 2.61 20.65
N LYS B 427 -15.22 3.34 21.18
CA LYS B 427 -16.53 3.47 20.54
C LYS B 427 -16.45 4.38 19.32
N TYR B 428 -17.28 4.08 18.33
CA TYR B 428 -17.46 4.92 17.14
C TYR B 428 -17.71 6.36 17.56
N ASN B 429 -16.76 7.24 17.26
CA ASN B 429 -17.00 8.68 17.36
C ASN B 429 -17.87 9.06 16.16
N HIS B 430 -18.64 10.14 16.29
CA HIS B 430 -19.65 10.55 15.27
C HIS B 430 -20.96 9.77 15.43
N ALA B 431 -22.07 10.39 15.00
CA ALA B 431 -23.40 9.78 15.10
C ALA B 431 -23.75 8.96 13.87
N ALA B 432 -24.39 7.79 14.07
CA ALA B 432 -24.85 6.95 12.95
C ALA B 432 -25.93 5.93 13.33
N CYS B 433 -26.50 5.30 12.31
CA CYS B 433 -27.38 4.14 12.46
C CYS B 433 -26.82 2.97 11.65
N PHE B 434 -26.47 1.88 12.34
CA PHE B 434 -25.94 0.66 11.70
C PHE B 434 -27.05 -0.37 11.50
N GLY B 435 -27.12 -0.95 10.30
CA GLY B 435 -28.02 -2.07 10.02
C GLY B 435 -27.34 -3.37 10.40
N LEU B 436 -27.97 -4.13 11.31
CA LEU B 436 -27.42 -5.40 11.82
C LEU B 436 -28.11 -6.64 11.26
N GLN B 437 -29.44 -6.59 11.15
CA GLN B 437 -30.21 -7.63 10.46
C GLN B 437 -31.14 -7.00 9.43
N PRO B 438 -31.17 -7.53 8.19
CA PRO B 438 -32.07 -7.04 7.14
C PRO B 438 -33.49 -7.56 7.30
N GLY B 439 -34.47 -6.82 6.79
CA GLY B 439 -35.87 -7.19 6.92
C GLY B 439 -36.45 -8.02 5.79
N CYS B 440 -35.71 -9.03 5.31
CA CYS B 440 -36.08 -9.78 4.10
C CYS B 440 -36.79 -11.11 4.35
N LEU B 441 -37.23 -11.76 3.27
CA LEU B 441 -37.76 -13.13 3.32
C LEU B 441 -36.65 -14.15 3.54
N LEU B 442 -36.95 -15.16 4.34
CA LEU B 442 -36.09 -16.33 4.53
C LEU B 442 -36.43 -17.43 3.49
N PRO B 443 -35.57 -18.45 3.32
CA PRO B 443 -35.89 -19.58 2.45
C PRO B 443 -37.24 -20.24 2.74
N ASP B 444 -37.58 -20.40 4.02
CA ASP B 444 -38.83 -21.04 4.46
C ASP B 444 -40.11 -20.18 4.32
N GLY B 445 -39.98 -18.95 3.83
CA GLY B 445 -41.15 -18.09 3.54
C GLY B 445 -41.51 -17.07 4.60
N SER B 446 -41.06 -17.28 5.85
CA SER B 446 -41.25 -16.31 6.92
C SER B 446 -40.31 -15.10 6.77
N ARG B 447 -40.59 -14.04 7.52
CA ARG B 447 -39.80 -12.80 7.46
C ARG B 447 -38.71 -12.78 8.51
N MET B 448 -37.51 -12.37 8.11
CA MET B 448 -36.45 -12.07 9.06
C MET B 448 -36.74 -10.72 9.73
N MET B 449 -36.55 -10.69 11.05
CA MET B 449 -36.76 -9.47 11.83
C MET B 449 -35.59 -8.51 11.61
N ALA B 450 -35.91 -7.29 11.17
CA ALA B 450 -34.90 -6.26 10.96
C ALA B 450 -34.37 -5.78 12.32
N VAL B 451 -33.07 -5.52 12.38
CA VAL B 451 -32.41 -5.03 13.61
C VAL B 451 -31.45 -3.91 13.25
N ALA B 452 -31.53 -2.81 14.02
CA ALA B 452 -30.70 -1.62 13.82
C ALA B 452 -29.99 -1.22 15.10
N ALA B 453 -28.96 -0.40 14.97
CA ALA B 453 -28.24 0.16 16.11
C ALA B 453 -28.12 1.67 15.92
N LEU B 454 -28.72 2.43 16.85
CA LEU B 454 -28.53 3.87 16.92
C LEU B 454 -27.30 4.13 17.80
N VAL B 455 -26.33 4.87 17.27
CA VAL B 455 -25.04 5.07 17.93
C VAL B 455 -24.69 6.56 17.97
N VAL B 456 -24.68 7.14 19.18
CA VAL B 456 -24.41 8.57 19.37
C VAL B 456 -23.54 8.81 20.62
N ASN B 457 -23.10 10.05 20.82
CA ASN B 457 -22.19 10.43 21.91
C ASN B 457 -22.66 11.66 22.70
N PHE B 458 -23.50 11.44 23.72
CA PHE B 458 -23.99 12.51 24.61
C PHE B 458 -23.38 12.38 26.02
N SER B 459 -23.55 13.40 26.85
CA SER B 459 -23.00 13.41 28.21
C SER B 459 -23.61 12.32 29.11
N GLN B 460 -22.86 11.91 30.13
CA GLN B 460 -23.31 10.87 31.09
C GLN B 460 -23.67 11.47 32.46
N PRO B 461 -24.52 10.78 33.24
CA PRO B 461 -24.76 11.20 34.64
C PRO B 461 -23.54 11.08 35.55
N PRO B 466 -27.05 13.95 36.15
CA PRO B 466 -28.07 13.68 35.12
C PRO B 466 -27.65 14.17 33.73
N SER B 467 -27.89 13.34 32.72
CA SER B 467 -27.50 13.63 31.33
C SER B 467 -28.48 14.60 30.67
N LEU B 468 -28.00 15.80 30.36
CA LEU B 468 -28.80 16.84 29.73
C LEU B 468 -28.33 17.04 28.29
N LEU B 469 -29.27 17.25 27.36
CA LEU B 469 -28.97 17.36 25.94
C LEU B 469 -29.21 18.76 25.41
N ARG B 470 -28.26 19.29 24.63
CA ARG B 470 -28.47 20.50 23.84
C ARG B 470 -29.49 20.24 22.72
N HIS B 471 -29.95 21.31 22.08
CA HIS B 471 -30.97 21.19 21.03
C HIS B 471 -30.44 20.46 19.80
N ASP B 472 -29.22 20.77 19.38
CA ASP B 472 -28.58 20.08 18.25
C ASP B 472 -28.20 18.62 18.54
N GLU B 473 -28.12 18.23 19.82
CA GLU B 473 -28.01 16.81 20.21
C GLU B 473 -29.36 16.10 20.10
N VAL B 474 -30.44 16.79 20.47
CA VAL B 474 -31.80 16.28 20.28
C VAL B 474 -32.08 16.08 18.79
N ARG B 475 -31.63 17.02 17.96
CA ARG B 475 -31.78 16.93 16.51
C ARG B 475 -31.03 15.73 15.92
N THR B 476 -29.84 15.44 16.45
CA THR B 476 -29.06 14.26 16.06
C THR B 476 -29.77 12.96 16.46
N TYR B 477 -30.38 12.96 17.65
CA TYR B 477 -31.16 11.81 18.12
C TYR B 477 -32.29 11.50 17.14
N PHE B 478 -33.10 12.51 16.83
CA PHE B 478 -34.18 12.41 15.85
C PHE B 478 -33.69 11.98 14.45
N HIS B 479 -32.54 12.53 14.06
CA HIS B 479 -31.91 12.19 12.78
C HIS B 479 -31.63 10.70 12.67
N GLN B 480 -30.88 10.17 13.63
CA GLN B 480 -30.48 8.76 13.60
C GLN B 480 -31.69 7.85 13.70
N PHE B 481 -32.68 8.26 14.50
CA PHE B 481 -33.92 7.49 14.65
C PHE B 481 -34.71 7.38 13.34
N GLY B 482 -34.59 8.37 12.47
CA GLY B 482 -35.15 8.32 11.12
C GLY B 482 -34.57 7.20 10.26
N HIS B 483 -33.31 6.86 10.47
CA HIS B 483 -32.71 5.68 9.83
C HIS B 483 -33.25 4.40 10.47
N VAL B 484 -33.30 4.39 11.79
CA VAL B 484 -33.79 3.23 12.55
C VAL B 484 -35.19 2.83 12.07
N MET B 485 -36.08 3.81 11.90
CA MET B 485 -37.41 3.57 11.37
C MET B 485 -37.38 3.07 9.93
N HIS B 486 -36.52 3.67 9.10
CA HIS B 486 -36.32 3.22 7.72
C HIS B 486 -35.82 1.78 7.66
N GLN B 487 -34.95 1.40 8.60
CA GLN B 487 -34.41 0.04 8.69
C GLN B 487 -35.49 -1.00 9.01
N ILE B 488 -36.36 -0.65 9.97
CA ILE B 488 -37.34 -1.59 10.53
C ILE B 488 -38.65 -1.63 9.73
N CYS B 489 -39.18 -0.46 9.37
CA CYS B 489 -40.41 -0.39 8.57
C CYS B 489 -40.23 -0.89 7.12
N ALA B 490 -39.00 -0.88 6.60
CA ALA B 490 -38.73 -1.42 5.27
C ALA B 490 -38.93 -2.92 5.26
N GLN B 491 -39.78 -3.39 4.34
CA GLN B 491 -40.14 -4.79 4.24
C GLN B 491 -40.05 -5.28 2.80
N THR B 492 -38.83 -5.69 2.44
CA THR B 492 -38.51 -6.19 1.11
C THR B 492 -38.40 -7.71 1.13
N ASP B 493 -38.21 -8.31 -0.04
CA ASP B 493 -38.06 -9.75 -0.19
C ASP B 493 -36.60 -10.18 -0.20
N PHE B 494 -35.75 -9.45 -0.93
CA PHE B 494 -34.31 -9.74 -0.99
C PHE B 494 -33.51 -8.83 -0.04
N ALA B 495 -32.51 -9.39 0.63
CA ALA B 495 -31.68 -8.64 1.58
C ALA B 495 -30.91 -7.48 0.95
N ARG B 496 -30.54 -7.64 -0.32
CA ARG B 496 -29.85 -6.60 -1.08
C ARG B 496 -30.58 -5.25 -1.05
N PHE B 497 -31.91 -5.29 -1.12
CA PHE B 497 -32.74 -4.08 -1.18
C PHE B 497 -33.31 -3.65 0.18
N SER B 498 -33.00 -4.38 1.24
CA SER B 498 -33.69 -4.20 2.52
C SER B 498 -33.20 -3.00 3.31
N GLY B 499 -34.07 -2.51 4.21
CA GLY B 499 -33.71 -1.45 5.15
C GLY B 499 -33.31 -0.15 4.46
N THR B 500 -32.15 0.37 4.87
CA THR B 500 -31.60 1.63 4.34
C THR B 500 -30.81 1.47 3.04
N ASN B 501 -30.77 0.28 2.43
CA ASN B 501 -30.06 0.07 1.14
C ASN B 501 -30.82 0.72 -0.01
N VAL B 502 -30.78 2.05 -0.03
CA VAL B 502 -31.33 2.85 -1.11
C VAL B 502 -30.10 3.53 -1.73
N GLU B 503 -30.32 4.36 -2.72
CA GLU B 503 -29.23 5.14 -3.30
C GLU B 503 -28.79 6.20 -2.29
N THR B 504 -27.48 6.45 -2.21
CA THR B 504 -26.88 7.27 -1.14
C THR B 504 -27.37 8.73 -1.09
N ASP B 505 -27.72 9.27 -2.27
CA ASP B 505 -28.55 10.49 -2.42
C ASP B 505 -29.79 10.56 -1.57
N PHE B 506 -30.48 9.42 -1.48
CA PHE B 506 -31.80 9.33 -0.91
C PHE B 506 -31.81 8.87 0.54
N VAL B 507 -30.75 8.18 0.97
CA VAL B 507 -30.72 7.56 2.30
C VAL B 507 -30.85 8.59 3.43
N GLU B 508 -30.49 9.84 3.18
CA GLU B 508 -30.61 10.93 4.17
C GLU B 508 -31.93 11.71 4.12
N VAL B 509 -32.90 11.26 3.30
CA VAL B 509 -34.26 11.81 3.32
C VAL B 509 -34.98 11.47 4.63
N PRO B 510 -35.12 10.17 4.97
CA PRO B 510 -35.90 9.81 6.18
C PRO B 510 -35.34 10.33 7.51
N SER B 511 -34.02 10.49 7.57
CA SER B 511 -33.36 11.03 8.76
C SER B 511 -33.56 12.53 8.89
N GLN B 512 -33.26 13.28 7.84
CA GLN B 512 -33.43 14.74 7.84
C GLN B 512 -34.90 15.15 7.84
N MET B 513 -35.77 14.25 7.39
CA MET B 513 -37.22 14.43 7.55
C MET B 513 -37.59 14.60 9.02
N LEU B 514 -37.18 13.65 9.86
CA LEU B 514 -37.55 13.69 11.28
C LEU B 514 -36.93 14.86 12.05
N GLU B 515 -35.82 15.42 11.55
CA GLU B 515 -35.25 16.65 12.14
C GLU B 515 -36.27 17.79 12.28
N ASN B 516 -37.18 17.90 11.31
CA ASN B 516 -38.24 18.92 11.32
C ASN B 516 -39.16 18.90 12.55
N TRP B 517 -39.27 17.75 13.22
CA TRP B 517 -40.11 17.64 14.42
C TRP B 517 -39.49 18.29 15.67
N VAL B 518 -38.19 18.62 15.65
CA VAL B 518 -37.57 19.38 16.75
C VAL B 518 -37.64 20.89 16.56
N TRP B 519 -38.30 21.37 15.50
CA TRP B 519 -38.54 22.79 15.25
C TRP B 519 -40.04 23.18 15.26
N ASP B 520 -40.89 22.29 15.75
CA ASP B 520 -42.32 22.54 15.90
C ASP B 520 -42.61 22.87 17.37
N VAL B 521 -43.41 23.91 17.61
CA VAL B 521 -43.65 24.41 18.98
C VAL B 521 -44.37 23.36 19.84
N ASP B 522 -45.41 22.76 19.28
CA ASP B 522 -46.22 21.75 19.98
C ASP B 522 -45.38 20.52 20.29
N SER B 523 -44.62 20.06 19.29
CA SER B 523 -43.71 18.92 19.45
C SER B 523 -42.64 19.15 20.50
N LEU B 524 -42.08 20.36 20.54
CA LEU B 524 -41.06 20.72 21.55
C LEU B 524 -41.59 20.74 23.00
N ARG B 525 -42.83 21.14 23.20
CA ARG B 525 -43.46 21.11 24.54
C ARG B 525 -43.72 19.67 25.02
N ARG B 526 -44.07 18.79 24.10
CA ARG B 526 -44.23 17.35 24.38
C ARG B 526 -42.89 16.68 24.74
N LEU B 527 -41.82 17.13 24.09
CA LEU B 527 -40.47 16.58 24.31
C LEU B 527 -39.74 17.12 25.54
N SER B 528 -40.22 18.22 26.11
CA SER B 528 -39.49 18.94 27.15
C SER B 528 -40.12 18.81 28.54
N LYS B 529 -39.27 18.79 29.57
CA LYS B 529 -39.66 18.81 30.97
C LYS B 529 -38.40 19.08 31.81
N HIS B 530 -38.42 20.11 32.66
CA HIS B 530 -37.24 20.50 33.46
C HIS B 530 -36.81 19.37 34.41
N TYR B 531 -35.50 19.23 34.64
CA TYR B 531 -34.95 18.04 35.31
C TYR B 531 -35.31 17.92 36.81
N LYS B 532 -35.24 19.04 37.55
CA LYS B 532 -35.69 19.07 38.95
C LYS B 532 -37.17 19.47 39.15
N ASP B 533 -37.59 20.64 38.67
CA ASP B 533 -38.97 21.14 38.93
C ASP B 533 -40.06 20.59 37.97
N GLY B 534 -39.67 19.98 36.85
CA GLY B 534 -40.62 19.33 35.94
C GLY B 534 -41.52 20.23 35.10
N SER B 535 -41.22 21.52 35.02
CA SER B 535 -42.07 22.47 34.29
C SER B 535 -41.75 22.45 32.78
N PRO B 536 -42.69 22.93 31.95
CA PRO B 536 -42.39 23.08 30.52
C PRO B 536 -41.61 24.36 30.23
N ILE B 537 -41.11 24.48 29.00
CA ILE B 537 -40.37 25.66 28.57
C ILE B 537 -41.37 26.80 28.41
N ALA B 538 -40.94 28.03 28.73
CA ALA B 538 -41.78 29.21 28.57
C ALA B 538 -42.15 29.42 27.08
N ASP B 539 -43.38 29.88 26.84
CA ASP B 539 -43.86 30.10 25.47
C ASP B 539 -43.04 31.14 24.73
N ASP B 540 -42.62 32.17 25.45
CA ASP B 540 -41.66 33.18 24.97
C ASP B 540 -40.39 32.52 24.42
N LEU B 541 -39.83 31.60 25.19
CA LEU B 541 -38.58 30.92 24.82
C LEU B 541 -38.72 29.90 23.68
N LEU B 542 -39.87 29.24 23.59
CA LEU B 542 -40.13 28.27 22.51
C LEU B 542 -40.24 28.94 21.14
N GLU B 543 -41.00 30.03 21.07
CA GLU B 543 -41.14 30.77 19.80
C GLU B 543 -39.82 31.40 19.36
N LYS B 544 -38.99 31.80 20.33
CA LYS B 544 -37.61 32.24 20.07
C LYS B 544 -36.75 31.12 19.49
N LEU B 545 -36.82 29.94 20.11
CA LEU B 545 -36.06 28.77 19.65
C LEU B 545 -36.45 28.35 18.24
N VAL B 546 -37.75 28.36 17.96
CA VAL B 546 -38.26 28.07 16.61
C VAL B 546 -37.78 29.10 15.58
N ALA B 547 -37.77 30.39 15.96
CA ALA B 547 -37.26 31.46 15.09
C ALA B 547 -35.76 31.32 14.78
N SER B 548 -34.99 30.84 15.77
CA SER B 548 -33.54 30.70 15.61
C SER B 548 -33.08 29.66 14.59
N ARG B 549 -33.98 28.81 14.08
CA ARG B 549 -33.67 27.85 13.00
C ARG B 549 -32.72 28.41 11.94
N LEU B 550 -33.03 29.62 11.47
CA LEU B 550 -32.26 30.28 10.41
C LEU B 550 -30.97 30.98 10.85
N VAL B 551 -30.73 31.08 12.16
CA VAL B 551 -29.50 31.71 12.65
C VAL B 551 -28.30 30.91 12.16
N ASN B 552 -27.32 31.61 11.60
CA ASN B 552 -26.11 31.00 11.04
C ASN B 552 -26.34 30.01 9.88
N THR B 553 -27.49 30.08 9.20
CA THR B 553 -27.84 29.09 8.18
C THR B 553 -26.97 29.23 6.92
N GLY B 554 -26.62 30.46 6.57
CA GLY B 554 -25.73 30.72 5.43
C GLY B 554 -24.38 30.03 5.56
N LEU B 555 -23.68 30.28 6.66
CA LEU B 555 -22.35 29.70 6.88
C LEU B 555 -22.38 28.20 7.19
N LEU B 556 -23.36 27.76 7.97
CA LEU B 556 -23.52 26.33 8.27
C LEU B 556 -23.77 25.54 6.98
N THR B 557 -24.62 26.06 6.10
CA THR B 557 -24.85 25.43 4.80
C THR B 557 -23.66 25.59 3.83
N LEU B 558 -23.02 26.77 3.83
CA LEU B 558 -21.83 27.01 2.98
C LEU B 558 -20.65 26.08 3.30
N ARG B 559 -20.50 25.71 4.57
CA ARG B 559 -19.52 24.72 4.99
C ARG B 559 -19.83 23.33 4.41
N GLN B 560 -21.09 22.96 4.41
CA GLN B 560 -21.53 21.68 3.83
C GLN B 560 -21.33 21.63 2.32
N ILE B 561 -21.40 22.79 1.68
CA ILE B 561 -21.08 22.92 0.26
C ILE B 561 -19.57 22.76 0.03
N VAL B 562 -18.74 23.28 0.95
CA VAL B 562 -17.29 23.06 0.89
C VAL B 562 -16.96 21.56 0.94
N LEU B 563 -17.53 20.86 1.92
CA LEU B 563 -17.30 19.42 2.08
C LEU B 563 -17.79 18.65 0.85
N SER B 564 -18.93 19.03 0.30
CA SER B 564 -19.47 18.41 -0.92
C SER B 564 -18.63 18.71 -2.17
N LYS B 565 -18.14 19.95 -2.29
CA LYS B 565 -17.30 20.34 -3.43
C LYS B 565 -15.91 19.69 -3.36
N VAL B 566 -15.37 19.51 -2.16
CA VAL B 566 -14.11 18.80 -1.95
C VAL B 566 -14.25 17.34 -2.35
N ASP B 567 -15.28 16.71 -1.80
CA ASP B 567 -15.62 15.32 -2.11
C ASP B 567 -15.71 15.06 -3.62
N GLN B 568 -16.34 15.97 -4.37
CA GLN B 568 -16.41 15.87 -5.82
C GLN B 568 -15.05 16.07 -6.50
N SER B 569 -14.30 17.07 -6.05
CA SER B 569 -12.98 17.41 -6.61
C SER B 569 -11.96 16.28 -6.44
N LEU B 570 -11.92 15.68 -5.25
CA LEU B 570 -11.00 14.58 -4.95
C LEU B 570 -11.30 13.32 -5.75
N HIS B 571 -12.54 13.18 -6.22
CA HIS B 571 -12.95 12.04 -7.03
C HIS B 571 -13.23 12.38 -8.50
N THR B 572 -12.73 13.53 -8.96
CA THR B 572 -12.81 13.90 -10.39
C THR B 572 -11.43 14.36 -10.87
N ASN B 573 -10.92 15.44 -10.28
CA ASN B 573 -9.60 15.95 -10.60
C ASN B 573 -8.54 14.97 -10.14
N THR B 574 -7.53 14.74 -10.98
CA THR B 574 -6.44 13.83 -10.67
C THR B 574 -5.25 14.60 -10.09
N SER B 575 -4.51 13.94 -9.21
CA SER B 575 -3.24 14.45 -8.67
C SER B 575 -3.35 15.82 -7.99
N LEU B 576 -4.43 16.03 -7.23
CA LEU B 576 -4.60 17.24 -6.42
C LEU B 576 -4.40 16.90 -4.95
N ASP B 577 -3.66 17.75 -4.25
CA ASP B 577 -3.44 17.58 -2.81
C ASP B 577 -4.75 17.85 -2.07
N ALA B 578 -5.10 16.95 -1.16
CA ALA B 578 -6.41 16.99 -0.51
C ALA B 578 -6.57 18.22 0.39
N ALA B 579 -5.56 18.49 1.21
CA ALA B 579 -5.59 19.63 2.13
C ALA B 579 -5.60 20.96 1.41
N SER B 580 -4.86 21.05 0.30
CA SER B 580 -4.89 22.25 -0.56
C SER B 580 -6.27 22.51 -1.15
N GLU B 581 -6.94 21.43 -1.55
CA GLU B 581 -8.26 21.52 -2.17
C GLU B 581 -9.34 21.92 -1.15
N TYR B 582 -9.22 21.41 0.07
CA TYR B 582 -10.08 21.84 1.18
C TYR B 582 -9.89 23.32 1.49
N ALA B 583 -8.63 23.76 1.51
CA ALA B 583 -8.30 25.18 1.76
C ALA B 583 -8.82 26.10 0.66
N LYS B 584 -8.82 25.62 -0.58
CA LYS B 584 -9.30 26.39 -1.73
C LYS B 584 -10.78 26.73 -1.57
N TYR B 585 -11.61 25.71 -1.39
CA TYR B 585 -13.05 25.90 -1.24
C TYR B 585 -13.43 26.63 0.05
N CYS B 586 -12.70 26.38 1.13
CA CYS B 586 -12.90 27.10 2.40
C CYS B 586 -12.90 28.62 2.23
N SER B 587 -11.85 29.16 1.59
CA SER B 587 -11.74 30.60 1.37
C SER B 587 -12.66 31.10 0.26
N GLU B 588 -12.80 30.33 -0.82
CA GLU B 588 -13.66 30.71 -1.95
C GLU B 588 -15.15 30.65 -1.65
N ILE B 589 -15.59 29.72 -0.80
CA ILE B 589 -17.02 29.51 -0.54
C ILE B 589 -17.43 29.90 0.88
N LEU B 590 -16.72 29.38 1.90
CA LEU B 590 -17.10 29.67 3.29
C LEU B 590 -16.62 31.05 3.76
N GLY B 591 -15.52 31.53 3.19
CA GLY B 591 -14.93 32.82 3.59
C GLY B 591 -14.18 32.78 4.92
N VAL B 592 -13.84 31.57 5.36
CA VAL B 592 -13.09 31.34 6.59
C VAL B 592 -11.99 30.36 6.21
N ALA B 593 -10.73 30.78 6.35
CA ALA B 593 -9.60 30.02 5.82
C ALA B 593 -9.31 28.78 6.64
N ALA B 594 -8.96 27.69 5.95
CA ALA B 594 -8.38 26.52 6.61
C ALA B 594 -7.02 26.91 7.18
N THR B 595 -6.72 26.44 8.39
CA THR B 595 -5.55 26.91 9.10
C THR B 595 -4.33 26.10 8.61
N PRO B 596 -3.22 26.75 8.24
CA PRO B 596 -2.08 26.01 7.69
C PRO B 596 -1.55 24.90 8.59
N GLY B 597 -1.19 23.77 8.00
CA GLY B 597 -0.73 22.60 8.75
C GLY B 597 -1.81 21.61 9.19
N THR B 598 -3.08 21.92 8.88
CA THR B 598 -4.19 20.99 9.15
C THR B 598 -4.52 20.20 7.89
N ASN B 599 -5.13 19.03 8.11
CA ASN B 599 -5.63 18.19 7.03
C ASN B 599 -6.99 17.61 7.44
N MET B 600 -8.05 18.36 7.12
CA MET B 600 -9.42 17.96 7.42
C MET B 600 -9.88 16.74 6.61
N PRO B 601 -9.55 16.67 5.30
CA PRO B 601 -9.83 15.45 4.53
C PRO B 601 -9.34 14.16 5.17
N ALA B 602 -8.16 14.20 5.80
CA ALA B 602 -7.63 13.03 6.54
C ALA B 602 -8.45 12.63 7.77
N THR B 603 -9.29 13.55 8.27
CA THR B 603 -10.28 13.24 9.32
C THR B 603 -11.70 12.95 8.78
N PHE B 604 -11.89 13.02 7.47
CA PHE B 604 -13.21 13.03 6.84
C PHE B 604 -13.68 11.60 6.54
N GLY B 605 -14.19 10.93 7.57
CA GLY B 605 -14.59 9.52 7.51
C GLY B 605 -15.59 9.10 6.44
N HIS B 606 -16.43 10.04 6.01
CA HIS B 606 -17.36 9.82 4.90
C HIS B 606 -16.67 9.36 3.60
N LEU B 607 -15.43 9.81 3.39
CA LEU B 607 -14.63 9.39 2.22
C LEU B 607 -14.31 7.90 2.21
N ALA B 608 -14.26 7.27 3.39
CA ALA B 608 -14.03 5.83 3.52
C ALA B 608 -15.22 5.07 4.14
N GLY B 609 -16.38 5.74 4.27
CA GLY B 609 -17.58 5.13 4.84
C GLY B 609 -18.77 5.04 3.88
N GLY B 610 -18.49 4.79 2.61
CA GLY B 610 -19.53 4.65 1.60
C GLY B 610 -20.22 5.94 1.14
N TYR B 611 -19.63 7.10 1.43
CA TYR B 611 -20.12 8.38 0.90
C TYR B 611 -19.08 9.02 -0.05
N ASP B 612 -18.13 8.21 -0.53
CA ASP B 612 -17.14 8.67 -1.51
C ASP B 612 -17.80 9.18 -2.79
N GLY B 613 -17.55 10.44 -3.12
CA GLY B 613 -18.22 11.12 -4.24
C GLY B 613 -19.74 11.31 -4.08
N GLN B 614 -20.24 11.18 -2.85
CA GLN B 614 -21.68 11.18 -2.55
C GLN B 614 -22.06 12.02 -1.33
N TYR B 615 -21.17 12.87 -0.83
CA TYR B 615 -21.44 13.66 0.39
C TYR B 615 -22.49 14.75 0.13
N TYR B 616 -22.58 15.23 -1.10
CA TYR B 616 -23.66 16.12 -1.54
C TYR B 616 -25.07 15.57 -1.25
N GLY B 617 -25.18 14.25 -1.13
CA GLY B 617 -26.41 13.57 -0.77
C GLY B 617 -27.24 14.13 0.36
N TYR B 618 -26.60 14.69 1.38
CA TYR B 618 -27.32 15.27 2.52
C TYR B 618 -28.17 16.45 2.09
N LEU B 619 -27.53 17.43 1.48
CA LEU B 619 -28.23 18.61 0.95
C LEU B 619 -29.20 18.23 -0.17
N TRP B 620 -28.80 17.28 -1.01
CA TRP B 620 -29.69 16.70 -2.04
C TRP B 620 -30.94 16.03 -1.43
N SER B 621 -30.75 15.32 -0.33
CA SER B 621 -31.87 14.73 0.43
C SER B 621 -32.75 15.78 1.09
N GLU B 622 -32.13 16.82 1.66
CA GLU B 622 -32.87 17.85 2.38
C GLU B 622 -33.88 18.57 1.49
N VAL B 623 -33.54 18.73 0.21
CA VAL B 623 -34.49 19.25 -0.80
C VAL B 623 -35.78 18.42 -0.81
N PHE B 624 -35.62 17.10 -0.84
CA PHE B 624 -36.77 16.18 -0.86
C PHE B 624 -37.49 16.10 0.49
N SER B 625 -36.75 16.10 1.60
CA SER B 625 -37.38 16.02 2.93
C SER B 625 -38.16 17.30 3.27
N MET B 626 -37.64 18.46 2.86
CA MET B 626 -38.36 19.73 3.04
C MET B 626 -39.58 19.82 2.13
N ASP B 627 -39.43 19.35 0.89
CA ASP B 627 -40.54 19.31 -0.07
C ASP B 627 -41.70 18.43 0.40
N MET B 628 -41.38 17.33 1.09
CA MET B 628 -42.41 16.45 1.65
C MET B 628 -43.00 16.97 2.97
N PHE B 629 -42.18 17.61 3.80
CA PHE B 629 -42.64 18.15 5.08
C PHE B 629 -43.59 19.33 4.89
N TYR B 630 -43.14 20.34 4.13
CA TYR B 630 -43.95 21.55 3.89
C TYR B 630 -45.22 21.28 3.08
N SER B 631 -45.14 20.42 2.08
CA SER B 631 -46.29 20.14 1.20
C SER B 631 -47.35 19.28 1.88
N CYS B 632 -46.96 18.13 2.42
CA CYS B 632 -47.91 17.15 2.93
C CYS B 632 -48.14 17.22 4.45
N PHE B 633 -47.06 17.18 5.22
CA PHE B 633 -47.17 17.14 6.69
C PHE B 633 -47.66 18.47 7.27
N LYS B 634 -47.03 19.57 6.85
CA LYS B 634 -47.35 20.90 7.37
C LYS B 634 -48.75 21.36 6.96
N LYS B 635 -49.17 21.02 5.74
CA LYS B 635 -50.52 21.34 5.25
C LYS B 635 -51.63 20.60 6.02
N GLU B 636 -51.40 19.33 6.33
CA GLU B 636 -52.40 18.47 7.00
C GLU B 636 -52.10 18.11 8.46
N GLY B 637 -51.27 18.90 9.14
CA GLY B 637 -50.92 18.65 10.55
C GLY B 637 -49.84 17.57 10.69
N ILE B 638 -48.78 17.88 11.43
CA ILE B 638 -47.59 17.02 11.48
C ILE B 638 -47.72 15.73 12.30
N MET B 639 -48.75 15.62 13.12
CA MET B 639 -49.03 14.39 13.87
C MET B 639 -50.23 13.59 13.30
N ASN B 640 -50.57 13.88 12.04
CA ASN B 640 -51.68 13.22 11.37
C ASN B 640 -51.28 11.76 11.06
N PRO B 641 -51.97 10.78 11.66
CA PRO B 641 -51.61 9.37 11.41
C PRO B 641 -51.76 8.91 9.96
N GLU B 642 -52.67 9.53 9.21
CA GLU B 642 -52.87 9.21 7.79
C GLU B 642 -51.68 9.64 6.95
N VAL B 643 -51.10 10.79 7.28
CA VAL B 643 -49.94 11.33 6.54
C VAL B 643 -48.69 10.52 6.89
N GLY B 644 -48.50 10.24 8.18
CA GLY B 644 -47.40 9.40 8.65
C GLY B 644 -47.43 7.97 8.11
N MET B 645 -48.64 7.41 7.97
CA MET B 645 -48.82 6.07 7.40
C MET B 645 -48.57 6.05 5.88
N LYS B 646 -48.96 7.13 5.19
CA LYS B 646 -48.65 7.33 3.77
C LYS B 646 -47.12 7.38 3.55
N TYR B 647 -46.43 8.15 4.39
CA TYR B 647 -44.96 8.25 4.40
C TYR B 647 -44.29 6.92 4.69
N ARG B 648 -44.82 6.20 5.68
CA ARG B 648 -44.32 4.87 6.01
C ARG B 648 -44.41 3.91 4.83
N ASN B 649 -45.59 3.78 4.24
CA ASN B 649 -45.81 2.82 3.14
C ASN B 649 -45.10 3.18 1.83
N LEU B 650 -45.00 4.48 1.53
CA LEU B 650 -44.44 4.94 0.25
C LEU B 650 -42.95 5.30 0.27
N ILE B 651 -42.38 5.50 1.46
CA ILE B 651 -40.95 5.83 1.60
C ILE B 651 -40.16 4.80 2.40
N LEU B 652 -40.67 4.42 3.56
CA LEU B 652 -39.95 3.48 4.42
C LEU B 652 -40.11 2.04 3.94
N LYS B 653 -41.35 1.59 3.81
CA LYS B 653 -41.71 0.20 3.49
C LYS B 653 -40.99 -0.43 2.27
N PRO B 654 -40.92 0.27 1.12
CA PRO B 654 -40.32 -0.36 -0.05
C PRO B 654 -38.81 -0.61 0.03
N GLY B 655 -38.11 0.06 0.95
CA GLY B 655 -36.66 -0.09 1.08
C GLY B 655 -35.99 0.39 -0.19
N GLY B 656 -35.07 -0.42 -0.72
CA GLY B 656 -34.46 -0.19 -2.02
C GLY B 656 -35.09 -0.97 -3.16
N SER B 657 -36.30 -1.50 -2.95
CA SER B 657 -37.01 -2.24 -3.99
C SER B 657 -37.57 -1.34 -5.08
N LEU B 658 -37.62 -0.02 -4.82
CA LEU B 658 -37.99 0.97 -5.82
C LEU B 658 -36.94 2.08 -5.86
N ASP B 659 -36.77 2.68 -7.04
CA ASP B 659 -35.93 3.88 -7.22
C ASP B 659 -36.43 5.02 -6.33
N GLY B 660 -35.50 5.88 -5.92
CA GLY B 660 -35.81 6.97 -4.99
C GLY B 660 -36.79 7.98 -5.55
N MET B 661 -36.60 8.39 -6.80
CA MET B 661 -37.47 9.36 -7.46
C MET B 661 -38.88 8.84 -7.70
N ASP B 662 -39.01 7.54 -7.96
CA ASP B 662 -40.33 6.90 -8.08
C ASP B 662 -41.09 6.88 -6.75
N MET B 663 -40.39 6.65 -5.63
CA MET B 663 -41.00 6.74 -4.30
C MET B 663 -41.45 8.16 -3.96
N LEU B 664 -40.67 9.16 -4.38
CA LEU B 664 -41.04 10.57 -4.19
C LEU B 664 -42.26 10.94 -5.00
N HIS B 665 -42.28 10.51 -6.26
CA HIS B 665 -43.43 10.76 -7.13
C HIS B 665 -44.68 10.09 -6.57
N ASN B 666 -44.54 8.87 -6.03
CA ASN B 666 -45.68 8.18 -5.39
C ASN B 666 -46.25 8.96 -4.20
N PHE B 667 -45.40 9.61 -3.41
CA PHE B 667 -45.82 10.35 -2.22
C PHE B 667 -46.36 11.74 -2.56
N LEU B 668 -45.56 12.52 -3.29
CA LEU B 668 -45.92 13.90 -3.67
C LEU B 668 -46.95 14.00 -4.79
N LYS B 669 -47.06 12.96 -5.62
CA LYS B 669 -47.91 12.96 -6.83
C LYS B 669 -47.46 14.03 -7.86
N ARG B 670 -46.14 14.26 -7.89
CA ARG B 670 -45.50 15.25 -8.75
C ARG B 670 -43.98 15.10 -8.57
N GLU B 671 -43.21 15.45 -9.59
CA GLU B 671 -41.76 15.55 -9.44
C GLU B 671 -41.44 16.68 -8.45
N PRO B 672 -40.39 16.51 -7.61
CA PRO B 672 -40.13 17.49 -6.56
C PRO B 672 -39.41 18.73 -7.07
N ASN B 673 -39.42 19.79 -6.25
CA ASN B 673 -38.75 21.06 -6.59
C ASN B 673 -38.04 21.64 -5.37
N GLN B 674 -37.33 22.74 -5.56
CA GLN B 674 -36.58 23.41 -4.49
C GLN B 674 -37.38 24.44 -3.67
N LYS B 675 -38.68 24.61 -3.94
CA LYS B 675 -39.42 25.74 -3.37
C LYS B 675 -39.53 25.68 -1.84
N ALA B 676 -39.95 24.53 -1.32
CA ALA B 676 -40.03 24.34 0.12
C ALA B 676 -38.64 24.39 0.78
N PHE B 677 -37.66 23.79 0.11
CA PHE B 677 -36.27 23.81 0.59
C PHE B 677 -35.71 25.22 0.76
N LEU B 678 -35.91 26.05 -0.25
CA LEU B 678 -35.46 27.44 -0.23
C LEU B 678 -36.18 28.28 0.82
N MET B 679 -37.50 28.09 0.96
CA MET B 679 -38.27 28.78 2.01
C MET B 679 -37.73 28.52 3.41
N SER B 680 -37.33 27.28 3.68
CA SER B 680 -36.76 26.90 4.99
C SER B 680 -35.36 27.48 5.27
N ARG B 681 -34.73 28.11 4.27
CA ARG B 681 -33.51 28.90 4.44
C ARG B 681 -33.75 30.42 4.49
N GLY B 682 -34.89 30.86 3.98
CA GLY B 682 -35.18 32.28 3.79
C GLY B 682 -34.72 32.70 2.41
N LEU B 683 -35.29 32.05 1.40
CA LEU B 683 -34.92 32.29 -0.01
C LEU B 683 -36.16 32.12 -0.93
N HIS B 684 -35.95 32.33 -2.23
CA HIS B 684 -37.02 32.23 -3.23
C HIS B 684 -36.48 31.84 -4.61
N ALA B 685 -37.38 31.57 -5.55
CA ALA B 685 -37.06 31.19 -6.94
C ALA B 685 -36.22 29.91 -7.03
N GLY C 4 18.79 -7.90 -12.61
CA GLY C 4 20.03 -7.36 -11.96
C GLY C 4 20.69 -8.35 -11.00
N VAL C 5 21.65 -9.10 -11.54
CA VAL C 5 22.47 -10.01 -10.74
C VAL C 5 23.61 -9.13 -10.22
N VAL C 6 23.46 -8.65 -8.97
CA VAL C 6 24.21 -7.46 -8.50
C VAL C 6 25.68 -7.80 -8.28
N GLY D 4 -22.85 1.31 8.11
CA GLY D 4 -22.94 2.54 8.96
C GLY D 4 -23.52 3.73 8.21
N VAL D 5 -24.84 3.86 8.23
CA VAL D 5 -25.53 4.95 7.55
C VAL D 5 -25.43 6.18 8.44
N VAL D 6 -24.54 7.10 8.08
CA VAL D 6 -24.07 8.14 8.99
C VAL D 6 -25.16 9.20 9.14
ZN ZN E . 27.65 -9.98 -8.74
CL CL F . -12.18 -16.90 -1.79
ZN ZN G . -27.82 10.28 8.43
CL CL H . -4.11 -11.91 -15.91
#